data_5SJU
#
_entry.id   5SJU
#
_cell.length_a   135.633
_cell.length_b   135.633
_cell.length_c   235.654
_cell.angle_alpha   90.000
_cell.angle_beta   90.000
_cell.angle_gamma   120.000
#
_symmetry.space_group_name_H-M   'H 3'
#
loop_
_entity.id
_entity.type
_entity.pdbx_description
1 polymer "cAMP and cAMP-inhibited cGMP 3',5'-cyclic phosphodiesterase 10A"
2 non-polymer 'ZINC ION'
3 non-polymer 'MAGNESIUM ION'
4 non-polymer 6-cyclopropyl-N-{4-[(piperidin-1-yl)methyl]-1,3-thiazol-2-yl}-3-[(pyrimidin-5-yl)amino]pyrazine-2-carboxamide
5 water water
#
_entity_poly.entity_id   1
_entity_poly.type   'polypeptide(L)'
_entity_poly.pdbx_seq_one_letter_code
;GSSICTSEEWQGLMQFTLPVRLCKEIELFHFDIGPFENMWPGIFVYMVHRSCGTSCFELEKL(CME)RFIMSVKKNYRRV
PYHNWKHAVTVAHCMYAILQNNHTLFTDLERKGLLIACLCHDLDHRGFSNSYLQKFDHPLAALYSTSTMEQHHFSQTVSI
LQLEGHNIFSTLSSSEYEQVLEIIRKAIIATDLALYFGNRKQLEEMYQTGSLNLNNQSHRDRVIGLMMTACDLCSVTKLW
PVTKLTANDIYAEFWAEGDEMKKLGIQPIPMMDRDKKDEVPQGQLGFYNAVAIPCYTTLTQILPPTEPLLKACRDNLSQW
EKVIRGEETATWISSPSVAQKAAASED
;
_entity_poly.pdbx_strand_id   A,B,C,D
#
loop_
_chem_comp.id
_chem_comp.type
_chem_comp.name
_chem_comp.formula
K4U non-polymer 6-cyclopropyl-N-{4-[(piperidin-1-yl)methyl]-1,3-thiazol-2-yl}-3-[(pyrimidin-5-yl)amino]pyrazine-2-carboxamide 'C21 H24 N8 O S'
MG non-polymer 'MAGNESIUM ION' 'Mg 2'
ZN non-polymer 'ZINC ION' 'Zn 2'
#
# COMPACT_ATOMS: atom_id res chain seq x y z
N GLY A 12 41.92 15.71 -15.62
CA GLY A 12 42.49 16.05 -16.96
C GLY A 12 42.77 14.78 -17.77
N LEU A 13 43.36 13.78 -17.12
CA LEU A 13 43.64 12.43 -17.69
C LEU A 13 42.47 11.46 -17.41
N MET A 14 41.27 11.98 -17.06
CA MET A 14 40.13 11.23 -16.49
C MET A 14 39.05 11.05 -17.57
N GLN A 15 39.19 9.98 -18.34
CA GLN A 15 38.24 9.54 -19.38
C GLN A 15 37.04 8.86 -18.74
N PHE A 16 35.88 9.02 -19.36
CA PHE A 16 34.71 8.15 -19.11
C PHE A 16 34.89 6.94 -20.01
N THR A 17 34.63 5.74 -19.51
CA THR A 17 34.63 4.48 -20.31
C THR A 17 33.35 3.73 -19.99
N LEU A 18 32.78 3.11 -21.00
CA LEU A 18 31.51 2.39 -20.86
C LEU A 18 31.82 0.92 -20.94
N PRO A 19 30.90 0.04 -20.48
CA PRO A 19 31.01 -1.37 -20.74
C PRO A 19 31.07 -1.63 -22.23
N VAL A 20 31.68 -2.76 -22.57
CA VAL A 20 32.00 -3.12 -23.97
C VAL A 20 30.74 -3.02 -24.83
N ARG A 21 29.61 -3.60 -24.44
CA ARG A 21 28.43 -3.58 -25.32
C ARG A 21 28.07 -2.12 -25.63
N LEU A 22 28.15 -1.23 -24.63
CA LEU A 22 27.72 0.19 -24.81
C LEU A 22 28.81 0.94 -25.60
N CYS A 23 30.07 0.71 -25.24
CA CYS A 23 31.20 1.35 -25.94
C CYS A 23 31.05 1.13 -27.45
N LYS A 24 30.63 -0.06 -27.88
CA LYS A 24 30.45 -0.37 -29.32
C LYS A 24 29.11 0.14 -29.88
N GLU A 25 28.01 -0.09 -29.19
CA GLU A 25 26.66 0.21 -29.76
C GLU A 25 26.42 1.72 -29.69
N ILE A 26 27.05 2.48 -28.78
CA ILE A 26 26.78 3.95 -28.69
C ILE A 26 27.18 4.63 -30.01
N GLU A 27 28.03 4.01 -30.83
CA GLU A 27 28.52 4.61 -32.09
C GLU A 27 27.43 4.48 -33.16
N LEU A 28 26.48 3.61 -32.95
CA LEU A 28 25.47 3.28 -33.98
C LEU A 28 24.28 4.21 -33.80
N PHE A 29 23.60 4.54 -34.89
CA PHE A 29 22.49 5.50 -34.86
C PHE A 29 21.36 4.93 -33.99
N HIS A 30 21.16 3.62 -33.97
CA HIS A 30 19.91 3.02 -33.39
C HIS A 30 20.13 2.67 -31.91
N PHE A 31 21.25 3.03 -31.31
CA PHE A 31 21.53 2.87 -29.87
C PHE A 31 20.34 3.36 -29.03
N ASP A 32 19.92 2.56 -28.05
CA ASP A 32 18.95 2.92 -27.00
C ASP A 32 19.76 3.12 -25.72
N ILE A 33 19.58 4.23 -25.00
CA ILE A 33 20.44 4.55 -23.84
C ILE A 33 20.09 3.67 -22.62
N GLY A 34 19.05 2.83 -22.69
CA GLY A 34 18.71 1.89 -21.61
C GLY A 34 17.94 2.50 -20.43
N PRO A 35 17.53 1.63 -19.49
CA PRO A 35 16.63 2.02 -18.41
C PRO A 35 17.31 2.47 -17.13
N PHE A 36 18.65 2.53 -17.10
CA PHE A 36 19.42 2.92 -15.91
C PHE A 36 19.71 4.43 -15.98
N GLU A 37 18.81 5.24 -15.40
CA GLU A 37 18.88 6.73 -15.44
C GLU A 37 20.26 7.20 -14.97
N ASN A 38 20.80 6.60 -13.91
CA ASN A 38 22.09 7.01 -13.26
C ASN A 38 23.26 6.84 -14.25
N MET A 39 23.09 6.09 -15.33
CA MET A 39 24.18 5.99 -16.35
C MET A 39 24.08 7.09 -17.42
N TRP A 40 22.93 7.78 -17.57
CA TRP A 40 22.73 8.76 -18.69
C TRP A 40 23.71 9.95 -18.59
N PRO A 41 24.01 10.53 -17.40
CA PRO A 41 25.00 11.61 -17.35
C PRO A 41 26.36 11.18 -17.89
N GLY A 42 26.84 10.00 -17.49
CA GLY A 42 28.15 9.51 -17.93
C GLY A 42 28.14 9.22 -19.44
N ILE A 43 27.04 8.69 -19.93
CA ILE A 43 26.88 8.49 -21.40
C ILE A 43 27.00 9.84 -22.13
N PHE A 44 26.37 10.89 -21.64
CA PHE A 44 26.50 12.24 -22.26
C PHE A 44 27.95 12.72 -22.22
N VAL A 45 28.61 12.61 -21.07
CA VAL A 45 29.98 13.14 -20.92
C VAL A 45 30.93 12.36 -21.85
N TYR A 46 30.76 11.04 -21.93
CA TYR A 46 31.46 10.16 -22.90
C TYR A 46 31.28 10.73 -24.30
N MET A 47 30.06 11.09 -24.66
CA MET A 47 29.80 11.60 -26.05
C MET A 47 30.47 12.98 -26.26
N VAL A 48 30.42 13.87 -25.28
CA VAL A 48 31.06 15.20 -25.38
C VAL A 48 32.58 14.98 -25.53
N HIS A 49 33.17 14.13 -24.69
CA HIS A 49 34.64 13.88 -24.70
C HIS A 49 35.08 13.39 -26.08
N ARG A 50 34.31 12.50 -26.72
CA ARG A 50 34.73 11.86 -28.00
C ARG A 50 34.36 12.73 -29.21
N SER A 51 33.30 13.54 -29.10
CA SER A 51 32.72 14.40 -30.18
C SER A 51 33.45 15.74 -30.27
N CYS A 52 33.88 16.21 -29.11
CA CYS A 52 34.27 17.61 -28.87
C CYS A 52 35.73 17.64 -28.46
N GLY A 53 36.12 16.84 -27.46
CA GLY A 53 37.46 16.79 -26.83
C GLY A 53 37.31 16.71 -25.33
N THR A 54 38.32 16.26 -24.59
CA THR A 54 38.32 16.28 -23.08
C THR A 54 38.58 17.69 -22.53
N SER A 55 39.05 18.61 -23.37
CA SER A 55 39.35 20.02 -23.05
C SER A 55 38.16 20.96 -23.34
N CYS A 56 37.14 20.51 -24.09
CA CYS A 56 35.97 21.37 -24.44
C CYS A 56 35.43 22.03 -23.17
N PHE A 57 35.26 21.27 -22.11
CA PHE A 57 34.54 21.80 -20.92
C PHE A 57 35.32 21.39 -19.68
N GLU A 58 35.28 22.21 -18.64
CA GLU A 58 35.72 21.82 -17.28
C GLU A 58 34.74 20.75 -16.75
N LEU A 59 35.25 19.57 -16.41
CA LEU A 59 34.45 18.40 -15.97
C LEU A 59 33.52 18.78 -14.82
N GLU A 60 34.03 19.46 -13.81
CA GLU A 60 33.25 19.84 -12.61
C GLU A 60 32.05 20.73 -13.02
N LYS A 61 32.29 21.73 -13.88
CA LYS A 61 31.24 22.65 -14.38
C LYS A 61 30.26 21.87 -15.26
N LEU A 62 30.74 21.00 -16.14
CA LEU A 62 29.87 20.19 -17.05
C LEU A 62 28.91 19.30 -16.24
N CME A 63 29.45 18.58 -15.26
CA CME A 63 28.69 17.71 -14.32
CB CME A 63 29.64 16.91 -13.44
SG CME A 63 30.47 15.57 -14.35
SD CME A 63 28.88 14.33 -14.76
CE CME A 63 29.00 12.96 -13.58
CZ CME A 63 28.83 11.68 -14.35
OH CME A 63 28.33 10.64 -13.55
C CME A 63 27.62 18.54 -13.61
O CME A 63 26.43 18.08 -13.56
N ARG A 64 27.98 19.70 -13.08
CA ARG A 64 27.00 20.58 -12.39
C ARG A 64 25.94 21.04 -13.41
N PHE A 65 26.35 21.42 -14.60
CA PHE A 65 25.42 21.86 -15.66
C PHE A 65 24.41 20.73 -15.97
N ILE A 66 24.94 19.54 -16.26
CA ILE A 66 24.15 18.33 -16.62
C ILE A 66 23.11 18.05 -15.51
N MET A 67 23.54 18.10 -14.26
CA MET A 67 22.63 17.74 -13.15
C MET A 67 21.55 18.82 -12.96
N SER A 68 21.83 20.11 -13.19
CA SER A 68 20.77 21.15 -13.14
C SER A 68 19.81 21.03 -14.34
N VAL A 69 20.33 20.65 -15.51
CA VAL A 69 19.48 20.38 -16.69
C VAL A 69 18.52 19.25 -16.34
N LYS A 70 19.04 18.13 -15.86
CA LYS A 70 18.20 16.97 -15.47
C LYS A 70 17.08 17.42 -14.51
N LYS A 71 17.42 18.17 -13.48
CA LYS A 71 16.46 18.63 -12.46
C LYS A 71 15.34 19.45 -13.09
N ASN A 72 15.56 20.13 -14.24
CA ASN A 72 14.58 21.05 -14.84
C ASN A 72 13.75 20.38 -15.94
N TYR A 73 13.96 19.08 -16.21
CA TYR A 73 13.06 18.19 -16.99
C TYR A 73 12.06 17.59 -16.03
N ARG A 74 10.80 17.53 -16.42
CA ARG A 74 9.70 17.06 -15.57
C ARG A 74 9.47 15.58 -15.81
N ARG A 75 8.71 14.97 -14.92
CA ARG A 75 8.44 13.51 -14.94
C ARG A 75 7.22 13.27 -15.81
N VAL A 76 7.31 13.55 -17.08
CA VAL A 76 6.20 13.34 -18.03
C VAL A 76 6.58 12.10 -18.84
N PRO A 77 5.61 11.50 -19.57
CA PRO A 77 5.85 10.18 -20.19
C PRO A 77 6.86 10.16 -21.35
N TYR A 78 6.94 11.25 -22.11
CA TYR A 78 7.78 11.32 -23.33
C TYR A 78 8.74 12.51 -23.27
N HIS A 79 8.31 13.76 -23.06
CA HIS A 79 9.21 14.95 -23.07
C HIS A 79 10.00 15.13 -21.76
N ASN A 80 10.86 14.16 -21.48
CA ASN A 80 11.58 13.96 -20.20
C ASN A 80 13.08 13.87 -20.45
N TRP A 81 13.81 13.68 -19.37
CA TRP A 81 15.28 13.63 -19.34
C TRP A 81 15.78 12.54 -20.30
N LYS A 82 15.11 11.39 -20.36
CA LYS A 82 15.52 10.29 -21.28
C LYS A 82 15.46 10.79 -22.74
N HIS A 83 14.43 11.56 -23.10
CA HIS A 83 14.31 12.14 -24.47
C HIS A 83 15.50 13.08 -24.74
N ALA A 84 15.80 13.98 -23.80
CA ALA A 84 16.95 14.92 -23.91
C ALA A 84 18.22 14.15 -24.29
N VAL A 85 18.49 13.06 -23.57
CA VAL A 85 19.77 12.35 -23.73
C VAL A 85 19.73 11.57 -25.05
N THR A 86 18.57 11.07 -25.40
CA THR A 86 18.36 10.29 -26.64
C THR A 86 18.62 11.19 -27.83
N VAL A 87 18.09 12.41 -27.76
CA VAL A 87 18.23 13.39 -28.87
C VAL A 87 19.72 13.80 -29.00
N ALA A 88 20.42 13.98 -27.88
CA ALA A 88 21.85 14.29 -27.85
C ALA A 88 22.65 13.13 -28.45
N HIS A 89 22.26 11.89 -28.17
CA HIS A 89 23.00 10.75 -28.78
C HIS A 89 22.87 10.78 -30.31
N CYS A 90 21.67 10.99 -30.84
CA CYS A 90 21.50 11.02 -32.32
C CYS A 90 22.41 12.11 -32.93
N MET A 91 22.55 13.25 -32.25
CA MET A 91 23.44 14.35 -32.69
C MET A 91 24.90 13.88 -32.64
N TYR A 92 25.28 13.17 -31.58
CA TYR A 92 26.62 12.58 -31.42
C TYR A 92 26.92 11.71 -32.64
N ALA A 93 26.00 10.82 -32.99
CA ALA A 93 26.18 9.84 -34.09
C ALA A 93 26.29 10.61 -35.41
N ILE A 94 25.49 11.66 -35.63
CA ILE A 94 25.58 12.47 -36.87
C ILE A 94 26.97 13.13 -36.93
N LEU A 95 27.39 13.76 -35.84
CA LEU A 95 28.68 14.48 -35.78
C LEU A 95 29.85 13.51 -35.95
N GLN A 96 29.77 12.33 -35.37
CA GLN A 96 30.90 11.37 -35.43
C GLN A 96 31.00 10.82 -36.86
N ASN A 97 29.88 10.72 -37.57
CA ASN A 97 29.86 10.22 -38.96
C ASN A 97 30.20 11.35 -39.97
N ASN A 98 30.36 12.61 -39.55
CA ASN A 98 30.60 13.75 -40.46
C ASN A 98 31.71 14.61 -39.85
N HIS A 99 32.80 13.94 -39.47
CA HIS A 99 33.92 14.44 -38.61
C HIS A 99 34.28 15.88 -39.02
N THR A 100 34.54 16.06 -40.29
CA THR A 100 35.26 17.25 -40.81
C THR A 100 34.30 18.38 -41.24
N LEU A 101 32.97 18.18 -41.25
CA LEU A 101 32.02 19.19 -41.77
C LEU A 101 31.74 20.28 -40.73
N PHE A 102 31.97 20.09 -39.45
CA PHE A 102 31.43 21.01 -38.42
C PHE A 102 32.55 21.73 -37.69
N THR A 103 32.30 22.98 -37.31
CA THR A 103 33.28 23.82 -36.56
C THR A 103 33.38 23.30 -35.13
N ASP A 104 34.43 23.72 -34.44
CA ASP A 104 34.68 23.47 -33.00
C ASP A 104 33.49 24.03 -32.19
N LEU A 105 33.07 25.28 -32.47
CA LEU A 105 31.95 25.92 -31.75
C LEU A 105 30.65 25.12 -32.01
N GLU A 106 30.49 24.60 -33.22
CA GLU A 106 29.26 23.83 -33.57
C GLU A 106 29.23 22.52 -32.76
N ARG A 107 30.33 21.80 -32.67
CA ARG A 107 30.39 20.55 -31.89
C ARG A 107 29.98 20.81 -30.44
N LYS A 108 30.61 21.78 -29.78
CA LYS A 108 30.27 22.25 -28.40
C LYS A 108 28.77 22.58 -28.30
N GLY A 109 28.28 23.45 -29.17
CA GLY A 109 26.92 24.02 -29.05
C GLY A 109 25.84 22.98 -29.23
N LEU A 110 25.97 22.11 -30.21
CA LEU A 110 24.87 21.24 -30.71
C LEU A 110 24.54 20.11 -29.73
N LEU A 111 25.50 19.53 -29.03
CA LEU A 111 25.22 18.49 -28.01
C LEU A 111 24.52 19.13 -26.82
N ILE A 112 24.97 20.33 -26.45
CA ILE A 112 24.33 21.12 -25.37
C ILE A 112 22.93 21.50 -25.84
N ALA A 113 22.78 22.00 -27.06
CA ALA A 113 21.45 22.36 -27.58
C ALA A 113 20.49 21.17 -27.44
N CYS A 114 20.91 19.98 -27.84
CA CYS A 114 20.06 18.79 -27.82
C CYS A 114 19.70 18.42 -26.38
N LEU A 115 20.67 18.46 -25.44
CA LEU A 115 20.40 18.13 -24.02
C LEU A 115 19.35 19.10 -23.47
N CYS A 116 19.40 20.36 -23.90
CA CYS A 116 18.54 21.42 -23.32
C CYS A 116 17.25 21.67 -24.12
N HIS A 117 17.01 20.97 -25.24
CA HIS A 117 16.04 21.47 -26.24
C HIS A 117 14.60 21.38 -25.75
N ASP A 118 14.30 20.60 -24.71
CA ASP A 118 12.89 20.48 -24.20
C ASP A 118 12.83 20.82 -22.70
N LEU A 119 13.77 21.58 -22.19
CA LEU A 119 13.86 21.99 -20.76
C LEU A 119 12.49 22.44 -20.25
N ASP A 120 11.98 21.81 -19.19
CA ASP A 120 10.77 22.29 -18.47
C ASP A 120 9.55 22.12 -19.35
N HIS A 121 9.56 21.13 -20.22
CA HIS A 121 8.38 20.73 -21.01
C HIS A 121 7.31 20.14 -20.08
N ARG A 122 6.05 20.50 -20.30
CA ARG A 122 4.93 20.11 -19.42
C ARG A 122 4.14 18.99 -20.09
N GLY A 123 4.50 18.52 -21.27
CA GLY A 123 3.77 17.45 -21.97
C GLY A 123 2.65 18.02 -22.83
N PHE A 124 2.62 19.33 -23.08
CA PHE A 124 1.53 19.96 -23.85
C PHE A 124 2.12 20.70 -25.06
N SER A 125 1.41 20.69 -26.18
CA SER A 125 1.85 21.36 -27.44
C SER A 125 1.72 22.88 -27.32
N ASN A 126 2.34 23.58 -28.26
CA ASN A 126 2.19 25.03 -28.40
C ASN A 126 0.69 25.36 -28.56
N SER A 127 -0.04 24.60 -29.39
CA SER A 127 -1.49 24.79 -29.63
C SER A 127 -2.24 24.83 -28.31
N TYR A 128 -2.00 23.82 -27.46
CA TYR A 128 -2.74 23.69 -26.17
C TYR A 128 -2.47 24.95 -25.32
N LEU A 129 -1.22 25.42 -25.21
CA LEU A 129 -0.85 26.58 -24.38
C LEU A 129 -1.66 27.79 -24.86
N GLN A 130 -1.78 27.97 -26.19
CA GLN A 130 -2.49 29.12 -26.82
C GLN A 130 -3.99 28.99 -26.52
N LYS A 131 -4.58 27.81 -26.64
CA LYS A 131 -6.02 27.63 -26.35
C LYS A 131 -6.29 27.79 -24.86
N PHE A 132 -5.35 27.38 -24.01
CA PHE A 132 -5.51 27.52 -22.55
C PHE A 132 -5.39 28.99 -22.19
N ASP A 133 -4.74 29.79 -23.04
CA ASP A 133 -4.32 31.17 -22.74
C ASP A 133 -3.24 31.12 -21.64
N HIS A 134 -2.25 30.22 -21.75
CA HIS A 134 -1.13 30.16 -20.78
C HIS A 134 -0.32 31.46 -20.87
N PRO A 135 0.23 31.99 -19.75
CA PRO A 135 1.11 33.15 -19.81
C PRO A 135 2.29 33.07 -20.81
N LEU A 136 2.93 31.89 -20.96
CA LEU A 136 4.01 31.69 -21.98
C LEU A 136 3.50 32.04 -23.39
N ALA A 137 2.22 31.83 -23.71
CA ALA A 137 1.64 32.13 -25.05
C ALA A 137 1.55 33.64 -25.25
N ALA A 138 1.40 34.44 -24.19
CA ALA A 138 1.48 35.92 -24.27
C ALA A 138 2.94 36.37 -24.35
N LEU A 139 3.86 35.76 -23.62
CA LEU A 139 5.28 36.16 -23.68
C LEU A 139 5.90 35.78 -25.06
N TYR A 140 5.53 34.64 -25.65
CA TYR A 140 6.13 34.11 -26.90
C TYR A 140 5.02 33.69 -27.85
N SER A 141 4.75 34.47 -28.89
CA SER A 141 3.54 34.28 -29.73
C SER A 141 3.75 33.12 -30.70
N THR A 142 4.96 32.87 -31.17
CA THR A 142 5.25 31.65 -31.96
C THR A 142 6.39 30.88 -31.32
N SER A 143 6.46 29.61 -31.65
CA SER A 143 7.48 28.69 -31.12
C SER A 143 7.52 28.81 -29.59
N THR A 144 6.33 28.79 -28.97
CA THR A 144 6.11 29.19 -27.57
C THR A 144 7.02 28.33 -26.66
N MET A 145 6.87 27.02 -26.68
CA MET A 145 7.67 26.19 -25.74
C MET A 145 9.14 26.34 -26.10
N GLU A 146 9.47 26.47 -27.38
CA GLU A 146 10.90 26.44 -27.82
C GLU A 146 11.58 27.72 -27.32
N GLN A 147 10.91 28.86 -27.33
CA GLN A 147 11.54 30.09 -26.75
C GLN A 147 11.72 29.86 -25.24
N HIS A 148 10.77 29.23 -24.59
CA HIS A 148 10.88 28.90 -23.13
C HIS A 148 12.07 27.98 -22.91
N HIS A 149 12.24 26.96 -23.74
CA HIS A 149 13.38 26.01 -23.56
C HIS A 149 14.71 26.76 -23.67
N PHE A 150 14.83 27.69 -24.61
CA PHE A 150 16.07 28.46 -24.77
C PHE A 150 16.30 29.35 -23.53
N SER A 151 15.24 29.96 -23.04
CA SER A 151 15.25 30.86 -21.87
C SER A 151 15.72 30.07 -20.63
N GLN A 152 15.23 28.83 -20.45
CA GLN A 152 15.66 27.96 -19.34
C GLN A 152 17.13 27.57 -19.52
N THR A 153 17.60 27.41 -20.75
CA THR A 153 19.01 27.07 -21.02
C THR A 153 19.92 28.21 -20.54
N VAL A 154 19.63 29.42 -20.98
CA VAL A 154 20.38 30.64 -20.56
C VAL A 154 20.31 30.78 -19.02
N SER A 155 19.17 30.58 -18.38
CA SER A 155 19.05 30.61 -16.89
C SER A 155 20.05 29.68 -16.18
N ILE A 156 20.13 28.44 -16.61
CA ILE A 156 21.02 27.40 -16.02
C ILE A 156 22.46 27.83 -16.32
N LEU A 157 22.75 28.28 -17.53
CA LEU A 157 24.14 28.70 -17.89
C LEU A 157 24.62 29.83 -16.97
N GLN A 158 23.70 30.60 -16.39
CA GLN A 158 24.05 31.77 -15.55
C GLN A 158 24.06 31.43 -14.07
N LEU A 159 23.72 30.23 -13.68
CA LEU A 159 23.82 29.77 -12.27
C LEU A 159 25.31 29.79 -11.91
N GLU A 160 25.67 30.15 -10.68
CA GLU A 160 27.08 30.12 -10.22
C GLU A 160 27.70 28.74 -10.48
N GLY A 161 28.89 28.67 -11.06
CA GLY A 161 29.59 27.40 -11.32
C GLY A 161 29.05 26.59 -12.51
N HIS A 162 28.06 27.11 -13.27
CA HIS A 162 27.41 26.36 -14.37
C HIS A 162 27.86 26.91 -15.71
N ASN A 163 28.77 27.87 -15.75
CA ASN A 163 29.13 28.46 -17.07
C ASN A 163 30.21 27.63 -17.75
N ILE A 164 29.75 26.67 -18.52
CA ILE A 164 30.58 25.67 -19.23
C ILE A 164 31.29 26.34 -20.40
N PHE A 165 30.89 27.55 -20.77
CA PHE A 165 31.50 28.27 -21.92
C PHE A 165 32.50 29.34 -21.43
N SER A 166 32.77 29.42 -20.11
CA SER A 166 33.51 30.55 -19.45
C SER A 166 34.86 30.84 -20.14
N THR A 167 35.56 29.83 -20.69
CA THR A 167 36.85 30.01 -21.41
C THR A 167 36.69 30.53 -22.86
N LEU A 168 35.48 30.81 -23.36
CA LEU A 168 35.32 31.31 -24.76
C LEU A 168 35.47 32.81 -24.72
N SER A 169 35.97 33.42 -25.79
CA SER A 169 35.96 34.89 -25.95
C SER A 169 34.52 35.39 -25.97
N SER A 170 34.34 36.66 -25.76
CA SER A 170 33.00 37.28 -25.77
C SER A 170 32.26 36.97 -27.08
N SER A 171 32.96 36.95 -28.21
CA SER A 171 32.31 36.78 -29.54
C SER A 171 32.09 35.29 -29.84
N GLU A 172 32.96 34.41 -29.39
CA GLU A 172 32.72 32.96 -29.49
C GLU A 172 31.50 32.58 -28.62
N TYR A 173 31.38 33.18 -27.44
CA TYR A 173 30.26 32.94 -26.49
C TYR A 173 28.96 33.38 -27.19
N GLU A 174 28.93 34.58 -27.79
CA GLU A 174 27.71 35.04 -28.50
C GLU A 174 27.37 34.07 -29.66
N GLN A 175 28.39 33.62 -30.37
CA GLN A 175 28.19 32.73 -31.52
C GLN A 175 27.59 31.40 -31.05
N VAL A 176 28.15 30.82 -30.00
CA VAL A 176 27.72 29.47 -29.53
C VAL A 176 26.29 29.59 -29.01
N LEU A 177 25.93 30.67 -28.32
CA LEU A 177 24.56 30.83 -27.76
C LEU A 177 23.60 31.04 -28.90
N GLU A 178 24.08 31.65 -29.99
CA GLU A 178 23.26 31.85 -31.20
C GLU A 178 23.07 30.51 -31.95
N ILE A 179 24.08 29.63 -31.99
CA ILE A 179 23.91 28.26 -32.51
C ILE A 179 22.84 27.54 -31.67
N ILE A 180 22.87 27.69 -30.35
CA ILE A 180 21.95 26.93 -29.44
C ILE A 180 20.54 27.47 -29.64
N ARG A 181 20.39 28.79 -29.72
CA ARG A 181 19.06 29.42 -29.86
C ARG A 181 18.41 28.92 -31.17
N LYS A 182 19.10 29.03 -32.29
CA LYS A 182 18.49 28.59 -33.58
C LYS A 182 18.21 27.09 -33.57
N ALA A 183 19.13 26.27 -33.01
CA ALA A 183 19.00 24.80 -32.96
C ALA A 183 17.75 24.45 -32.15
N ILE A 184 17.56 25.14 -31.03
CA ILE A 184 16.39 24.86 -30.16
C ILE A 184 15.12 25.35 -30.85
N ILE A 185 15.11 26.57 -31.40
CA ILE A 185 13.91 27.09 -32.11
C ILE A 185 13.55 26.10 -33.24
N ALA A 186 14.55 25.50 -33.91
CA ALA A 186 14.29 24.66 -35.10
C ALA A 186 13.48 23.42 -34.69
N THR A 187 13.47 23.03 -33.42
CA THR A 187 12.75 21.80 -32.96
C THR A 187 11.26 22.08 -32.95
N ASP A 188 10.82 23.29 -33.27
CA ASP A 188 9.37 23.55 -33.45
C ASP A 188 8.99 22.97 -34.80
N LEU A 189 8.33 21.83 -34.80
CA LEU A 189 8.02 21.13 -36.08
C LEU A 189 7.20 22.03 -37.03
N ALA A 190 6.49 23.06 -36.55
CA ALA A 190 5.79 24.01 -37.44
C ALA A 190 6.81 24.61 -38.42
N LEU A 191 8.06 24.83 -38.00
CA LEU A 191 9.09 25.50 -38.85
C LEU A 191 9.81 24.47 -39.74
N TYR A 192 9.69 23.20 -39.42
CA TYR A 192 10.45 22.13 -40.12
C TYR A 192 9.99 22.06 -41.60
N PHE A 193 8.69 22.07 -41.87
CA PHE A 193 8.10 21.84 -43.24
C PHE A 193 8.71 22.82 -44.24
N GLY A 194 8.73 24.11 -43.93
CA GLY A 194 9.28 25.10 -44.84
C GLY A 194 10.77 25.00 -44.91
N ASN A 195 11.43 24.70 -43.78
CA ASN A 195 12.89 24.53 -43.78
C ASN A 195 13.27 23.38 -44.73
N ARG A 196 12.62 22.24 -44.63
CA ARG A 196 12.97 21.08 -45.48
C ARG A 196 12.68 21.40 -46.96
N LYS A 197 11.55 22.05 -47.27
CA LYS A 197 11.22 22.45 -48.67
C LYS A 197 12.35 23.28 -49.24
N GLN A 198 12.84 24.27 -48.51
CA GLN A 198 13.91 25.15 -49.03
C GLN A 198 15.19 24.35 -49.21
N LEU A 199 15.48 23.43 -48.29
CA LEU A 199 16.73 22.63 -48.38
C LEU A 199 16.62 21.70 -49.60
N GLU A 200 15.42 21.20 -49.88
CA GLU A 200 15.12 20.33 -51.04
C GLU A 200 15.47 21.16 -52.30
N GLU A 201 14.88 22.33 -52.49
CA GLU A 201 15.11 23.17 -53.71
C GLU A 201 16.59 23.45 -53.81
N MET A 202 17.23 23.92 -52.71
CA MET A 202 18.66 24.31 -52.71
C MET A 202 19.50 23.13 -53.19
N TYR A 203 19.25 21.93 -52.69
CA TYR A 203 20.09 20.74 -53.01
C TYR A 203 19.94 20.36 -54.48
N GLN A 204 18.72 20.42 -55.03
CA GLN A 204 18.36 19.96 -56.40
C GLN A 204 18.80 20.95 -57.48
N THR A 205 18.64 22.25 -57.25
CA THR A 205 19.17 23.32 -58.12
C THR A 205 20.66 23.54 -57.86
N GLY A 206 21.26 22.86 -56.89
CA GLY A 206 22.73 22.87 -56.69
C GLY A 206 23.26 24.16 -56.09
N SER A 207 22.38 25.02 -55.57
CA SER A 207 22.73 26.27 -54.86
C SER A 207 23.10 26.02 -53.36
N LEU A 208 23.04 24.79 -52.83
CA LEU A 208 23.34 24.57 -51.39
C LEU A 208 24.82 24.84 -51.15
N ASN A 209 25.14 25.72 -50.21
CA ASN A 209 26.54 26.11 -49.96
C ASN A 209 26.86 26.13 -48.45
N LEU A 210 27.61 25.15 -47.96
CA LEU A 210 27.93 25.03 -46.49
C LEU A 210 28.87 26.16 -46.03
N ASN A 211 29.42 27.01 -46.90
CA ASN A 211 30.14 28.24 -46.46
C ASN A 211 29.14 29.40 -46.24
N ASN A 212 27.95 29.31 -46.78
CA ASN A 212 26.91 30.34 -46.57
C ASN A 212 26.29 30.11 -45.19
N GLN A 213 26.50 31.02 -44.26
CA GLN A 213 25.99 30.87 -42.87
C GLN A 213 24.49 30.55 -42.85
N SER A 214 23.64 31.21 -43.63
CA SER A 214 22.18 30.99 -43.62
C SER A 214 21.87 29.57 -44.13
N HIS A 215 22.75 29.01 -44.94
CA HIS A 215 22.65 27.61 -45.43
C HIS A 215 23.02 26.66 -44.29
N ARG A 216 24.12 26.90 -43.58
CA ARG A 216 24.56 26.07 -42.43
C ARG A 216 23.43 26.02 -41.41
N ASP A 217 22.83 27.17 -41.14
CA ASP A 217 21.69 27.30 -40.18
C ASP A 217 20.56 26.37 -40.57
N ARG A 218 20.19 26.36 -41.85
CA ARG A 218 19.09 25.51 -42.35
C ARG A 218 19.48 24.04 -42.15
N VAL A 219 20.72 23.69 -42.48
CA VAL A 219 21.19 22.28 -42.37
C VAL A 219 21.18 21.86 -40.88
N ILE A 220 21.66 22.72 -39.98
CA ILE A 220 21.63 22.42 -38.53
C ILE A 220 20.18 22.30 -38.06
N GLY A 221 19.27 23.13 -38.56
CA GLY A 221 17.84 22.98 -38.23
C GLY A 221 17.31 21.60 -38.59
N LEU A 222 17.61 21.13 -39.78
CA LEU A 222 17.13 19.80 -40.24
C LEU A 222 17.76 18.69 -39.43
N MET A 223 19.04 18.83 -39.08
CA MET A 223 19.73 17.91 -38.12
C MET A 223 18.94 17.88 -36.79
N MET A 224 18.49 19.05 -36.28
CA MET A 224 17.75 19.14 -35.00
C MET A 224 16.41 18.42 -35.14
N THR A 225 15.71 18.55 -36.28
CA THR A 225 14.45 17.82 -36.50
C THR A 225 14.77 16.31 -36.51
N ALA A 226 15.81 15.90 -37.23
CA ALA A 226 16.21 14.48 -37.37
C ALA A 226 16.51 13.89 -35.98
N CYS A 227 17.33 14.58 -35.16
CA CYS A 227 17.67 14.08 -33.80
C CYS A 227 16.39 14.06 -32.96
N ASP A 228 15.57 15.11 -33.04
CA ASP A 228 14.34 15.23 -32.22
C ASP A 228 13.38 14.07 -32.48
N LEU A 229 13.28 13.62 -33.72
CA LEU A 229 12.31 12.57 -34.11
C LEU A 229 12.94 11.15 -34.00
N CYS A 230 14.20 11.03 -33.56
CA CYS A 230 15.03 9.81 -33.77
C CYS A 230 14.37 8.60 -33.10
N SER A 231 13.32 8.74 -32.29
CA SER A 231 12.67 7.52 -31.74
C SER A 231 12.05 6.68 -32.87
N VAL A 232 11.81 7.27 -34.05
CA VAL A 232 11.23 6.54 -35.22
C VAL A 232 12.36 5.87 -36.00
N THR A 233 13.61 5.97 -35.54
CA THR A 233 14.80 5.39 -36.22
C THR A 233 15.44 4.28 -35.38
N LYS A 234 14.74 3.83 -34.34
CA LYS A 234 15.25 2.75 -33.46
C LYS A 234 14.78 1.39 -34.02
N LEU A 235 15.29 0.32 -33.45
CA LEU A 235 14.76 -1.03 -33.74
C LEU A 235 13.29 -1.05 -33.34
N TRP A 236 12.50 -1.86 -34.03
CA TRP A 236 11.02 -1.80 -33.93
C TRP A 236 10.55 -1.88 -32.48
N PRO A 237 11.06 -2.80 -31.63
CA PRO A 237 10.53 -2.93 -30.27
C PRO A 237 10.72 -1.64 -29.44
N VAL A 238 11.81 -0.91 -29.72
CA VAL A 238 12.07 0.42 -29.07
C VAL A 238 11.05 1.44 -29.59
N THR A 239 10.94 1.57 -30.91
CA THR A 239 10.04 2.53 -31.55
C THR A 239 8.58 2.32 -31.09
N LYS A 240 8.13 1.09 -31.09
CA LYS A 240 6.74 0.74 -30.75
C LYS A 240 6.47 1.14 -29.29
N LEU A 241 7.42 0.92 -28.37
CA LEU A 241 7.19 1.15 -26.92
C LEU A 241 7.33 2.65 -26.67
N THR A 242 8.17 3.34 -27.41
CA THR A 242 8.27 4.81 -27.31
C THR A 242 7.01 5.47 -27.88
N ALA A 243 6.41 4.91 -28.93
CA ALA A 243 5.14 5.44 -29.51
C ALA A 243 4.09 5.52 -28.40
N ASN A 244 4.05 4.49 -27.56
CA ASN A 244 3.14 4.40 -26.40
C ASN A 244 3.31 5.62 -25.47
N ASP A 245 4.56 6.00 -25.20
CA ASP A 245 4.83 7.15 -24.30
C ASP A 245 4.35 8.44 -24.94
N ILE A 246 4.64 8.64 -26.22
CA ILE A 246 4.24 9.94 -26.81
C ILE A 246 2.70 9.98 -26.89
N TYR A 247 2.02 8.87 -27.11
CA TYR A 247 0.53 8.88 -27.15
C TYR A 247 -0.05 9.12 -25.74
N ALA A 248 0.65 8.76 -24.67
CA ALA A 248 0.21 9.00 -23.29
C ALA A 248 0.11 10.51 -23.11
N GLU A 249 1.08 11.27 -23.64
CA GLU A 249 1.01 12.75 -23.65
C GLU A 249 -0.12 13.23 -24.55
N PHE A 250 -0.17 12.74 -25.78
CA PHE A 250 -1.17 13.21 -26.77
C PHE A 250 -2.57 13.07 -26.14
N TRP A 251 -2.84 11.93 -25.52
CA TRP A 251 -4.20 11.62 -24.99
C TRP A 251 -4.53 12.51 -23.76
N ALA A 252 -3.56 12.78 -22.89
CA ALA A 252 -3.76 13.69 -21.75
C ALA A 252 -4.07 15.08 -22.31
N GLU A 253 -3.39 15.52 -23.37
CA GLU A 253 -3.65 16.87 -23.95
C GLU A 253 -5.07 16.87 -24.51
N GLY A 254 -5.46 15.78 -25.15
CA GLY A 254 -6.82 15.68 -25.69
C GLY A 254 -7.84 15.82 -24.59
N ASP A 255 -7.59 15.13 -23.47
CA ASP A 255 -8.46 15.22 -22.27
C ASP A 255 -8.56 16.70 -21.90
N GLU A 256 -7.42 17.42 -21.88
CA GLU A 256 -7.38 18.84 -21.46
C GLU A 256 -8.11 19.74 -22.47
N MET A 257 -8.08 19.38 -23.76
CA MET A 257 -8.90 20.05 -24.80
C MET A 257 -10.38 19.81 -24.47
N LYS A 258 -10.81 18.57 -24.19
CA LYS A 258 -12.22 18.29 -23.85
C LYS A 258 -12.60 19.15 -22.63
N LYS A 259 -11.73 19.33 -21.65
CA LYS A 259 -12.05 20.20 -20.48
C LYS A 259 -12.20 21.67 -20.87
N LEU A 260 -11.58 22.12 -21.96
CA LEU A 260 -11.79 23.51 -22.45
C LEU A 260 -12.98 23.56 -23.42
N GLY A 261 -13.68 22.45 -23.66
CA GLY A 261 -14.88 22.40 -24.53
C GLY A 261 -14.50 22.40 -25.99
N ILE A 262 -13.38 21.76 -26.33
CA ILE A 262 -12.79 21.64 -27.69
C ILE A 262 -12.58 20.15 -28.03
N GLN A 263 -13.17 19.67 -29.14
CA GLN A 263 -12.92 18.29 -29.62
C GLN A 263 -11.47 18.26 -30.07
N PRO A 264 -10.62 17.40 -29.50
CA PRO A 264 -9.21 17.39 -29.90
C PRO A 264 -9.09 16.79 -31.30
N ILE A 265 -7.99 17.02 -32.00
CA ILE A 265 -7.71 16.23 -33.24
C ILE A 265 -7.69 14.75 -32.84
N PRO A 266 -7.89 13.79 -33.79
CA PRO A 266 -7.94 12.37 -33.44
C PRO A 266 -6.67 11.80 -32.79
N MET A 267 -5.51 12.24 -33.27
CA MET A 267 -4.17 11.91 -32.72
C MET A 267 -4.20 12.03 -31.18
N MET A 268 -4.93 13.02 -30.66
CA MET A 268 -4.95 13.32 -29.20
C MET A 268 -6.20 12.71 -28.53
N ASP A 269 -7.05 11.98 -29.26
CA ASP A 269 -8.36 11.52 -28.69
C ASP A 269 -8.23 10.06 -28.26
N ARG A 270 -8.21 9.77 -26.98
CA ARG A 270 -7.96 8.39 -26.50
C ARG A 270 -9.14 7.48 -26.84
N ASP A 271 -10.29 8.02 -27.19
CA ASP A 271 -11.44 7.19 -27.64
C ASP A 271 -11.20 6.73 -29.09
N LYS A 272 -10.13 7.18 -29.75
CA LYS A 272 -9.84 6.86 -31.16
C LYS A 272 -8.46 6.16 -31.26
N LYS A 273 -8.16 5.23 -30.34
CA LYS A 273 -6.91 4.42 -30.33
C LYS A 273 -6.78 3.61 -31.63
N ASP A 274 -7.90 3.11 -32.17
CA ASP A 274 -7.99 2.37 -33.45
C ASP A 274 -7.34 3.18 -34.61
N GLU A 275 -7.28 4.51 -34.54
CA GLU A 275 -6.76 5.32 -35.68
C GLU A 275 -5.22 5.51 -35.62
N VAL A 276 -4.54 4.92 -34.63
CA VAL A 276 -3.10 5.19 -34.36
C VAL A 276 -2.25 4.66 -35.53
N PRO A 277 -2.43 3.39 -35.96
CA PRO A 277 -1.62 2.84 -37.03
C PRO A 277 -1.68 3.72 -38.28
N GLN A 278 -2.89 4.13 -38.70
CA GLN A 278 -3.01 5.03 -39.88
C GLN A 278 -2.38 6.40 -39.59
N GLY A 279 -2.54 6.95 -38.38
CA GLY A 279 -1.88 8.22 -38.00
C GLY A 279 -0.35 8.10 -38.03
N GLN A 280 0.21 6.96 -37.63
CA GLN A 280 1.68 6.72 -37.74
C GLN A 280 2.10 6.70 -39.23
N LEU A 281 1.35 6.02 -40.10
CA LEU A 281 1.62 6.08 -41.57
C LEU A 281 1.74 7.55 -42.07
N GLY A 282 0.74 8.40 -41.76
CA GLY A 282 0.79 9.83 -42.16
C GLY A 282 2.01 10.54 -41.65
N PHE A 283 2.36 10.27 -40.37
CA PHE A 283 3.55 10.87 -39.72
C PHE A 283 4.84 10.43 -40.44
N TYR A 284 5.00 9.14 -40.74
CA TYR A 284 6.22 8.68 -41.43
C TYR A 284 6.27 9.33 -42.84
N ASN A 285 5.16 9.23 -43.58
CA ASN A 285 5.10 9.70 -45.01
C ASN A 285 5.21 11.23 -45.08
N ALA A 286 4.56 11.98 -44.17
CA ALA A 286 4.53 13.48 -44.25
C ALA A 286 5.68 14.15 -43.54
N VAL A 287 6.23 13.51 -42.49
CA VAL A 287 7.28 14.18 -41.66
C VAL A 287 8.56 13.39 -41.69
N ALA A 288 8.57 12.20 -41.11
CA ALA A 288 9.84 11.53 -40.78
C ALA A 288 10.61 11.12 -42.07
N ILE A 289 9.99 10.39 -42.99
CA ILE A 289 10.74 9.85 -44.19
C ILE A 289 11.34 11.01 -45.01
N PRO A 290 10.55 12.04 -45.35
CA PRO A 290 11.08 13.24 -46.02
C PRO A 290 12.22 13.93 -45.26
N CYS A 291 12.16 13.95 -43.92
CA CYS A 291 13.20 14.57 -43.05
C CYS A 291 14.53 13.82 -43.26
N TYR A 292 14.51 12.52 -43.03
CA TYR A 292 15.73 11.68 -43.17
C TYR A 292 16.19 11.57 -44.63
N THR A 293 15.25 11.64 -45.58
CA THR A 293 15.58 11.61 -47.04
C THR A 293 16.44 12.85 -47.36
N THR A 294 16.00 14.06 -47.00
CA THR A 294 16.76 15.29 -47.30
C THR A 294 18.04 15.32 -46.48
N LEU A 295 18.01 14.83 -45.24
CA LEU A 295 19.25 14.79 -44.41
C LEU A 295 20.27 13.92 -45.15
N THR A 296 19.81 12.80 -45.69
CA THR A 296 20.71 11.81 -46.32
C THR A 296 21.32 12.39 -47.61
N GLN A 297 20.56 13.20 -48.34
CA GLN A 297 21.08 13.88 -49.55
C GLN A 297 22.18 14.85 -49.13
N ILE A 298 22.02 15.57 -48.02
CA ILE A 298 23.03 16.59 -47.66
C ILE A 298 24.21 15.93 -46.96
N LEU A 299 23.93 14.92 -46.14
CA LEU A 299 24.93 14.26 -45.28
C LEU A 299 24.77 12.76 -45.52
N PRO A 300 25.44 12.25 -46.58
CA PRO A 300 25.28 10.87 -46.97
C PRO A 300 25.52 9.89 -45.83
N PRO A 301 26.53 10.04 -44.95
CA PRO A 301 26.69 9.04 -43.89
C PRO A 301 25.51 8.88 -42.89
N THR A 302 24.45 9.70 -42.97
CA THR A 302 23.27 9.60 -42.07
C THR A 302 22.21 8.67 -42.65
N GLU A 303 22.54 7.98 -43.75
CA GLU A 303 21.59 7.05 -44.43
C GLU A 303 21.01 6.00 -43.47
N PRO A 304 21.78 5.47 -42.50
CA PRO A 304 21.19 4.47 -41.60
C PRO A 304 19.90 4.95 -40.88
N LEU A 305 19.80 6.24 -40.56
CA LEU A 305 18.55 6.82 -39.99
C LEU A 305 17.38 6.65 -40.93
N LEU A 306 17.56 6.95 -42.22
CA LEU A 306 16.51 6.74 -43.26
C LEU A 306 16.13 5.25 -43.38
N LYS A 307 17.13 4.38 -43.47
CA LYS A 307 16.89 2.93 -43.60
C LYS A 307 16.04 2.46 -42.39
N ALA A 308 16.37 2.91 -41.17
CA ALA A 308 15.69 2.44 -39.92
C ALA A 308 14.25 3.00 -39.88
N CYS A 309 14.09 4.23 -40.32
CA CYS A 309 12.77 4.86 -40.44
C CYS A 309 11.88 4.08 -41.43
N ARG A 310 12.42 3.75 -42.60
CA ARG A 310 11.67 2.95 -43.62
CA ARG A 310 11.70 2.94 -43.63
C ARG A 310 11.32 1.58 -43.00
N ASP A 311 12.24 0.97 -42.26
CA ASP A 311 11.95 -0.34 -41.61
C ASP A 311 10.72 -0.19 -40.70
N ASN A 312 10.67 0.88 -39.88
CA ASN A 312 9.53 1.10 -38.96
C ASN A 312 8.23 1.45 -39.73
N LEU A 313 8.26 2.21 -40.82
CA LEU A 313 7.01 2.45 -41.60
C LEU A 313 6.46 1.07 -42.00
N SER A 314 7.34 0.17 -42.44
CA SER A 314 6.92 -1.17 -42.91
C SER A 314 6.30 -1.99 -41.77
N GLN A 315 6.85 -1.93 -40.55
CA GLN A 315 6.18 -2.55 -39.36
C GLN A 315 4.79 -1.95 -39.14
N TRP A 316 4.61 -0.62 -39.21
CA TRP A 316 3.26 -0.02 -39.04
C TRP A 316 2.32 -0.52 -40.15
N GLU A 317 2.81 -0.63 -41.37
CA GLU A 317 1.96 -1.20 -42.46
C GLU A 317 1.54 -2.63 -42.10
N LYS A 318 2.45 -3.45 -41.56
CA LYS A 318 2.11 -4.79 -41.05
C LYS A 318 1.07 -4.69 -39.95
N VAL A 319 1.17 -3.73 -39.03
CA VAL A 319 0.15 -3.64 -37.95
C VAL A 319 -1.23 -3.51 -38.63
N ILE A 320 -1.37 -2.62 -39.62
CA ILE A 320 -2.69 -2.40 -40.29
C ILE A 320 -3.19 -3.70 -40.94
N ARG A 321 -2.33 -4.45 -41.65
CA ARG A 321 -2.71 -5.73 -42.29
C ARG A 321 -2.91 -6.84 -41.23
N GLY A 322 -3.02 -6.48 -39.95
CA GLY A 322 -3.18 -7.43 -38.83
C GLY A 322 -2.14 -8.53 -38.78
N GLU A 323 -1.00 -8.43 -39.50
CA GLU A 323 0.09 -9.45 -39.47
C GLU A 323 0.92 -9.27 -38.18
N GLU A 324 0.62 -8.21 -37.41
CA GLU A 324 1.10 -8.05 -36.02
C GLU A 324 0.34 -6.92 -35.32
N THR A 325 0.53 -6.83 -34.01
CA THR A 325 -0.31 -6.03 -33.07
C THR A 325 0.57 -4.97 -32.38
N ALA A 326 -0.04 -4.25 -31.44
CA ALA A 326 0.61 -3.31 -30.50
C ALA A 326 0.56 -3.85 -29.05
N THR A 327 -0.61 -4.36 -28.63
CA THR A 327 -1.17 -4.47 -27.24
C THR A 327 -1.69 -3.07 -26.82
N TRP A 328 -0.81 -2.08 -26.63
CA TRP A 328 -1.17 -0.71 -26.11
C TRP A 328 -2.22 0.00 -27.00
N ILE A 329 -2.39 -0.44 -28.26
CA ILE A 329 -3.54 -0.06 -29.12
C ILE A 329 -4.67 -1.09 -28.90
N GLN B 11 15.80 7.16 29.17
CA GLN B 11 14.92 6.95 27.98
C GLN B 11 15.25 5.59 27.32
N GLY B 12 15.17 4.48 28.07
CA GLY B 12 15.56 3.11 27.63
C GLY B 12 14.48 2.05 27.90
N LEU B 13 13.51 2.35 28.77
CA LEU B 13 12.28 1.53 29.02
C LEU B 13 11.11 2.07 28.16
N MET B 14 11.42 2.39 26.89
CA MET B 14 10.45 2.63 25.79
C MET B 14 10.26 1.33 25.04
N GLN B 15 9.05 0.81 25.07
CA GLN B 15 8.70 -0.30 24.16
C GLN B 15 7.77 0.27 23.09
N PHE B 16 7.92 -0.18 21.86
CA PHE B 16 6.97 0.13 20.78
C PHE B 16 5.69 -0.68 21.00
N THR B 17 4.57 -0.02 20.82
CA THR B 17 3.21 -0.59 20.88
C THR B 17 2.60 -0.44 19.48
N LEU B 18 1.70 -1.32 19.17
CA LEU B 18 0.97 -1.29 17.89
C LEU B 18 -0.48 -1.18 18.28
N PRO B 19 -1.33 -0.68 17.38
CA PRO B 19 -2.76 -0.82 17.57
C PRO B 19 -3.18 -2.29 17.71
N VAL B 20 -4.27 -2.52 18.42
CA VAL B 20 -4.78 -3.88 18.76
C VAL B 20 -4.85 -4.77 17.51
N ARG B 21 -5.44 -4.36 16.39
CA ARG B 21 -5.58 -5.28 15.23
C ARG B 21 -4.20 -5.74 14.76
N LEU B 22 -3.19 -4.87 14.74
CA LEU B 22 -1.84 -5.17 14.21
C LEU B 22 -1.14 -6.03 15.26
N CYS B 23 -1.26 -5.62 16.50
CA CYS B 23 -0.61 -6.29 17.63
C CYS B 23 -0.93 -7.79 17.56
N LYS B 24 -2.20 -8.14 17.35
CA LYS B 24 -2.64 -9.55 17.36
C LYS B 24 -2.26 -10.24 16.05
N GLU B 25 -2.38 -9.55 14.93
CA GLU B 25 -2.22 -10.14 13.58
C GLU B 25 -0.74 -10.31 13.22
N ILE B 26 0.15 -9.49 13.76
CA ILE B 26 1.59 -9.48 13.36
C ILE B 26 2.22 -10.82 13.75
N GLU B 27 1.60 -11.55 14.67
CA GLU B 27 2.17 -12.82 15.15
C GLU B 27 1.79 -13.92 14.17
N LEU B 28 0.84 -13.67 13.26
CA LEU B 28 0.49 -14.65 12.20
C LEU B 28 1.44 -14.49 10.99
N PHE B 29 1.78 -15.61 10.37
CA PHE B 29 2.61 -15.66 9.16
C PHE B 29 1.97 -14.89 8.00
N HIS B 30 0.63 -14.87 7.87
CA HIS B 30 -0.04 -14.24 6.71
C HIS B 30 -0.37 -12.75 6.95
N PHE B 31 0.18 -12.14 7.99
CA PHE B 31 0.06 -10.69 8.27
C PHE B 31 0.46 -9.88 7.03
N ASP B 32 -0.31 -8.85 6.70
CA ASP B 32 0.00 -7.86 5.64
C ASP B 32 0.36 -6.57 6.36
N ILE B 33 1.48 -5.91 6.03
CA ILE B 33 1.93 -4.71 6.82
C ILE B 33 1.13 -3.43 6.46
N GLY B 34 0.17 -3.48 5.54
CA GLY B 34 -0.72 -2.35 5.27
C GLY B 34 -0.11 -1.28 4.36
N PRO B 35 -0.96 -0.35 3.88
CA PRO B 35 -0.52 0.71 2.98
C PRO B 35 0.04 2.00 3.59
N PHE B 36 0.05 2.12 4.90
CA PHE B 36 0.67 3.29 5.58
C PHE B 36 2.19 3.13 5.74
N GLU B 37 2.95 3.66 4.76
CA GLU B 37 4.44 3.64 4.71
C GLU B 37 5.04 4.11 6.02
N ASN B 38 4.46 5.16 6.63
CA ASN B 38 5.03 5.82 7.85
C ASN B 38 4.92 4.89 9.06
N MET B 39 4.08 3.85 9.02
CA MET B 39 4.03 2.85 10.11
C MET B 39 5.09 1.72 9.99
N TRP B 40 5.76 1.56 8.85
CA TRP B 40 6.58 0.34 8.63
C TRP B 40 7.81 0.39 9.52
N PRO B 41 8.52 1.54 9.67
CA PRO B 41 9.68 1.58 10.55
C PRO B 41 9.32 1.13 11.97
N GLY B 42 8.19 1.61 12.47
CA GLY B 42 7.75 1.28 13.84
C GLY B 42 7.42 -0.19 13.96
N ILE B 43 6.81 -0.77 12.92
CA ILE B 43 6.52 -2.24 12.88
C ILE B 43 7.85 -3.00 12.96
N PHE B 44 8.86 -2.57 12.19
CA PHE B 44 10.16 -3.25 12.18
C PHE B 44 10.76 -3.18 13.59
N VAL B 45 10.80 -1.99 14.22
CA VAL B 45 11.44 -1.80 15.55
C VAL B 45 10.71 -2.66 16.60
N TYR B 46 9.40 -2.74 16.51
CA TYR B 46 8.59 -3.62 17.37
C TYR B 46 9.04 -5.07 17.17
N MET B 47 9.27 -5.48 15.91
CA MET B 47 9.68 -6.89 15.65
C MET B 47 11.06 -7.13 16.24
N VAL B 48 12.00 -6.19 16.07
CA VAL B 48 13.37 -6.30 16.67
C VAL B 48 13.25 -6.39 18.20
N HIS B 49 12.44 -5.55 18.83
CA HIS B 49 12.38 -5.49 20.31
C HIS B 49 11.86 -6.81 20.87
N ARG B 50 10.81 -7.41 20.30
CA ARG B 50 10.22 -8.69 20.79
C ARG B 50 11.03 -9.91 20.33
N SER B 51 11.83 -9.78 19.28
CA SER B 51 12.53 -10.93 18.66
C SER B 51 13.96 -11.03 19.16
N CYS B 52 14.63 -9.96 19.52
CA CYS B 52 15.92 -10.21 20.21
C CYS B 52 16.12 -9.31 21.41
N GLY B 53 15.24 -8.33 21.67
CA GLY B 53 15.28 -7.55 22.92
C GLY B 53 15.40 -6.05 22.71
N THR B 54 14.99 -5.27 23.73
CA THR B 54 15.05 -3.78 23.77
C THR B 54 16.50 -3.30 23.81
N SER B 55 17.43 -4.16 24.20
CA SER B 55 18.84 -3.80 24.40
C SER B 55 19.68 -4.22 23.19
N CYS B 56 19.10 -4.92 22.19
CA CYS B 56 19.86 -5.48 21.05
C CYS B 56 20.57 -4.34 20.32
N PHE B 57 19.89 -3.20 20.21
CA PHE B 57 20.35 -2.02 19.44
C PHE B 57 20.03 -0.73 20.23
N GLU B 58 20.91 0.25 20.11
CA GLU B 58 20.67 1.62 20.58
C GLU B 58 19.56 2.20 19.67
N LEU B 59 18.43 2.57 20.25
CA LEU B 59 17.23 2.99 19.50
C LEU B 59 17.58 4.11 18.51
N GLU B 60 18.40 5.07 18.90
CA GLU B 60 18.67 6.22 18.01
C GLU B 60 19.43 5.76 16.77
N LYS B 61 20.52 5.00 16.93
CA LYS B 61 21.31 4.45 15.79
C LYS B 61 20.40 3.54 14.92
N LEU B 62 19.57 2.71 15.54
CA LEU B 62 18.67 1.79 14.82
C LEU B 62 17.71 2.60 13.95
N CME B 63 17.15 3.68 14.46
CA CME B 63 16.16 4.51 13.70
CB CME B 63 15.37 5.46 14.60
SG CME B 63 14.07 4.67 15.61
SD CME B 63 12.67 4.05 14.18
CE CME B 63 11.54 5.43 13.82
CZ CME B 63 10.45 5.55 14.83
OH CME B 63 10.07 6.89 14.95
C CME B 63 16.90 5.20 12.56
O CME B 63 16.38 5.26 11.44
N ARG B 64 18.11 5.68 12.79
CA ARG B 64 18.93 6.32 11.74
C ARG B 64 19.20 5.28 10.63
N PHE B 65 19.65 4.08 11.03
CA PHE B 65 19.90 2.92 10.13
C PHE B 65 18.64 2.62 9.29
N ILE B 66 17.50 2.45 9.92
CA ILE B 66 16.25 2.11 9.21
C ILE B 66 15.94 3.17 8.14
N MET B 67 16.03 4.45 8.50
CA MET B 67 15.63 5.53 7.59
C MET B 67 16.61 5.63 6.43
N SER B 68 17.90 5.36 6.62
CA SER B 68 18.91 5.34 5.52
C SER B 68 18.67 4.12 4.57
N VAL B 69 18.33 2.97 5.13
CA VAL B 69 18.00 1.75 4.36
C VAL B 69 16.81 2.12 3.50
N LYS B 70 15.76 2.70 4.07
CA LYS B 70 14.53 3.07 3.32
C LYS B 70 14.85 3.94 2.08
N LYS B 71 15.63 4.99 2.29
CA LYS B 71 16.02 5.99 1.26
C LYS B 71 16.74 5.27 0.12
N ASN B 72 17.33 4.13 0.38
CA ASN B 72 18.19 3.42 -0.58
C ASN B 72 17.40 2.27 -1.24
N TYR B 73 16.10 2.12 -0.96
CA TYR B 73 15.16 1.33 -1.81
C TYR B 73 14.55 2.26 -2.85
N ARG B 74 14.28 1.77 -4.03
CA ARG B 74 13.72 2.58 -5.16
C ARG B 74 12.22 2.40 -5.25
N ARG B 75 11.58 3.25 -6.04
CA ARG B 75 10.11 3.28 -6.14
C ARG B 75 9.75 2.41 -7.33
N VAL B 76 9.95 1.12 -7.17
CA VAL B 76 9.65 0.09 -8.18
C VAL B 76 8.41 -0.66 -7.72
N PRO B 77 7.70 -1.34 -8.64
CA PRO B 77 6.43 -1.96 -8.30
C PRO B 77 6.49 -3.06 -7.23
N TYR B 78 7.58 -3.82 -7.14
CA TYR B 78 7.67 -4.97 -6.23
C TYR B 78 8.92 -4.93 -5.32
N HIS B 79 10.12 -4.83 -5.89
CA HIS B 79 11.39 -4.85 -5.11
C HIS B 79 11.63 -3.51 -4.40
N ASN B 80 10.70 -3.17 -3.53
CA ASN B 80 10.61 -1.84 -2.87
C ASN B 80 10.70 -2.01 -1.35
N TRP B 81 10.64 -0.88 -0.65
CA TRP B 81 10.75 -0.80 0.82
C TRP B 81 9.72 -1.71 1.48
N LYS B 82 8.51 -1.73 0.94
CA LYS B 82 7.40 -2.58 1.45
C LYS B 82 7.84 -4.04 1.47
N HIS B 83 8.44 -4.51 0.36
CA HIS B 83 8.95 -5.90 0.23
C HIS B 83 9.99 -6.12 1.33
N ALA B 84 10.91 -5.17 1.54
CA ALA B 84 11.98 -5.34 2.55
C ALA B 84 11.31 -5.65 3.89
N VAL B 85 10.25 -4.90 4.29
CA VAL B 85 9.68 -5.02 5.66
C VAL B 85 8.84 -6.31 5.73
N THR B 86 8.22 -6.67 4.59
CA THR B 86 7.36 -7.85 4.46
C THR B 86 8.24 -9.09 4.66
N VAL B 87 9.40 -9.08 4.06
CA VAL B 87 10.34 -10.22 4.18
C VAL B 87 10.87 -10.28 5.63
N ALA B 88 11.24 -9.14 6.26
CA ALA B 88 11.67 -9.10 7.67
C ALA B 88 10.53 -9.62 8.58
N HIS B 89 9.27 -9.29 8.29
CA HIS B 89 8.11 -9.77 9.09
C HIS B 89 8.01 -11.31 9.01
N CYS B 90 8.20 -11.94 7.85
CA CYS B 90 8.16 -13.43 7.78
C CYS B 90 9.29 -14.01 8.66
N MET B 91 10.47 -13.39 8.66
CA MET B 91 11.61 -13.88 9.43
C MET B 91 11.28 -13.70 10.92
N TYR B 92 10.66 -12.59 11.27
CA TYR B 92 10.14 -12.39 12.64
C TYR B 92 9.26 -13.58 13.02
N ALA B 93 8.30 -13.94 12.17
CA ALA B 93 7.31 -14.99 12.49
C ALA B 93 8.06 -16.31 12.67
N ILE B 94 9.02 -16.62 11.80
CA ILE B 94 9.81 -17.88 11.90
C ILE B 94 10.58 -17.89 13.22
N LEU B 95 11.25 -16.80 13.55
CA LEU B 95 12.12 -16.71 14.76
C LEU B 95 11.25 -16.78 16.02
N GLN B 96 10.08 -16.12 16.04
CA GLN B 96 9.20 -16.14 17.23
C GLN B 96 8.68 -17.58 17.44
N ASN B 97 8.44 -18.35 16.39
CA ASN B 97 7.91 -19.73 16.52
C ASN B 97 9.03 -20.77 16.64
N ASN B 98 10.30 -20.38 16.62
CA ASN B 98 11.44 -21.31 16.81
C ASN B 98 12.50 -20.64 17.70
N HIS B 99 12.09 -19.96 18.78
CA HIS B 99 12.99 -18.96 19.46
C HIS B 99 14.26 -19.60 20.07
N THR B 100 14.18 -20.84 20.53
CA THR B 100 15.31 -21.54 21.21
C THR B 100 16.38 -21.99 20.22
N LEU B 101 16.04 -22.20 18.94
CA LEU B 101 16.98 -22.74 17.93
C LEU B 101 18.10 -21.75 17.59
N PHE B 102 17.88 -20.43 17.65
CA PHE B 102 18.82 -19.46 17.05
C PHE B 102 19.61 -18.72 18.12
N THR B 103 20.85 -18.35 17.84
CA THR B 103 21.71 -17.60 18.77
C THR B 103 21.31 -16.13 18.75
N ASP B 104 21.85 -15.39 19.73
CA ASP B 104 21.60 -13.93 19.90
C ASP B 104 22.07 -13.18 18.66
N LEU B 105 23.27 -13.49 18.15
CA LEU B 105 23.87 -12.93 16.91
C LEU B 105 22.94 -13.23 15.72
N GLU B 106 22.45 -14.45 15.59
CA GLU B 106 21.61 -14.82 14.42
C GLU B 106 20.32 -13.99 14.47
N ARG B 107 19.69 -13.82 15.63
CA ARG B 107 18.43 -13.04 15.76
C ARG B 107 18.69 -11.57 15.32
N LYS B 108 19.81 -10.98 15.76
CA LYS B 108 20.22 -9.60 15.36
C LYS B 108 20.47 -9.53 13.85
N GLY B 109 21.29 -10.46 13.34
CA GLY B 109 21.76 -10.47 11.93
C GLY B 109 20.61 -10.66 10.94
N LEU B 110 19.67 -11.55 11.25
CA LEU B 110 18.73 -12.07 10.25
C LEU B 110 17.61 -11.04 9.99
N LEU B 111 17.13 -10.31 11.00
CA LEU B 111 16.12 -9.27 10.70
C LEU B 111 16.76 -8.14 9.89
N ILE B 112 17.98 -7.74 10.21
CA ILE B 112 18.77 -6.70 9.49
C ILE B 112 19.04 -7.23 8.06
N ALA B 113 19.41 -8.51 7.91
CA ALA B 113 19.61 -9.06 6.56
C ALA B 113 18.33 -8.91 5.74
N CYS B 114 17.18 -9.26 6.31
CA CYS B 114 15.89 -9.24 5.61
C CYS B 114 15.58 -7.80 5.19
N LEU B 115 15.81 -6.82 6.08
CA LEU B 115 15.47 -5.42 5.75
C LEU B 115 16.33 -4.95 4.58
N CYS B 116 17.58 -5.39 4.54
CA CYS B 116 18.61 -4.87 3.63
C CYS B 116 18.75 -5.74 2.36
N HIS B 117 18.01 -6.86 2.22
CA HIS B 117 18.36 -7.94 1.26
C HIS B 117 18.12 -7.52 -0.19
N ASP B 118 17.32 -6.47 -0.45
CA ASP B 118 17.09 -6.01 -1.86
C ASP B 118 17.59 -4.56 -2.07
N LEU B 119 18.47 -4.05 -1.21
CA LEU B 119 18.88 -2.62 -1.20
C LEU B 119 19.24 -2.16 -2.62
N ASP B 120 18.65 -1.05 -3.07
CA ASP B 120 19.02 -0.39 -4.34
C ASP B 120 18.65 -1.30 -5.52
N HIS B 121 17.70 -2.20 -5.35
CA HIS B 121 17.11 -2.98 -6.47
C HIS B 121 16.51 -2.02 -7.52
N ARG B 122 16.73 -2.31 -8.81
CA ARG B 122 16.23 -1.44 -9.91
C ARG B 122 15.02 -2.03 -10.61
N GLY B 123 14.55 -3.20 -10.23
CA GLY B 123 13.39 -3.86 -10.85
C GLY B 123 13.83 -4.87 -11.90
N PHE B 124 15.12 -5.17 -11.98
CA PHE B 124 15.65 -6.07 -13.05
C PHE B 124 16.45 -7.23 -12.45
N SER B 125 16.39 -8.37 -13.16
CA SER B 125 17.03 -9.64 -12.79
C SER B 125 18.53 -9.56 -13.04
N ASN B 126 19.27 -10.47 -12.43
CA ASN B 126 20.70 -10.67 -12.76
C ASN B 126 20.88 -10.92 -14.27
N SER B 127 20.03 -11.74 -14.90
CA SER B 127 20.13 -12.03 -16.36
C SER B 127 20.05 -10.72 -17.14
N TYR B 128 19.11 -9.84 -16.80
CA TYR B 128 18.97 -8.58 -17.58
C TYR B 128 20.25 -7.74 -17.46
N LEU B 129 20.76 -7.49 -16.26
CA LEU B 129 22.03 -6.74 -16.02
C LEU B 129 23.18 -7.38 -16.84
N GLN B 130 23.27 -8.70 -16.88
CA GLN B 130 24.27 -9.44 -17.70
C GLN B 130 24.09 -9.11 -19.18
N LYS B 131 22.88 -9.28 -19.71
CA LYS B 131 22.62 -9.04 -21.16
C LYS B 131 22.84 -7.56 -21.52
N PHE B 132 22.57 -6.66 -20.59
CA PHE B 132 22.68 -5.21 -20.81
C PHE B 132 24.17 -4.83 -20.78
N ASP B 133 24.96 -5.61 -20.06
CA ASP B 133 26.38 -5.30 -19.78
C ASP B 133 26.39 -4.10 -18.82
N HIS B 134 25.58 -4.12 -17.78
CA HIS B 134 25.62 -3.14 -16.67
C HIS B 134 26.96 -3.25 -15.96
N PRO B 135 27.57 -2.13 -15.53
CA PRO B 135 28.77 -2.16 -14.69
C PRO B 135 28.74 -3.20 -13.55
N LEU B 136 27.64 -3.30 -12.80
CA LEU B 136 27.50 -4.29 -11.71
C LEU B 136 27.79 -5.72 -12.23
N ALA B 137 27.48 -6.07 -13.48
CA ALA B 137 27.71 -7.43 -14.00
C ALA B 137 29.21 -7.74 -14.17
N ALA B 138 30.05 -6.73 -14.35
CA ALA B 138 31.53 -6.89 -14.46
C ALA B 138 32.11 -6.95 -13.05
N LEU B 139 31.57 -6.20 -12.13
CA LEU B 139 32.02 -6.15 -10.73
C LEU B 139 31.69 -7.49 -10.04
N TYR B 140 30.55 -8.07 -10.34
CA TYR B 140 29.97 -9.22 -9.61
C TYR B 140 29.46 -10.22 -10.63
N SER B 141 30.27 -11.22 -10.95
CA SER B 141 30.00 -12.14 -12.07
C SER B 141 28.81 -13.06 -11.76
N THR B 142 28.63 -13.52 -10.52
CA THR B 142 27.44 -14.33 -10.10
C THR B 142 26.72 -13.61 -8.96
N SER B 143 25.46 -13.95 -8.75
CA SER B 143 24.60 -13.32 -7.74
C SER B 143 24.81 -11.78 -7.82
N THR B 144 24.70 -11.19 -9.01
CA THR B 144 25.19 -9.83 -9.28
C THR B 144 24.49 -8.85 -8.33
N MET B 145 23.15 -8.85 -8.30
CA MET B 145 22.38 -7.89 -7.49
C MET B 145 22.61 -8.20 -6.01
N GLU B 146 22.67 -9.49 -5.63
CA GLU B 146 22.76 -9.84 -4.20
C GLU B 146 24.14 -9.42 -3.65
N GLN B 147 25.22 -9.48 -4.41
CA GLN B 147 26.51 -8.97 -3.93
C GLN B 147 26.40 -7.42 -3.82
N HIS B 148 25.68 -6.76 -4.74
CA HIS B 148 25.41 -5.30 -4.65
C HIS B 148 24.63 -4.98 -3.37
N HIS B 149 23.61 -5.78 -3.05
CA HIS B 149 22.78 -5.52 -1.86
C HIS B 149 23.66 -5.58 -0.61
N PHE B 150 24.52 -6.59 -0.54
CA PHE B 150 25.39 -6.74 0.67
C PHE B 150 26.33 -5.51 0.76
N SER B 151 26.88 -5.06 -0.37
CA SER B 151 27.81 -3.89 -0.43
C SER B 151 27.13 -2.58 0.03
N GLN B 152 25.90 -2.37 -0.36
CA GLN B 152 25.07 -1.27 0.11
C GLN B 152 24.82 -1.38 1.60
N THR B 153 24.67 -2.60 2.14
CA THR B 153 24.34 -2.82 3.55
C THR B 153 25.58 -2.35 4.33
N VAL B 154 26.75 -2.78 3.87
CA VAL B 154 28.02 -2.35 4.52
C VAL B 154 28.24 -0.82 4.45
N SER B 155 28.01 -0.18 3.30
CA SER B 155 28.14 1.29 3.15
C SER B 155 27.27 2.02 4.19
N ILE B 156 26.04 1.55 4.39
CA ILE B 156 25.10 2.21 5.33
C ILE B 156 25.57 2.00 6.78
N LEU B 157 26.01 0.79 7.15
CA LEU B 157 26.63 0.51 8.48
C LEU B 157 27.82 1.42 8.77
N GLN B 158 28.50 1.91 7.75
CA GLN B 158 29.72 2.74 7.90
C GLN B 158 29.40 4.23 7.91
N LEU B 159 28.15 4.61 7.66
CA LEU B 159 27.71 6.02 7.75
C LEU B 159 27.84 6.50 9.20
N GLU B 160 28.23 7.76 9.41
CA GLU B 160 28.41 8.27 10.79
C GLU B 160 27.11 8.04 11.56
N GLY B 161 27.19 7.51 12.77
CA GLY B 161 26.02 7.29 13.65
C GLY B 161 25.15 6.12 13.22
N HIS B 162 25.53 5.28 12.23
CA HIS B 162 24.66 4.16 11.73
C HIS B 162 25.19 2.78 12.15
N ASN B 163 26.30 2.69 12.88
CA ASN B 163 26.84 1.37 13.31
C ASN B 163 26.01 0.80 14.46
N ILE B 164 24.90 0.18 14.11
CA ILE B 164 23.99 -0.50 15.08
C ILE B 164 24.67 -1.66 15.82
N PHE B 165 25.81 -2.16 15.37
CA PHE B 165 26.54 -3.28 16.03
C PHE B 165 27.77 -2.75 16.79
N SER B 166 27.72 -1.50 17.26
CA SER B 166 28.89 -0.84 17.89
C SER B 166 29.29 -1.61 19.16
N THR B 167 28.34 -2.09 19.96
CA THR B 167 28.63 -2.81 21.22
C THR B 167 29.36 -4.15 20.99
N LEU B 168 29.25 -4.79 19.81
CA LEU B 168 29.81 -6.15 19.58
C LEU B 168 31.34 -6.11 19.59
N SER B 169 32.01 -7.17 20.05
CA SER B 169 33.48 -7.33 19.87
C SER B 169 33.82 -7.41 18.38
N SER B 170 35.09 -7.22 18.05
CA SER B 170 35.61 -7.30 16.67
C SER B 170 35.22 -8.65 16.02
N SER B 171 35.29 -9.73 16.81
CA SER B 171 34.95 -11.14 16.43
C SER B 171 33.46 -11.28 16.18
N GLU B 172 32.63 -10.92 17.16
CA GLU B 172 31.15 -10.98 16.99
C GLU B 172 30.76 -10.11 15.78
N TYR B 173 31.32 -8.91 15.65
CA TYR B 173 30.99 -7.99 14.54
C TYR B 173 31.25 -8.77 13.26
N GLU B 174 32.40 -9.43 13.13
CA GLU B 174 32.75 -10.13 11.87
C GLU B 174 31.79 -11.31 11.66
N GLN B 175 31.39 -11.98 12.73
CA GLN B 175 30.45 -13.10 12.64
C GLN B 175 29.10 -12.58 12.19
N VAL B 176 28.57 -11.47 12.74
CA VAL B 176 27.19 -11.06 12.35
C VAL B 176 27.26 -10.55 10.90
N LEU B 177 28.35 -9.91 10.46
CA LEU B 177 28.45 -9.48 9.04
C LEU B 177 28.51 -10.68 8.10
N GLU B 178 29.12 -11.78 8.53
CA GLU B 178 29.14 -13.04 7.74
C GLU B 178 27.77 -13.73 7.70
N ILE B 179 27.05 -13.73 8.82
CA ILE B 179 25.64 -14.19 8.81
C ILE B 179 24.88 -13.38 7.75
N ILE B 180 25.03 -12.05 7.78
CA ILE B 180 24.22 -11.14 6.91
C ILE B 180 24.65 -11.39 5.47
N ARG B 181 25.93 -11.49 5.20
CA ARG B 181 26.41 -11.71 3.83
C ARG B 181 25.81 -13.02 3.29
N LYS B 182 26.00 -14.10 4.02
CA LYS B 182 25.53 -15.41 3.52
C LYS B 182 24.00 -15.36 3.38
N ALA B 183 23.28 -14.71 4.28
CA ALA B 183 21.80 -14.67 4.22
C ALA B 183 21.38 -13.89 2.96
N ILE B 184 22.06 -12.79 2.63
CA ILE B 184 21.69 -11.94 1.46
C ILE B 184 21.99 -12.67 0.14
N ILE B 185 23.15 -13.30 0.04
CA ILE B 185 23.53 -14.14 -1.14
C ILE B 185 22.50 -15.26 -1.34
N ALA B 186 21.97 -15.87 -0.26
CA ALA B 186 21.04 -17.00 -0.34
C ALA B 186 19.75 -16.56 -1.03
N THR B 187 19.42 -15.27 -1.03
CA THR B 187 18.21 -14.79 -1.71
C THR B 187 18.34 -14.82 -3.23
N ASP B 188 19.49 -15.14 -3.76
CA ASP B 188 19.64 -15.42 -5.21
C ASP B 188 18.92 -16.74 -5.51
N LEU B 189 17.74 -16.71 -6.13
CA LEU B 189 16.98 -17.97 -6.32
C LEU B 189 17.79 -19.01 -7.09
N ALA B 190 18.78 -18.62 -7.88
CA ALA B 190 19.59 -19.58 -8.63
C ALA B 190 20.31 -20.50 -7.63
N LEU B 191 20.57 -20.05 -6.41
CA LEU B 191 21.31 -20.88 -5.42
C LEU B 191 20.32 -21.71 -4.60
N TYR B 192 19.05 -21.37 -4.63
CA TYR B 192 18.03 -22.01 -3.76
C TYR B 192 17.93 -23.52 -4.13
N PHE B 193 17.92 -23.82 -5.41
CA PHE B 193 17.55 -25.18 -5.91
C PHE B 193 18.54 -26.22 -5.35
N GLY B 194 19.83 -25.95 -5.41
CA GLY B 194 20.89 -26.81 -4.86
C GLY B 194 20.80 -26.85 -3.35
N ASN B 195 20.56 -25.71 -2.71
CA ASN B 195 20.50 -25.63 -1.24
C ASN B 195 19.32 -26.47 -0.74
N ARG B 196 18.15 -26.29 -1.32
CA ARG B 196 16.98 -27.08 -0.88
C ARG B 196 17.22 -28.59 -1.11
N LYS B 197 17.84 -28.98 -2.22
CA LYS B 197 18.11 -30.41 -2.53
C LYS B 197 19.07 -30.99 -1.48
N GLN B 198 20.14 -30.31 -1.13
CA GLN B 198 21.02 -30.82 -0.04
C GLN B 198 20.26 -30.93 1.29
N LEU B 199 19.32 -30.04 1.59
CA LEU B 199 18.65 -30.07 2.93
C LEU B 199 17.57 -31.16 2.99
N GLU B 200 16.82 -31.34 1.89
CA GLU B 200 15.84 -32.44 1.71
C GLU B 200 16.59 -33.76 1.93
N GLU B 201 17.77 -33.89 1.36
CA GLU B 201 18.53 -35.15 1.45
C GLU B 201 19.04 -35.32 2.87
N MET B 202 19.63 -34.28 3.46
CA MET B 202 20.15 -34.38 4.85
C MET B 202 18.99 -34.63 5.82
N TYR B 203 17.86 -33.95 5.68
CA TYR B 203 16.70 -34.22 6.56
C TYR B 203 16.22 -35.67 6.40
N GLN B 204 16.03 -36.18 5.18
CA GLN B 204 15.34 -37.48 5.05
C GLN B 204 16.24 -38.65 5.43
N THR B 205 17.56 -38.46 5.51
CA THR B 205 18.50 -39.48 5.98
C THR B 205 18.82 -39.28 7.46
N GLY B 206 18.43 -38.15 8.06
CA GLY B 206 18.73 -37.87 9.47
C GLY B 206 20.18 -37.55 9.70
N SER B 207 20.92 -37.07 8.69
CA SER B 207 22.28 -36.50 8.87
C SER B 207 22.23 -35.00 9.25
N LEU B 208 21.07 -34.35 9.17
CA LEU B 208 20.97 -32.87 9.37
C LEU B 208 21.24 -32.59 10.84
N ASN B 209 22.23 -31.75 11.09
CA ASN B 209 22.81 -31.43 12.41
C ASN B 209 22.94 -29.91 12.57
N LEU B 210 22.03 -29.28 13.30
CA LEU B 210 22.05 -27.81 13.53
C LEU B 210 23.26 -27.35 14.34
N ASN B 211 24.06 -28.22 14.92
CA ASN B 211 25.33 -27.82 15.59
C ASN B 211 26.45 -27.82 14.57
N ASN B 212 26.16 -28.27 13.36
CA ASN B 212 27.14 -28.20 12.26
C ASN B 212 26.95 -26.81 11.61
N GLN B 213 27.93 -25.92 11.68
CA GLN B 213 27.80 -24.52 11.14
C GLN B 213 27.40 -24.51 9.65
N SER B 214 27.88 -25.51 8.94
CA SER B 214 27.70 -25.66 7.49
C SER B 214 26.23 -26.00 7.26
N HIS B 215 25.64 -26.79 8.14
CA HIS B 215 24.20 -27.16 8.10
C HIS B 215 23.38 -25.94 8.54
N ARG B 216 23.81 -25.20 9.57
CA ARG B 216 23.05 -24.02 10.05
C ARG B 216 22.96 -23.04 8.87
N ASP B 217 24.09 -22.80 8.21
CA ASP B 217 24.14 -21.85 7.07
C ASP B 217 23.07 -22.25 6.03
N ARG B 218 22.94 -23.54 5.71
CA ARG B 218 22.00 -23.97 4.67
C ARG B 218 20.57 -23.75 5.14
N VAL B 219 20.28 -24.05 6.40
CA VAL B 219 18.92 -23.87 6.95
C VAL B 219 18.60 -22.38 6.93
N ILE B 220 19.56 -21.52 7.28
CA ILE B 220 19.33 -20.04 7.27
C ILE B 220 19.09 -19.61 5.81
N GLY B 221 19.90 -20.11 4.87
CA GLY B 221 19.63 -19.93 3.43
C GLY B 221 18.19 -20.23 3.07
N LEU B 222 17.67 -21.38 3.50
CA LEU B 222 16.32 -21.78 3.05
C LEU B 222 15.35 -20.82 3.74
N MET B 223 15.59 -20.50 5.00
CA MET B 223 14.77 -19.51 5.72
C MET B 223 14.69 -18.20 4.90
N MET B 224 15.81 -17.74 4.37
CA MET B 224 15.85 -16.50 3.54
C MET B 224 15.02 -16.67 2.25
N THR B 225 15.08 -17.82 1.56
CA THR B 225 14.23 -18.04 0.38
C THR B 225 12.77 -17.99 0.81
N ALA B 226 12.40 -18.71 1.88
CA ALA B 226 11.00 -18.78 2.33
C ALA B 226 10.48 -17.37 2.66
N CYS B 227 11.26 -16.54 3.34
CA CYS B 227 10.82 -15.16 3.67
C CYS B 227 10.71 -14.29 2.41
N ASP B 228 11.68 -14.45 1.53
CA ASP B 228 11.75 -13.69 0.27
C ASP B 228 10.53 -14.01 -0.62
N LEU B 229 10.08 -15.27 -0.66
CA LEU B 229 8.93 -15.68 -1.50
C LEU B 229 7.62 -15.51 -0.75
N CYS B 230 7.60 -14.89 0.44
CA CYS B 230 6.48 -15.06 1.41
C CYS B 230 5.20 -14.42 0.87
N SER B 231 5.24 -13.67 -0.24
CA SER B 231 4.01 -13.10 -0.85
C SER B 231 3.06 -14.18 -1.37
N VAL B 232 3.60 -15.38 -1.68
CA VAL B 232 2.76 -16.55 -2.07
C VAL B 232 2.19 -17.27 -0.84
N THR B 233 2.48 -16.83 0.40
CA THR B 233 1.95 -17.50 1.63
C THR B 233 0.92 -16.59 2.34
N LYS B 234 0.48 -15.53 1.68
CA LYS B 234 -0.53 -14.64 2.27
C LYS B 234 -1.87 -15.26 1.92
N LEU B 235 -2.92 -14.68 2.48
CA LEU B 235 -4.27 -15.06 2.05
C LEU B 235 -4.45 -14.64 0.60
N TRP B 236 -5.26 -15.39 -0.13
CA TRP B 236 -5.49 -15.21 -1.58
C TRP B 236 -5.65 -13.75 -2.01
N PRO B 237 -6.50 -12.91 -1.37
CA PRO B 237 -6.68 -11.55 -1.90
C PRO B 237 -5.36 -10.74 -1.88
N VAL B 238 -4.50 -10.94 -0.89
CA VAL B 238 -3.15 -10.31 -0.83
C VAL B 238 -2.25 -10.88 -1.92
N THR B 239 -2.13 -12.20 -1.98
CA THR B 239 -1.27 -12.94 -2.94
C THR B 239 -1.62 -12.54 -4.40
N LYS B 240 -2.90 -12.51 -4.72
CA LYS B 240 -3.41 -12.13 -6.04
C LYS B 240 -2.99 -10.71 -6.42
N LEU B 241 -3.13 -9.78 -5.49
CA LEU B 241 -2.83 -8.36 -5.74
C LEU B 241 -1.32 -8.22 -5.82
N THR B 242 -0.58 -8.93 -4.98
CA THR B 242 0.89 -8.85 -5.03
C THR B 242 1.39 -9.42 -6.36
N ALA B 243 0.74 -10.48 -6.90
CA ALA B 243 1.18 -11.11 -8.18
C ALA B 243 1.19 -10.03 -9.29
N ASN B 244 0.25 -9.10 -9.24
CA ASN B 244 0.10 -7.96 -10.16
C ASN B 244 1.34 -7.04 -10.07
N ASP B 245 1.84 -6.80 -8.88
CA ASP B 245 3.05 -5.95 -8.66
C ASP B 245 4.26 -6.65 -9.29
N ILE B 246 4.49 -7.91 -8.96
CA ILE B 246 5.71 -8.56 -9.50
C ILE B 246 5.64 -8.64 -11.04
N TYR B 247 4.47 -8.86 -11.64
CA TYR B 247 4.38 -8.93 -13.12
C TYR B 247 4.59 -7.56 -13.76
N ALA B 248 4.30 -6.44 -13.06
CA ALA B 248 4.58 -5.09 -13.60
C ALA B 248 6.09 -5.00 -13.80
N GLU B 249 6.89 -5.51 -12.84
CA GLU B 249 8.36 -5.53 -13.00
C GLU B 249 8.73 -6.51 -14.12
N PHE B 250 8.25 -7.73 -14.06
CA PHE B 250 8.67 -8.78 -15.04
C PHE B 250 8.41 -8.26 -16.46
N TRP B 251 7.24 -7.66 -16.69
CA TRP B 251 6.82 -7.11 -18.01
C TRP B 251 7.74 -5.98 -18.46
N ALA B 252 8.13 -5.07 -17.57
CA ALA B 252 9.04 -3.97 -17.91
C ALA B 252 10.42 -4.56 -18.26
N GLU B 253 10.85 -5.60 -17.56
CA GLU B 253 12.11 -6.30 -17.88
C GLU B 253 12.00 -6.94 -19.27
N GLY B 254 10.90 -7.66 -19.56
CA GLY B 254 10.61 -8.21 -20.92
C GLY B 254 10.66 -7.14 -22.00
N ASP B 255 10.10 -5.96 -21.75
CA ASP B 255 10.16 -4.86 -22.73
C ASP B 255 11.63 -4.49 -22.96
N GLU B 256 12.42 -4.40 -21.86
CA GLU B 256 13.85 -3.99 -21.97
C GLU B 256 14.67 -5.08 -22.69
N MET B 257 14.34 -6.35 -22.53
CA MET B 257 14.94 -7.48 -23.28
C MET B 257 14.65 -7.34 -24.79
N LYS B 258 13.39 -7.04 -25.17
CA LYS B 258 13.00 -6.82 -26.58
C LYS B 258 13.84 -5.66 -27.14
N LYS B 259 14.10 -4.62 -26.34
CA LYS B 259 14.86 -3.43 -26.82
C LYS B 259 16.32 -3.81 -27.08
N LEU B 260 16.83 -4.83 -26.39
CA LEU B 260 18.17 -5.40 -26.68
C LEU B 260 18.13 -6.35 -27.88
N GLY B 261 16.95 -6.64 -28.43
CA GLY B 261 16.79 -7.58 -29.55
C GLY B 261 16.73 -9.00 -29.07
N ILE B 262 16.24 -9.23 -27.85
CA ILE B 262 16.23 -10.58 -27.22
C ILE B 262 14.78 -10.95 -26.92
N GLN B 263 14.29 -12.10 -27.35
CA GLN B 263 12.89 -12.45 -27.05
C GLN B 263 12.89 -12.84 -25.58
N PRO B 264 12.09 -12.21 -24.70
CA PRO B 264 12.14 -12.60 -23.30
C PRO B 264 11.45 -13.96 -23.10
N ILE B 265 11.71 -14.61 -21.95
CA ILE B 265 10.93 -15.77 -21.45
C ILE B 265 9.48 -15.32 -21.25
N PRO B 266 8.51 -16.26 -21.39
CA PRO B 266 7.08 -15.90 -21.39
C PRO B 266 6.59 -15.08 -20.18
N MET B 267 7.12 -15.43 -19.02
CA MET B 267 6.78 -14.78 -17.71
C MET B 267 6.96 -13.26 -17.84
N MET B 268 7.94 -12.84 -18.64
CA MET B 268 8.37 -11.43 -18.74
C MET B 268 7.68 -10.75 -19.94
N ASP B 269 6.83 -11.47 -20.68
CA ASP B 269 6.31 -10.97 -21.98
C ASP B 269 4.88 -10.48 -21.79
N ARG B 270 4.71 -9.16 -21.81
CA ARG B 270 3.39 -8.56 -21.59
C ARG B 270 2.40 -8.98 -22.69
N ASP B 271 2.83 -9.47 -23.84
CA ASP B 271 1.85 -9.94 -24.86
C ASP B 271 1.40 -11.36 -24.50
N LYS B 272 1.92 -12.00 -23.44
CA LYS B 272 1.56 -13.40 -23.08
C LYS B 272 0.89 -13.47 -21.70
N LYS B 273 0.13 -12.44 -21.35
CA LYS B 273 -0.59 -12.35 -20.06
C LYS B 273 -1.53 -13.53 -19.83
N ASP B 274 -2.00 -14.20 -20.89
CA ASP B 274 -2.97 -15.33 -20.82
C ASP B 274 -2.23 -16.58 -20.36
N GLU B 275 -0.89 -16.61 -20.39
CA GLU B 275 -0.06 -17.72 -19.86
C GLU B 275 0.26 -17.54 -18.35
N VAL B 276 -0.26 -16.51 -17.69
CA VAL B 276 0.17 -16.17 -16.30
C VAL B 276 -0.31 -17.27 -15.37
N PRO B 277 -1.60 -17.69 -15.42
CA PRO B 277 -2.09 -18.70 -14.47
C PRO B 277 -1.28 -19.99 -14.56
N GLN B 278 -0.93 -20.44 -15.77
CA GLN B 278 -0.11 -21.66 -15.93
C GLN B 278 1.33 -21.39 -15.46
N GLY B 279 1.87 -20.19 -15.70
CA GLY B 279 3.18 -19.77 -15.18
C GLY B 279 3.24 -19.80 -13.65
N GLN B 280 2.19 -19.33 -12.98
CA GLN B 280 2.12 -19.35 -11.49
C GLN B 280 2.10 -20.82 -11.02
N LEU B 281 1.22 -21.63 -11.61
CA LEU B 281 1.17 -23.10 -11.37
C LEU B 281 2.60 -23.70 -11.41
N GLY B 282 3.38 -23.39 -12.43
CA GLY B 282 4.72 -23.97 -12.58
C GLY B 282 5.65 -23.41 -11.53
N PHE B 283 5.45 -22.16 -11.12
CA PHE B 283 6.31 -21.56 -10.07
C PHE B 283 5.98 -22.24 -8.73
N TYR B 284 4.70 -22.49 -8.44
CA TYR B 284 4.33 -23.08 -7.13
C TYR B 284 4.81 -24.52 -7.10
N ASN B 285 4.67 -25.26 -8.22
CA ASN B 285 5.04 -26.69 -8.25
C ASN B 285 6.56 -26.85 -8.18
N ALA B 286 7.34 -26.00 -8.85
CA ALA B 286 8.80 -26.17 -9.03
C ALA B 286 9.59 -25.47 -7.93
N VAL B 287 9.04 -24.42 -7.33
CA VAL B 287 9.82 -23.59 -6.36
C VAL B 287 9.12 -23.49 -5.01
N ALA B 288 7.97 -22.84 -4.94
CA ALA B 288 7.39 -22.46 -3.63
C ALA B 288 7.00 -23.70 -2.81
N ILE B 289 6.25 -24.64 -3.38
CA ILE B 289 5.72 -25.79 -2.57
C ILE B 289 6.92 -26.57 -2.03
N PRO B 290 7.95 -26.93 -2.82
CA PRO B 290 9.10 -27.65 -2.28
C PRO B 290 9.85 -26.85 -1.21
N CYS B 291 9.92 -25.51 -1.42
CA CYS B 291 10.57 -24.60 -0.45
C CYS B 291 9.89 -24.78 0.92
N TYR B 292 8.59 -24.54 0.99
CA TYR B 292 7.83 -24.53 2.27
C TYR B 292 7.66 -25.96 2.80
N THR B 293 7.70 -26.98 1.92
CA THR B 293 7.62 -28.41 2.35
C THR B 293 8.89 -28.73 3.15
N THR B 294 10.06 -28.49 2.58
CA THR B 294 11.35 -28.76 3.25
C THR B 294 11.44 -27.88 4.51
N LEU B 295 10.99 -26.61 4.47
CA LEU B 295 11.12 -25.73 5.65
C LEU B 295 10.29 -26.33 6.81
N THR B 296 9.06 -26.75 6.52
CA THR B 296 8.11 -27.34 7.50
C THR B 296 8.72 -28.60 8.11
N GLN B 297 9.36 -29.44 7.31
CA GLN B 297 10.07 -30.63 7.82
C GLN B 297 11.15 -30.20 8.81
N ILE B 298 11.97 -29.23 8.49
CA ILE B 298 13.10 -28.88 9.38
C ILE B 298 12.60 -28.07 10.57
N LEU B 299 11.62 -27.19 10.35
CA LEU B 299 11.09 -26.25 11.37
C LEU B 299 9.57 -26.41 11.40
N PRO B 300 9.01 -27.47 12.06
CA PRO B 300 7.58 -27.73 12.00
C PRO B 300 6.64 -26.59 12.34
N PRO B 301 6.95 -25.68 13.27
CA PRO B 301 6.05 -24.53 13.48
C PRO B 301 5.94 -23.50 12.30
N THR B 302 6.73 -23.66 11.22
CA THR B 302 6.57 -22.88 9.95
C THR B 302 5.46 -23.43 9.02
N GLU B 303 4.71 -24.42 9.49
CA GLU B 303 3.67 -25.11 8.72
C GLU B 303 2.66 -24.17 8.06
N PRO B 304 2.13 -23.13 8.75
CA PRO B 304 1.16 -22.23 8.12
C PRO B 304 1.66 -21.60 6.82
N LEU B 305 2.97 -21.44 6.67
CA LEU B 305 3.52 -20.98 5.37
C LEU B 305 3.12 -21.99 4.27
N LEU B 306 3.34 -23.27 4.49
CA LEU B 306 3.05 -24.32 3.47
C LEU B 306 1.54 -24.40 3.29
N LYS B 307 0.77 -24.33 4.38
CA LYS B 307 -0.72 -24.44 4.23
C LYS B 307 -1.21 -23.30 3.31
N ALA B 308 -0.79 -22.06 3.57
CA ALA B 308 -1.20 -20.87 2.80
C ALA B 308 -0.75 -21.03 1.34
N CYS B 309 0.46 -21.56 1.16
CA CYS B 309 1.02 -21.77 -0.19
C CYS B 309 0.20 -22.81 -0.97
N ARG B 310 -0.19 -23.93 -0.32
CA ARG B 310 -1.09 -24.93 -0.95
CA ARG B 310 -1.12 -24.96 -0.87
C ARG B 310 -2.44 -24.28 -1.24
N ASP B 311 -3.03 -23.51 -0.32
CA ASP B 311 -4.31 -22.81 -0.61
C ASP B 311 -4.18 -21.94 -1.89
N ASN B 312 -3.09 -21.17 -2.04
CA ASN B 312 -2.94 -20.29 -3.22
C ASN B 312 -2.73 -21.13 -4.49
N LEU B 313 -1.99 -22.24 -4.42
CA LEU B 313 -1.86 -23.15 -5.60
C LEU B 313 -3.26 -23.57 -6.06
N SER B 314 -4.10 -23.95 -5.11
CA SER B 314 -5.49 -24.35 -5.36
C SER B 314 -6.27 -23.21 -6.03
N GLN B 315 -6.08 -21.95 -5.59
CA GLN B 315 -6.79 -20.81 -6.19
C GLN B 315 -6.35 -20.62 -7.63
N TRP B 316 -5.07 -20.77 -7.95
CA TRP B 316 -4.56 -20.70 -9.36
C TRP B 316 -5.11 -21.87 -10.18
N GLU B 317 -5.27 -23.06 -9.59
CA GLU B 317 -5.89 -24.19 -10.33
C GLU B 317 -7.33 -23.83 -10.71
N LYS B 318 -8.06 -23.12 -9.84
CA LYS B 318 -9.44 -22.60 -10.11
C LYS B 318 -9.41 -21.57 -11.24
N VAL B 319 -8.49 -20.62 -11.21
CA VAL B 319 -8.32 -19.62 -12.30
C VAL B 319 -8.09 -20.35 -13.64
N ILE B 320 -7.21 -21.33 -13.71
CA ILE B 320 -6.91 -22.06 -14.97
C ILE B 320 -8.18 -22.75 -15.51
N ARG B 321 -9.10 -23.16 -14.65
CA ARG B 321 -10.34 -23.89 -15.01
C ARG B 321 -11.46 -22.87 -15.27
N GLY B 322 -11.28 -21.59 -14.96
CA GLY B 322 -12.27 -20.54 -15.24
C GLY B 322 -13.29 -20.35 -14.12
N GLU B 323 -13.11 -20.99 -12.97
CA GLU B 323 -14.01 -20.86 -11.80
C GLU B 323 -13.68 -19.57 -11.00
N GLU B 324 -12.50 -18.99 -11.22
CA GLU B 324 -12.10 -17.67 -10.66
C GLU B 324 -11.43 -16.87 -11.81
N THR B 325 -11.39 -15.52 -11.70
CA THR B 325 -10.77 -14.58 -12.69
C THR B 325 -9.91 -13.54 -11.94
N ALA B 326 -8.63 -13.49 -12.30
CA ALA B 326 -7.73 -12.33 -12.13
C ALA B 326 -8.03 -11.31 -13.25
N THR B 327 -8.75 -10.21 -12.96
CA THR B 327 -9.14 -9.18 -13.97
C THR B 327 -7.88 -8.57 -14.63
N TRP B 328 -6.76 -8.43 -13.90
CA TRP B 328 -5.44 -7.90 -14.37
C TRP B 328 -4.76 -8.79 -15.45
N ILE B 329 -5.08 -10.09 -15.55
CA ILE B 329 -4.39 -11.08 -16.46
C ILE B 329 -4.79 -10.80 -17.93
N GLY C 12 -0.37 46.20 0.09
CA GLY C 12 -1.20 45.60 -0.99
C GLY C 12 -1.00 46.29 -2.33
N LEU C 13 0.24 46.65 -2.66
CA LEU C 13 0.57 47.33 -3.95
C LEU C 13 0.62 46.28 -5.08
N MET C 14 1.10 45.08 -4.78
CA MET C 14 1.14 43.96 -5.74
C MET C 14 -0.23 43.29 -5.76
N GLN C 15 -0.69 42.96 -6.96
CA GLN C 15 -2.01 42.40 -7.22
C GLN C 15 -1.86 41.41 -8.37
N PHE C 16 -2.59 40.31 -8.30
CA PHE C 16 -2.43 39.19 -9.25
C PHE C 16 -3.37 39.48 -10.41
N THR C 17 -2.92 39.18 -11.62
CA THR C 17 -3.73 39.21 -12.84
C THR C 17 -3.74 37.78 -13.39
N LEU C 18 -4.76 37.47 -14.15
CA LEU C 18 -4.87 36.19 -14.87
C LEU C 18 -4.92 36.51 -16.36
N PRO C 19 -4.40 35.64 -17.23
CA PRO C 19 -4.71 35.76 -18.64
C PRO C 19 -6.20 36.04 -18.79
N VAL C 20 -6.56 36.72 -19.86
CA VAL C 20 -7.97 37.04 -20.27
C VAL C 20 -8.92 35.84 -20.12
N ARG C 21 -8.65 34.66 -20.72
CA ARG C 21 -9.64 33.55 -20.61
C ARG C 21 -9.89 33.20 -19.12
N LEU C 22 -8.85 33.15 -18.28
CA LEU C 22 -8.99 32.74 -16.84
C LEU C 22 -9.71 33.86 -16.08
N CYS C 23 -9.36 35.11 -16.37
CA CYS C 23 -9.98 36.30 -15.73
C CYS C 23 -11.50 36.20 -15.83
N LYS C 24 -11.99 35.84 -17.00
CA LYS C 24 -13.42 35.78 -17.35
C LYS C 24 -14.04 34.50 -16.78
N GLU C 25 -13.46 33.36 -17.12
CA GLU C 25 -13.97 32.01 -16.78
C GLU C 25 -13.92 31.77 -15.26
N ILE C 26 -12.97 32.35 -14.48
CA ILE C 26 -12.83 32.01 -13.03
C ILE C 26 -14.09 32.45 -12.27
N GLU C 27 -14.90 33.37 -12.84
CA GLU C 27 -16.15 33.88 -12.21
C GLU C 27 -17.27 32.87 -12.35
N LEU C 28 -17.14 31.91 -13.26
CA LEU C 28 -18.16 30.85 -13.45
C LEU C 28 -18.00 29.71 -12.41
N PHE C 29 -19.11 29.20 -11.90
CA PHE C 29 -19.12 28.06 -10.97
C PHE C 29 -18.38 26.86 -11.59
N HIS C 30 -18.53 26.61 -12.91
CA HIS C 30 -18.02 25.38 -13.57
C HIS C 30 -16.54 25.54 -14.03
N PHE C 31 -15.87 26.62 -13.67
CA PHE C 31 -14.46 26.81 -14.08
C PHE C 31 -13.63 25.59 -13.63
N ASP C 32 -12.64 25.23 -14.46
CA ASP C 32 -11.67 24.15 -14.16
C ASP C 32 -10.32 24.84 -14.05
N ILE C 33 -9.51 24.57 -13.01
CA ILE C 33 -8.27 25.38 -12.76
C ILE C 33 -7.13 24.97 -13.72
N GLY C 34 -7.35 23.98 -14.59
CA GLY C 34 -6.37 23.56 -15.61
C GLY C 34 -5.24 22.70 -15.03
N PRO C 35 -4.39 22.12 -15.91
CA PRO C 35 -3.36 21.16 -15.51
C PRO C 35 -2.00 21.76 -15.21
N PHE C 36 -1.85 23.08 -15.15
CA PHE C 36 -0.56 23.73 -14.83
C PHE C 36 -0.49 23.98 -13.32
N GLU C 37 0.11 23.06 -12.57
CA GLU C 37 0.24 23.16 -11.10
C GLU C 37 0.83 24.50 -10.66
N ASN C 38 1.77 25.03 -11.42
CA ASN C 38 2.54 26.22 -10.98
C ASN C 38 1.68 27.47 -11.05
N MET C 39 0.51 27.39 -11.70
CA MET C 39 -0.47 28.52 -11.75
C MET C 39 -1.45 28.52 -10.56
N TRP C 40 -1.67 27.38 -9.90
CA TRP C 40 -2.69 27.23 -8.83
C TRP C 40 -2.44 28.21 -7.69
N PRO C 41 -1.21 28.39 -7.16
CA PRO C 41 -1.01 29.32 -6.04
C PRO C 41 -1.48 30.73 -6.40
N GLY C 42 -1.09 31.20 -7.59
CA GLY C 42 -1.47 32.54 -8.06
C GLY C 42 -2.97 32.65 -8.28
N ILE C 43 -3.59 31.58 -8.76
CA ILE C 43 -5.08 31.55 -8.92
C ILE C 43 -5.72 31.70 -7.52
N PHE C 44 -5.14 31.05 -6.51
CA PHE C 44 -5.67 31.11 -5.11
C PHE C 44 -5.50 32.55 -4.56
N VAL C 45 -4.34 33.16 -4.76
CA VAL C 45 -4.10 34.53 -4.23
C VAL C 45 -5.07 35.50 -4.93
N TYR C 46 -5.25 35.38 -6.24
CA TYR C 46 -6.20 36.21 -7.01
C TYR C 46 -7.60 36.18 -6.39
N MET C 47 -8.11 34.97 -6.10
CA MET C 47 -9.44 34.79 -5.50
C MET C 47 -9.43 35.42 -4.10
N VAL C 48 -8.39 35.26 -3.29
CA VAL C 48 -8.31 35.88 -1.92
C VAL C 48 -8.32 37.41 -2.06
N HIS C 49 -7.55 37.99 -2.98
CA HIS C 49 -7.53 39.47 -3.13
C HIS C 49 -8.92 39.97 -3.53
N ARG C 50 -9.62 39.28 -4.41
CA ARG C 50 -10.94 39.73 -4.93
C ARG C 50 -12.06 39.48 -3.92
N SER C 51 -12.03 38.39 -3.15
CA SER C 51 -13.18 38.00 -2.28
C SER C 51 -12.95 38.48 -0.85
N CYS C 52 -11.71 38.68 -0.44
CA CYS C 52 -11.34 39.10 0.93
C CYS C 52 -10.83 40.55 0.90
N GLY C 53 -9.89 40.85 0.00
CA GLY C 53 -9.26 42.17 -0.17
C GLY C 53 -7.75 42.04 -0.17
N THR C 54 -7.04 42.95 -0.84
CA THR C 54 -5.55 42.96 -0.94
C THR C 54 -4.87 43.10 0.43
N SER C 55 -5.60 43.50 1.46
CA SER C 55 -5.01 43.78 2.80
C SER C 55 -5.40 42.70 3.82
N CYS C 56 -6.18 41.69 3.43
CA CYS C 56 -6.61 40.62 4.38
C CYS C 56 -5.40 39.90 4.96
N PHE C 57 -4.40 39.59 4.13
CA PHE C 57 -3.16 38.89 4.52
C PHE C 57 -1.98 39.64 3.96
N GLU C 58 -0.81 39.49 4.59
CA GLU C 58 0.51 39.92 4.10
C GLU C 58 0.94 38.90 3.05
N LEU C 59 1.29 39.34 1.83
CA LEU C 59 1.59 38.45 0.68
C LEU C 59 2.74 37.50 0.98
N GLU C 60 3.85 37.95 1.54
CA GLU C 60 4.99 37.06 1.85
C GLU C 60 4.49 35.90 2.71
N LYS C 61 3.72 36.22 3.75
CA LYS C 61 3.24 35.19 4.72
C LYS C 61 2.23 34.27 4.01
N LEU C 62 1.34 34.85 3.19
CA LEU C 62 0.29 34.05 2.51
C LEU C 62 1.03 33.08 1.57
N CME C 63 2.04 33.56 0.88
CA CME C 63 2.78 32.75 -0.12
CB CME C 63 3.63 33.59 -1.07
SG CME C 63 2.64 34.37 -2.39
SD CME C 63 2.21 32.66 -3.51
CE CME C 63 2.42 33.14 -5.24
CZ CME C 63 3.27 32.15 -5.94
OH CME C 63 3.20 32.37 -7.32
C CME C 63 3.53 31.64 0.60
O CME C 63 3.60 30.50 0.03
N ARG C 64 4.10 31.89 1.78
CA ARG C 64 4.85 30.75 2.37
C ARG C 64 3.85 29.76 3.00
N PHE C 65 2.70 30.24 3.49
CA PHE C 65 1.61 29.36 4.01
C PHE C 65 1.13 28.41 2.90
N ILE C 66 0.83 28.97 1.74
CA ILE C 66 0.33 28.22 0.54
C ILE C 66 1.34 27.13 0.21
N MET C 67 2.63 27.44 0.20
CA MET C 67 3.64 26.49 -0.30
C MET C 67 3.85 25.39 0.73
N SER C 68 3.68 25.71 2.02
CA SER C 68 3.67 24.70 3.12
C SER C 68 2.42 23.79 3.05
N VAL C 69 1.27 24.36 2.74
CA VAL C 69 0.03 23.58 2.56
C VAL C 69 0.21 22.61 1.39
N LYS C 70 0.60 23.09 0.22
CA LYS C 70 0.87 22.25 -0.99
C LYS C 70 1.79 21.09 -0.63
N LYS C 71 2.90 21.37 0.01
CA LYS C 71 3.91 20.37 0.42
C LYS C 71 3.23 19.28 1.26
N ASN C 72 2.11 19.57 1.94
CA ASN C 72 1.51 18.63 2.92
C ASN C 72 0.29 17.93 2.29
N TYR C 73 0.01 18.17 1.00
CA TYR C 73 -0.87 17.29 0.20
C TYR C 73 -0.03 16.17 -0.41
N ARG C 74 -0.61 14.99 -0.60
CA ARG C 74 0.11 13.82 -1.13
C ARG C 74 -0.25 13.62 -2.60
N ARG C 75 0.53 12.81 -3.28
CA ARG C 75 0.39 12.54 -4.73
C ARG C 75 -0.56 11.36 -4.88
N VAL C 76 -1.81 11.62 -4.62
CA VAL C 76 -2.90 10.65 -4.71
C VAL C 76 -3.78 11.11 -5.86
N PRO C 77 -4.64 10.21 -6.38
CA PRO C 77 -5.32 10.51 -7.63
C PRO C 77 -6.38 11.63 -7.53
N TYR C 78 -7.04 11.74 -6.39
CA TYR C 78 -8.18 12.68 -6.25
C TYR C 78 -7.97 13.62 -5.08
N HIS C 79 -7.69 13.13 -3.87
CA HIS C 79 -7.60 13.99 -2.65
C HIS C 79 -6.23 14.70 -2.59
N ASN C 80 -5.94 15.48 -3.63
CA ASN C 80 -4.61 16.08 -3.89
C ASN C 80 -4.68 17.62 -3.86
N TRP C 81 -3.56 18.27 -4.11
CA TRP C 81 -3.43 19.75 -4.16
C TRP C 81 -4.47 20.36 -5.13
N LYS C 82 -4.68 19.69 -6.26
CA LYS C 82 -5.64 20.19 -7.28
C LYS C 82 -7.09 20.24 -6.72
N HIS C 83 -7.48 19.21 -5.97
CA HIS C 83 -8.79 19.15 -5.27
C HIS C 83 -8.89 20.32 -4.30
N ALA C 84 -7.84 20.59 -3.52
CA ALA C 84 -7.83 21.68 -2.53
C ALA C 84 -8.13 23.03 -3.20
N VAL C 85 -7.42 23.38 -4.26
CA VAL C 85 -7.64 24.67 -4.98
C VAL C 85 -9.00 24.66 -5.71
N THR C 86 -9.46 23.52 -6.22
CA THR C 86 -10.78 23.41 -6.89
C THR C 86 -11.91 23.66 -5.87
N VAL C 87 -11.78 23.12 -4.67
CA VAL C 87 -12.78 23.38 -3.59
C VAL C 87 -12.72 24.87 -3.18
N ALA C 88 -11.54 25.46 -3.05
CA ALA C 88 -11.41 26.90 -2.74
C ALA C 88 -12.09 27.74 -3.81
N HIS C 89 -11.98 27.34 -5.08
CA HIS C 89 -12.54 28.12 -6.22
C HIS C 89 -14.07 28.09 -6.14
N CYS C 90 -14.67 26.97 -5.82
CA CYS C 90 -16.14 26.92 -5.62
C CYS C 90 -16.57 27.88 -4.49
N MET C 91 -15.86 27.88 -3.35
CA MET C 91 -16.12 28.81 -2.24
C MET C 91 -15.97 30.25 -2.73
N TYR C 92 -14.96 30.55 -3.56
CA TYR C 92 -14.78 31.90 -4.19
C TYR C 92 -16.06 32.30 -4.94
N ALA C 93 -16.59 31.39 -5.74
CA ALA C 93 -17.78 31.64 -6.54
C ALA C 93 -18.96 31.90 -5.60
N ILE C 94 -19.16 31.07 -4.56
CA ILE C 94 -20.31 31.23 -3.64
C ILE C 94 -20.22 32.60 -2.98
N LEU C 95 -19.05 32.98 -2.49
CA LEU C 95 -18.85 34.23 -1.75
C LEU C 95 -19.04 35.42 -2.67
N GLN C 96 -18.48 35.42 -3.87
CA GLN C 96 -18.56 36.58 -4.80
C GLN C 96 -20.03 36.76 -5.23
N ASN C 97 -20.81 35.69 -5.31
CA ASN C 97 -22.21 35.79 -5.75
C ASN C 97 -23.15 35.99 -4.56
N ASN C 98 -22.64 36.05 -3.33
CA ASN C 98 -23.50 36.26 -2.15
C ASN C 98 -22.79 37.27 -1.25
N HIS C 99 -22.14 38.31 -1.80
CA HIS C 99 -21.07 39.02 -1.07
C HIS C 99 -21.62 39.81 0.14
N THR C 100 -22.91 40.09 0.23
CA THR C 100 -23.49 40.87 1.34
C THR C 100 -23.72 40.00 2.57
N LEU C 101 -23.55 38.68 2.51
CA LEU C 101 -24.02 37.75 3.58
C LEU C 101 -22.90 37.43 4.59
N PHE C 102 -21.62 37.54 4.27
CA PHE C 102 -20.56 36.97 5.14
C PHE C 102 -19.69 38.06 5.75
N THR C 103 -19.21 37.81 6.96
CA THR C 103 -18.37 38.79 7.69
C THR C 103 -16.96 38.80 7.09
N ASP C 104 -16.10 39.67 7.60
CA ASP C 104 -14.71 39.76 7.14
C ASP C 104 -13.99 38.47 7.56
N LEU C 105 -14.20 38.04 8.80
CA LEU C 105 -13.53 36.87 9.41
C LEU C 105 -13.93 35.61 8.63
N GLU C 106 -15.19 35.53 8.22
CA GLU C 106 -15.73 34.41 7.39
C GLU C 106 -15.04 34.41 6.02
N ARG C 107 -14.88 35.56 5.40
CA ARG C 107 -14.20 35.61 4.08
C ARG C 107 -12.76 35.12 4.22
N LYS C 108 -12.03 35.66 5.21
CA LYS C 108 -10.63 35.22 5.54
C LYS C 108 -10.60 33.71 5.79
N GLY C 109 -11.48 33.21 6.66
CA GLY C 109 -11.48 31.83 7.18
C GLY C 109 -11.81 30.78 6.12
N LEU C 110 -12.76 31.05 5.24
CA LEU C 110 -13.43 29.97 4.49
C LEU C 110 -12.52 29.57 3.34
N LEU C 111 -11.86 30.51 2.66
CA LEU C 111 -10.95 30.20 1.54
C LEU C 111 -9.76 29.41 2.07
N ILE C 112 -9.24 29.78 3.25
CA ILE C 112 -8.16 29.04 3.96
C ILE C 112 -8.65 27.64 4.36
N ALA C 113 -9.84 27.54 4.94
CA ALA C 113 -10.40 26.23 5.35
C ALA C 113 -10.44 25.30 4.13
N CYS C 114 -10.92 25.78 2.97
CA CYS C 114 -11.07 24.98 1.73
C CYS C 114 -9.70 24.55 1.21
N LEU C 115 -8.74 25.47 1.17
CA LEU C 115 -7.34 25.11 0.79
C LEU C 115 -6.82 24.02 1.73
N CYS C 116 -7.18 24.05 3.01
CA CYS C 116 -6.60 23.13 4.01
C CYS C 116 -7.45 21.87 4.28
N HIS C 117 -8.63 21.68 3.69
CA HIS C 117 -9.68 20.80 4.29
C HIS C 117 -9.35 19.33 4.12
N ASP C 118 -8.39 18.98 3.25
CA ASP C 118 -7.93 17.60 3.07
C ASP C 118 -6.40 17.43 3.27
N LEU C 119 -5.74 18.28 4.03
CA LEU C 119 -4.28 18.22 4.29
C LEU C 119 -3.89 16.81 4.71
N ASP C 120 -2.88 16.27 4.06
CA ASP C 120 -2.25 15.01 4.43
C ASP C 120 -3.23 13.85 4.24
N HIS C 121 -4.19 13.96 3.31
CA HIS C 121 -5.12 12.84 2.98
C HIS C 121 -4.32 11.70 2.35
N ARG C 122 -4.63 10.43 2.65
CA ARG C 122 -3.80 9.33 2.04
CA ARG C 122 -3.86 9.24 2.17
C ARG C 122 -4.64 8.54 1.03
N GLY C 123 -5.76 9.08 0.60
CA GLY C 123 -6.68 8.46 -0.37
C GLY C 123 -7.53 7.36 0.25
N PHE C 124 -7.67 7.34 1.58
CA PHE C 124 -8.51 6.36 2.32
C PHE C 124 -9.54 7.05 3.20
N SER C 125 -10.70 6.42 3.28
CA SER C 125 -11.91 6.90 3.98
C SER C 125 -11.73 6.73 5.47
N ASN C 126 -12.55 7.43 6.25
CA ASN C 126 -12.65 7.17 7.70
C ASN C 126 -12.96 5.68 7.98
N SER C 127 -13.83 4.99 7.23
CA SER C 127 -14.17 3.57 7.52
C SER C 127 -12.90 2.73 7.39
N TYR C 128 -12.12 2.94 6.33
CA TYR C 128 -10.92 2.11 6.09
C TYR C 128 -9.97 2.32 7.27
N LEU C 129 -9.77 3.57 7.72
CA LEU C 129 -8.83 3.87 8.84
C LEU C 129 -9.33 3.15 10.10
N GLN C 130 -10.64 3.08 10.26
CA GLN C 130 -11.24 2.47 11.46
C GLN C 130 -11.01 0.96 11.35
N LYS C 131 -11.32 0.37 10.20
CA LYS C 131 -11.18 -1.10 9.99
C LYS C 131 -9.72 -1.50 10.11
N PHE C 132 -8.82 -0.67 9.60
CA PHE C 132 -7.37 -0.95 9.64
C PHE C 132 -6.88 -0.85 11.07
N ASP C 133 -7.58 -0.04 11.90
CA ASP C 133 -7.16 0.27 13.27
C ASP C 133 -5.94 1.20 13.23
N HIS C 134 -5.96 2.17 12.31
CA HIS C 134 -4.93 3.24 12.21
C HIS C 134 -4.89 4.01 13.51
N PRO C 135 -3.68 4.41 13.98
CA PRO C 135 -3.56 5.26 15.15
C PRO C 135 -4.49 6.49 15.18
N LEU C 136 -4.70 7.14 14.02
CA LEU C 136 -5.57 8.34 13.90
C LEU C 136 -6.98 7.98 14.37
N ALA C 137 -7.46 6.79 14.10
CA ALA C 137 -8.81 6.35 14.50
C ALA C 137 -8.93 6.21 16.02
N ALA C 138 -7.82 5.98 16.74
CA ALA C 138 -7.76 5.94 18.23
C ALA C 138 -7.76 7.38 18.78
N LEU C 139 -7.02 8.26 18.13
CA LEU C 139 -6.87 9.68 18.55
C LEU C 139 -8.16 10.46 18.23
N TYR C 140 -8.85 10.17 17.13
CA TYR C 140 -10.06 10.89 16.67
C TYR C 140 -11.13 9.87 16.32
N SER C 141 -12.04 9.55 17.25
CA SER C 141 -13.01 8.43 17.09
C SER C 141 -14.02 8.73 15.98
N THR C 142 -14.46 9.97 15.80
CA THR C 142 -15.35 10.32 14.66
C THR C 142 -14.67 11.39 13.80
N SER C 143 -15.16 11.60 12.58
CA SER C 143 -14.57 12.60 11.64
C SER C 143 -13.03 12.49 11.70
N THR C 144 -12.49 11.26 11.66
CA THR C 144 -11.05 10.92 11.92
C THR C 144 -10.11 11.78 11.04
N MET C 145 -10.28 11.71 9.72
CA MET C 145 -9.36 12.38 8.76
C MET C 145 -9.59 13.88 8.91
N GLU C 146 -10.85 14.29 9.13
CA GLU C 146 -11.18 15.76 9.20
C GLU C 146 -10.56 16.38 10.45
N GLN C 147 -10.59 15.70 11.59
CA GLN C 147 -9.86 16.17 12.80
C GLN C 147 -8.35 16.25 12.47
N HIS C 148 -7.81 15.27 11.74
CA HIS C 148 -6.40 15.33 11.29
C HIS C 148 -6.17 16.57 10.40
N HIS C 149 -7.05 16.84 9.43
CA HIS C 149 -6.86 17.96 8.49
C HIS C 149 -6.74 19.24 9.29
N PHE C 150 -7.63 19.45 10.26
CA PHE C 150 -7.62 20.68 11.07
C PHE C 150 -6.32 20.74 11.89
N SER C 151 -5.87 19.60 12.39
CA SER C 151 -4.65 19.50 13.21
C SER C 151 -3.43 19.88 12.38
N GLN C 152 -3.38 19.44 11.14
CA GLN C 152 -2.28 19.75 10.16
C GLN C 152 -2.30 21.25 9.85
N THR C 153 -3.49 21.82 9.75
CA THR C 153 -3.74 23.26 9.47
C THR C 153 -3.12 24.11 10.59
N VAL C 154 -3.50 23.83 11.83
CA VAL C 154 -2.91 24.46 13.05
C VAL C 154 -1.37 24.31 13.03
N SER C 155 -0.84 23.11 12.85
CA SER C 155 0.63 22.86 12.75
C SER C 155 1.30 23.85 11.79
N ILE C 156 0.72 24.08 10.61
CA ILE C 156 1.32 24.94 9.55
C ILE C 156 1.22 26.41 9.98
N LEU C 157 0.08 26.83 10.52
CA LEU C 157 -0.10 28.21 11.08
C LEU C 157 0.92 28.53 12.17
N GLN C 158 1.37 27.52 12.93
CA GLN C 158 2.30 27.69 14.07
C GLN C 158 3.77 27.62 13.61
N LEU C 159 4.07 27.35 12.35
CA LEU C 159 5.44 27.34 11.77
C LEU C 159 5.94 28.79 11.69
N GLU C 160 7.26 28.99 11.81
CA GLU C 160 7.85 30.35 11.86
C GLU C 160 7.55 31.03 10.53
N GLY C 161 7.09 32.28 10.56
CA GLY C 161 6.78 33.07 9.36
C GLY C 161 5.46 32.67 8.68
N HIS C 162 4.67 31.73 9.22
CA HIS C 162 3.45 31.19 8.56
C HIS C 162 2.15 31.70 9.20
N ASN C 163 2.21 32.56 10.21
CA ASN C 163 0.99 33.02 10.92
C ASN C 163 0.33 34.13 10.12
N ILE C 164 -0.47 33.74 9.11
CA ILE C 164 -1.20 34.68 8.22
C ILE C 164 -2.26 35.47 8.99
N PHE C 165 -2.57 35.08 10.23
CA PHE C 165 -3.62 35.76 11.02
C PHE C 165 -2.97 36.62 12.14
N SER C 166 -1.72 37.00 11.98
CA SER C 166 -0.93 37.61 13.11
C SER C 166 -1.45 39.02 13.46
N THR C 167 -2.14 39.72 12.55
CA THR C 167 -2.70 41.06 12.83
C THR C 167 -4.00 40.96 13.63
N LEU C 168 -4.70 39.81 13.65
CA LEU C 168 -6.02 39.70 14.32
C LEU C 168 -5.78 39.87 15.81
N SER C 169 -6.76 40.38 16.56
CA SER C 169 -6.80 40.29 18.05
C SER C 169 -6.91 38.83 18.47
N SER C 170 -6.52 38.50 19.70
CA SER C 170 -6.57 37.13 20.27
C SER C 170 -8.00 36.55 20.12
N SER C 171 -9.00 37.41 20.22
CA SER C 171 -10.44 37.06 20.14
C SER C 171 -10.80 36.69 18.72
N GLU C 172 -10.51 37.58 17.78
CA GLU C 172 -10.68 37.37 16.34
C GLU C 172 -9.91 36.11 15.94
N TYR C 173 -8.69 35.93 16.42
CA TYR C 173 -7.84 34.77 16.08
C TYR C 173 -8.57 33.49 16.49
N GLU C 174 -9.06 33.41 17.72
CA GLU C 174 -9.81 32.23 18.21
C GLU C 174 -11.08 32.05 17.35
N GLN C 175 -11.74 33.14 16.96
CA GLN C 175 -12.99 33.05 16.16
C GLN C 175 -12.69 32.45 14.78
N VAL C 176 -11.67 32.95 14.08
CA VAL C 176 -11.40 32.54 12.67
C VAL C 176 -10.93 31.08 12.74
N LEU C 177 -10.16 30.70 13.75
CA LEU C 177 -9.70 29.28 13.87
C LEU C 177 -10.92 28.39 14.15
N GLU C 178 -11.92 28.92 14.82
CA GLU C 178 -13.16 28.14 15.09
C GLU C 178 -14.06 28.04 13.82
N ILE C 179 -14.16 29.09 13.01
CA ILE C 179 -14.76 29.06 11.66
C ILE C 179 -14.07 27.95 10.88
N ILE C 180 -12.74 27.90 10.91
CA ILE C 180 -11.94 26.96 10.07
C ILE C 180 -12.20 25.53 10.53
N ARG C 181 -12.18 25.27 11.84
CA ARG C 181 -12.40 23.94 12.45
C ARG C 181 -13.79 23.44 12.03
N LYS C 182 -14.82 24.20 12.32
CA LYS C 182 -16.21 23.76 11.99
C LYS C 182 -16.36 23.49 10.49
N ALA C 183 -15.77 24.34 9.64
CA ALA C 183 -15.85 24.24 8.17
C ALA C 183 -15.15 22.94 7.72
N ILE C 184 -13.98 22.62 8.26
CA ILE C 184 -13.21 21.39 7.88
C ILE C 184 -13.92 20.15 8.42
N ILE C 185 -14.42 20.19 9.65
CA ILE C 185 -15.19 19.03 10.21
C ILE C 185 -16.48 18.80 9.39
N ALA C 186 -17.10 19.88 8.87
CA ALA C 186 -18.32 19.78 8.03
C ALA C 186 -18.06 18.94 6.76
N THR C 187 -16.82 18.90 6.23
CA THR C 187 -16.51 18.11 5.00
C THR C 187 -16.59 16.60 5.26
N ASP C 188 -16.81 16.16 6.48
CA ASP C 188 -17.12 14.74 6.77
C ASP C 188 -18.54 14.49 6.26
N LEU C 189 -18.67 13.82 5.14
CA LEU C 189 -20.00 13.57 4.54
C LEU C 189 -20.93 12.85 5.51
N ALA C 190 -20.43 12.12 6.51
CA ALA C 190 -21.34 11.44 7.46
C ALA C 190 -22.12 12.49 8.27
N LEU C 191 -21.59 13.70 8.43
CA LEU C 191 -22.26 14.79 9.19
C LEU C 191 -23.22 15.57 8.29
N TYR C 192 -23.00 15.53 6.98
CA TYR C 192 -23.76 16.27 5.95
C TYR C 192 -25.26 15.88 6.03
N PHE C 193 -25.60 14.59 6.13
CA PHE C 193 -27.01 14.10 6.05
C PHE C 193 -27.87 14.79 7.12
N GLY C 194 -27.46 14.73 8.37
CA GLY C 194 -28.07 15.44 9.51
C GLY C 194 -28.08 16.96 9.35
N ASN C 195 -26.98 17.54 8.91
CA ASN C 195 -26.85 19.00 8.72
C ASN C 195 -27.90 19.48 7.70
N ARG C 196 -27.96 18.89 6.51
CA ARG C 196 -28.91 19.27 5.44
C ARG C 196 -30.36 19.09 5.90
N LYS C 197 -30.68 17.97 6.57
CA LYS C 197 -32.03 17.68 7.11
C LYS C 197 -32.45 18.83 8.05
N GLN C 198 -31.64 19.17 9.04
CA GLN C 198 -31.90 20.30 9.97
C GLN C 198 -32.05 21.60 9.20
N LEU C 199 -31.15 21.90 8.26
CA LEU C 199 -31.17 23.17 7.53
C LEU C 199 -32.46 23.27 6.70
N GLU C 200 -32.83 22.18 6.04
CA GLU C 200 -34.07 22.08 5.21
C GLU C 200 -35.29 22.39 6.08
N GLU C 201 -35.37 21.81 7.27
CA GLU C 201 -36.51 22.09 8.18
C GLU C 201 -36.54 23.57 8.64
N MET C 202 -35.40 24.14 9.00
CA MET C 202 -35.30 25.58 9.38
C MET C 202 -35.72 26.44 8.20
N TYR C 203 -35.30 26.13 7.00
CA TYR C 203 -35.67 26.93 5.80
C TYR C 203 -37.18 26.85 5.54
N GLN C 204 -37.75 25.65 5.61
CA GLN C 204 -39.16 25.37 5.26
C GLN C 204 -40.11 26.01 6.28
N THR C 205 -39.76 25.97 7.58
CA THR C 205 -40.55 26.54 8.71
C THR C 205 -40.33 28.05 8.80
N GLY C 206 -39.38 28.62 8.09
CA GLY C 206 -39.06 30.05 8.13
C GLY C 206 -38.30 30.44 9.38
N SER C 207 -37.81 29.48 10.17
CA SER C 207 -37.04 29.73 11.42
C SER C 207 -35.56 30.04 11.12
N LEU C 208 -35.06 29.77 9.92
CA LEU C 208 -33.63 30.01 9.57
C LEU C 208 -33.29 31.48 9.73
N ASN C 209 -32.18 31.77 10.39
CA ASN C 209 -31.86 33.16 10.79
C ASN C 209 -30.35 33.34 10.77
N LEU C 210 -29.81 34.07 9.79
CA LEU C 210 -28.33 34.25 9.66
C LEU C 210 -27.76 35.12 10.80
N ASN C 211 -28.58 35.74 11.65
CA ASN C 211 -28.11 36.41 12.89
C ASN C 211 -27.91 35.36 13.98
N ASN C 212 -28.43 34.15 13.84
CA ASN C 212 -28.16 33.07 14.81
C ASN C 212 -26.88 32.31 14.39
N GLN C 213 -25.83 32.34 15.23
CA GLN C 213 -24.48 31.76 14.96
C GLN C 213 -24.57 30.26 14.73
N SER C 214 -25.42 29.54 15.46
CA SER C 214 -25.57 28.08 15.22
C SER C 214 -26.21 27.84 13.82
N HIS C 215 -27.10 28.71 13.34
CA HIS C 215 -27.67 28.59 11.98
C HIS C 215 -26.60 28.96 10.94
N ARG C 216 -25.84 30.02 11.16
CA ARG C 216 -24.74 30.43 10.24
C ARG C 216 -23.77 29.24 10.08
N ASP C 217 -23.43 28.59 11.20
CA ASP C 217 -22.55 27.40 11.26
C ASP C 217 -23.09 26.31 10.33
N ARG C 218 -24.38 26.02 10.42
CA ARG C 218 -25.02 24.98 9.59
C ARG C 218 -24.92 25.37 8.11
N VAL C 219 -25.21 26.62 7.76
CA VAL C 219 -25.19 27.14 6.35
C VAL C 219 -23.75 27.02 5.80
N ILE C 220 -22.75 27.38 6.60
CA ILE C 220 -21.33 27.31 6.17
C ILE C 220 -21.01 25.82 6.00
N GLY C 221 -21.56 24.95 6.86
CA GLY C 221 -21.35 23.49 6.73
C GLY C 221 -21.81 23.00 5.39
N LEU C 222 -23.03 23.36 5.03
CA LEU C 222 -23.60 22.94 3.74
C LEU C 222 -22.80 23.57 2.58
N MET C 223 -22.43 24.83 2.69
CA MET C 223 -21.50 25.44 1.70
C MET C 223 -20.24 24.58 1.57
N MET C 224 -19.66 24.08 2.68
CA MET C 224 -18.43 23.25 2.61
C MET C 224 -18.70 21.93 1.88
N THR C 225 -19.86 21.27 2.15
CA THR C 225 -20.19 20.01 1.46
C THR C 225 -20.27 20.33 -0.04
N ALA C 226 -20.98 21.39 -0.39
CA ALA C 226 -21.22 21.81 -1.80
C ALA C 226 -19.90 22.09 -2.51
N CYS C 227 -18.94 22.73 -1.84
CA CYS C 227 -17.60 23.01 -2.45
C CYS C 227 -16.83 21.70 -2.55
N ASP C 228 -16.92 20.84 -1.55
CA ASP C 228 -16.21 19.55 -1.52
C ASP C 228 -16.64 18.68 -2.71
N LEU C 229 -17.93 18.70 -3.06
CA LEU C 229 -18.50 17.80 -4.09
C LEU C 229 -18.49 18.45 -5.46
N CYS C 230 -17.93 19.66 -5.62
CA CYS C 230 -18.19 20.50 -6.82
C CYS C 230 -17.71 19.81 -8.10
N SER C 231 -16.94 18.74 -8.01
CA SER C 231 -16.47 18.03 -9.23
C SER C 231 -17.66 17.44 -10.02
N VAL C 232 -18.82 17.28 -9.37
CA VAL C 232 -20.08 16.81 -10.03
C VAL C 232 -20.87 17.99 -10.61
N THR C 233 -20.35 19.22 -10.54
CA THR C 233 -21.03 20.44 -11.05
C THR C 233 -20.22 21.09 -12.17
N LYS C 234 -19.26 20.35 -12.74
CA LYS C 234 -18.44 20.85 -13.84
C LYS C 234 -19.17 20.47 -15.12
N LEU C 235 -18.65 20.92 -16.24
CA LEU C 235 -19.18 20.46 -17.53
C LEU C 235 -18.83 18.96 -17.63
N TRP C 236 -19.65 18.18 -18.34
CA TRP C 236 -19.57 16.69 -18.43
C TRP C 236 -18.13 16.17 -18.63
N PRO C 237 -17.36 16.70 -19.59
CA PRO C 237 -16.04 16.14 -19.84
C PRO C 237 -15.07 16.30 -18.66
N VAL C 238 -15.23 17.37 -17.89
CA VAL C 238 -14.43 17.52 -16.64
C VAL C 238 -14.94 16.50 -15.60
N THR C 239 -16.26 16.37 -15.44
CA THR C 239 -16.89 15.53 -14.40
C THR C 239 -16.57 14.05 -14.68
N LYS C 240 -16.63 13.67 -15.94
CA LYS C 240 -16.36 12.29 -16.40
C LYS C 240 -14.89 11.95 -16.14
N LEU C 241 -13.96 12.86 -16.41
CA LEU C 241 -12.53 12.57 -16.18
C LEU C 241 -12.23 12.59 -14.69
N THR C 242 -12.81 13.51 -13.92
CA THR C 242 -12.57 13.54 -12.45
C THR C 242 -13.15 12.26 -11.83
N ALA C 243 -14.30 11.77 -12.31
CA ALA C 243 -14.91 10.52 -11.81
C ALA C 243 -13.90 9.36 -11.83
N ASN C 244 -13.09 9.30 -12.89
CA ASN C 244 -12.00 8.30 -13.09
C ASN C 244 -10.96 8.43 -11.96
N ASP C 245 -10.66 9.67 -11.54
CA ASP C 245 -9.60 9.90 -10.52
C ASP C 245 -10.10 9.42 -9.17
N ILE C 246 -11.37 9.70 -8.87
CA ILE C 246 -12.00 9.33 -7.57
C ILE C 246 -12.12 7.80 -7.53
N TYR C 247 -12.59 7.15 -8.59
CA TYR C 247 -12.66 5.66 -8.56
C TYR C 247 -11.26 5.01 -8.45
N ALA C 248 -10.19 5.61 -8.97
CA ALA C 248 -8.82 5.06 -8.76
C ALA C 248 -8.54 4.95 -7.26
N GLU C 249 -8.92 6.00 -6.52
CA GLU C 249 -8.84 5.91 -5.03
C GLU C 249 -9.78 4.85 -4.49
N PHE C 250 -11.06 4.88 -4.84
CA PHE C 250 -12.05 3.93 -4.27
C PHE C 250 -11.59 2.47 -4.49
N TRP C 251 -11.09 2.17 -5.68
CA TRP C 251 -10.62 0.82 -6.10
C TRP C 251 -9.41 0.39 -5.27
N ALA C 252 -8.41 1.26 -5.09
CA ALA C 252 -7.27 0.99 -4.17
C ALA C 252 -7.77 0.72 -2.75
N GLU C 253 -8.77 1.48 -2.27
CA GLU C 253 -9.28 1.27 -0.89
C GLU C 253 -9.97 -0.09 -0.86
N GLY C 254 -10.77 -0.42 -1.87
CA GLY C 254 -11.38 -1.75 -2.03
C GLY C 254 -10.33 -2.85 -1.93
N ASP C 255 -9.24 -2.71 -2.68
CA ASP C 255 -8.14 -3.68 -2.67
C ASP C 255 -7.64 -3.82 -1.24
N GLU C 256 -7.48 -2.71 -0.51
CA GLU C 256 -6.92 -2.75 0.86
C GLU C 256 -7.96 -3.37 1.79
N MET C 257 -9.24 -3.21 1.49
CA MET C 257 -10.33 -3.84 2.29
C MET C 257 -10.19 -5.35 2.10
N LYS C 258 -10.01 -5.79 0.86
CA LYS C 258 -9.84 -7.23 0.52
C LYS C 258 -8.62 -7.77 1.26
N LYS C 259 -7.57 -6.96 1.44
CA LYS C 259 -6.33 -7.40 2.14
C LYS C 259 -6.58 -7.52 3.65
N LEU C 260 -7.62 -6.87 4.19
CA LEU C 260 -7.98 -6.99 5.62
C LEU C 260 -8.91 -8.18 5.80
N GLY C 261 -9.32 -8.80 4.71
CA GLY C 261 -10.31 -9.90 4.73
C GLY C 261 -11.74 -9.39 4.86
N ILE C 262 -12.04 -8.23 4.28
CA ILE C 262 -13.39 -7.62 4.28
C ILE C 262 -13.79 -7.36 2.84
N GLN C 263 -14.91 -7.92 2.38
CA GLN C 263 -15.41 -7.68 1.00
C GLN C 263 -15.82 -6.21 1.00
N PRO C 264 -15.31 -5.39 0.07
CA PRO C 264 -15.63 -3.98 0.06
C PRO C 264 -17.08 -3.73 -0.37
N ILE C 265 -17.63 -2.55 -0.11
CA ILE C 265 -18.89 -2.15 -0.79
C ILE C 265 -18.61 -2.06 -2.30
N PRO C 266 -19.63 -2.34 -3.13
CA PRO C 266 -19.50 -2.32 -4.59
C PRO C 266 -18.72 -1.14 -5.22
N MET C 267 -18.93 0.07 -4.70
CA MET C 267 -18.35 1.32 -5.25
C MET C 267 -16.82 1.22 -5.23
N MET C 268 -16.27 0.44 -4.31
CA MET C 268 -14.80 0.34 -4.11
C MET C 268 -14.26 -0.97 -4.69
N ASP C 269 -15.11 -1.79 -5.31
CA ASP C 269 -14.64 -3.10 -5.84
C ASP C 269 -14.23 -2.93 -7.30
N ARG C 270 -12.94 -3.10 -7.60
CA ARG C 270 -12.49 -2.90 -9.00
C ARG C 270 -13.02 -3.99 -9.95
N ASP C 271 -13.49 -5.13 -9.42
CA ASP C 271 -14.10 -6.20 -10.25
C ASP C 271 -15.56 -5.84 -10.59
N LYS C 272 -16.13 -4.76 -10.04
CA LYS C 272 -17.56 -4.37 -10.26
C LYS C 272 -17.66 -3.00 -10.96
N LYS C 273 -16.82 -2.72 -11.95
CA LYS C 273 -16.81 -1.43 -12.68
C LYS C 273 -18.05 -1.16 -13.54
N ASP C 274 -18.72 -2.20 -14.06
CA ASP C 274 -20.00 -2.08 -14.82
C ASP C 274 -21.14 -1.60 -13.90
N GLU C 275 -21.00 -1.69 -12.56
CA GLU C 275 -21.98 -1.07 -11.63
C GLU C 275 -21.68 0.42 -11.41
N VAL C 276 -20.70 1.01 -12.08
CA VAL C 276 -20.29 2.43 -11.81
C VAL C 276 -21.43 3.37 -12.23
N PRO C 277 -21.99 3.29 -13.46
CA PRO C 277 -23.04 4.22 -13.86
C PRO C 277 -24.21 4.26 -12.88
N GLN C 278 -24.71 3.08 -12.50
CA GLN C 278 -25.82 2.98 -11.52
C GLN C 278 -25.34 3.59 -10.20
N GLY C 279 -24.04 3.43 -9.92
CA GLY C 279 -23.40 3.90 -8.68
C GLY C 279 -23.51 5.40 -8.60
N GLN C 280 -23.16 6.06 -9.69
CA GLN C 280 -23.22 7.54 -9.82
C GLN C 280 -24.70 7.99 -9.70
N LEU C 281 -25.62 7.37 -10.43
CA LEU C 281 -27.07 7.65 -10.33
C LEU C 281 -27.46 7.74 -8.85
N GLY C 282 -27.21 6.68 -8.11
CA GLY C 282 -27.48 6.58 -6.66
C GLY C 282 -26.83 7.73 -5.89
N PHE C 283 -25.59 8.08 -6.22
CA PHE C 283 -24.82 9.15 -5.50
C PHE C 283 -25.47 10.52 -5.80
N TYR C 284 -25.85 10.76 -7.06
CA TYR C 284 -26.46 12.06 -7.40
C TYR C 284 -27.83 12.20 -6.72
N ASN C 285 -28.62 11.13 -6.75
CA ASN C 285 -30.01 11.08 -6.21
C ASN C 285 -30.01 11.27 -4.68
N ALA C 286 -29.17 10.55 -3.97
CA ALA C 286 -29.16 10.48 -2.49
C ALA C 286 -28.32 11.60 -1.88
N VAL C 287 -27.31 12.13 -2.58
CA VAL C 287 -26.31 13.06 -1.94
C VAL C 287 -26.26 14.40 -2.67
N ALA C 288 -25.80 14.41 -3.90
CA ALA C 288 -25.41 15.64 -4.62
C ALA C 288 -26.64 16.55 -4.92
N ILE C 289 -27.69 16.01 -5.55
CA ILE C 289 -28.90 16.79 -5.91
C ILE C 289 -29.51 17.39 -4.64
N PRO C 290 -29.75 16.64 -3.53
CA PRO C 290 -30.34 17.21 -2.33
C PRO C 290 -29.46 18.34 -1.77
N CYS C 291 -28.13 18.18 -1.86
CA CYS C 291 -27.16 19.16 -1.32
C CYS C 291 -27.28 20.49 -2.11
N TYR C 292 -27.14 20.45 -3.43
CA TYR C 292 -27.31 21.66 -4.29
C TYR C 292 -28.77 22.18 -4.23
N THR C 293 -29.77 21.34 -4.01
CA THR C 293 -31.22 21.78 -3.95
C THR C 293 -31.40 22.69 -2.72
N THR C 294 -31.00 22.20 -1.54
CA THR C 294 -31.04 22.95 -0.26
C THR C 294 -30.15 24.19 -0.33
N LEU C 295 -28.95 24.07 -0.89
CA LEU C 295 -28.07 25.25 -1.01
C LEU C 295 -28.76 26.33 -1.87
N THR C 296 -29.39 25.92 -2.94
CA THR C 296 -30.01 26.89 -3.86
C THR C 296 -31.19 27.57 -3.15
N GLN C 297 -31.95 26.83 -2.35
CA GLN C 297 -33.06 27.43 -1.56
C GLN C 297 -32.49 28.51 -0.66
N ILE C 298 -31.36 28.26 0.01
CA ILE C 298 -30.87 29.21 1.05
C ILE C 298 -30.08 30.31 0.35
N LEU C 299 -29.37 29.99 -0.74
CA LEU C 299 -28.57 30.99 -1.49
C LEU C 299 -28.88 30.86 -2.96
N PRO C 300 -29.94 31.55 -3.45
CA PRO C 300 -30.36 31.41 -4.84
C PRO C 300 -29.33 31.66 -5.92
N PRO C 301 -28.38 32.61 -5.76
CA PRO C 301 -27.29 32.75 -6.74
C PRO C 301 -26.40 31.50 -6.94
N THR C 302 -26.49 30.46 -6.10
CA THR C 302 -25.69 29.21 -6.26
C THR C 302 -26.38 28.27 -7.22
N GLU C 303 -27.51 28.68 -7.77
CA GLU C 303 -28.34 27.88 -8.71
C GLU C 303 -27.51 27.22 -9.81
N PRO C 304 -26.52 27.88 -10.46
CA PRO C 304 -25.72 27.21 -11.50
C PRO C 304 -25.14 25.84 -11.05
N LEU C 305 -24.79 25.68 -9.77
CA LEU C 305 -24.21 24.41 -9.28
C LEU C 305 -25.28 23.33 -9.40
N LEU C 306 -26.51 23.62 -8.98
CA LEU C 306 -27.65 22.66 -9.08
C LEU C 306 -27.90 22.34 -10.55
N LYS C 307 -27.95 23.35 -11.41
CA LYS C 307 -28.27 23.11 -12.84
C LYS C 307 -27.19 22.17 -13.41
N ALA C 308 -25.92 22.44 -13.11
CA ALA C 308 -24.82 21.63 -13.69
C ALA C 308 -24.86 20.20 -13.15
N CYS C 309 -25.24 20.05 -11.88
CA CYS C 309 -25.34 18.72 -11.22
C CYS C 309 -26.47 17.92 -11.89
N ARG C 310 -27.63 18.55 -12.18
CA ARG C 310 -28.74 17.89 -12.94
CA ARG C 310 -28.75 17.93 -12.95
C ARG C 310 -28.27 17.54 -14.35
N ASP C 311 -27.50 18.40 -15.02
CA ASP C 311 -27.03 18.02 -16.39
C ASP C 311 -26.18 16.74 -16.34
N ASN C 312 -25.31 16.58 -15.33
CA ASN C 312 -24.41 15.39 -15.21
C ASN C 312 -25.22 14.16 -14.80
N LEU C 313 -26.28 14.29 -13.99
CA LEU C 313 -27.20 13.18 -13.63
C LEU C 313 -27.79 12.65 -14.94
N SER C 314 -28.21 13.56 -15.81
CA SER C 314 -28.81 13.26 -17.14
C SER C 314 -27.73 12.62 -18.05
N GLN C 315 -26.46 13.01 -17.96
CA GLN C 315 -25.41 12.31 -18.74
C GLN C 315 -25.24 10.86 -18.23
N TRP C 316 -25.34 10.62 -16.93
CA TRP C 316 -25.15 9.26 -16.38
C TRP C 316 -26.35 8.40 -16.79
N GLU C 317 -27.54 8.99 -16.84
CA GLU C 317 -28.76 8.25 -17.26
C GLU C 317 -28.57 7.80 -18.71
N LYS C 318 -27.94 8.64 -19.54
CA LYS C 318 -27.63 8.30 -20.94
C LYS C 318 -26.63 7.14 -21.00
N VAL C 319 -25.53 7.23 -20.25
CA VAL C 319 -24.51 6.15 -20.09
C VAL C 319 -25.20 4.84 -19.75
N ILE C 320 -26.11 4.84 -18.76
CA ILE C 320 -26.84 3.64 -18.27
C ILE C 320 -27.73 3.08 -19.39
N ARG C 321 -28.17 3.91 -20.34
CA ARG C 321 -29.07 3.42 -21.42
C ARG C 321 -28.25 3.02 -22.64
N GLY C 322 -26.92 3.00 -22.55
CA GLY C 322 -26.05 2.56 -23.66
C GLY C 322 -25.90 3.61 -24.76
N GLU C 323 -26.20 4.89 -24.56
CA GLU C 323 -26.20 5.99 -25.59
C GLU C 323 -24.87 6.76 -25.58
N GLU C 324 -24.10 6.55 -24.53
CA GLU C 324 -22.73 7.11 -24.33
C GLU C 324 -21.97 6.15 -23.41
N THR C 325 -20.64 6.12 -23.50
CA THR C 325 -19.75 5.33 -22.60
C THR C 325 -18.75 6.27 -21.91
N ALA C 326 -18.60 6.13 -20.59
CA ALA C 326 -17.31 6.34 -19.88
C ALA C 326 -16.34 5.21 -20.29
N THR C 327 -15.16 5.57 -20.85
CA THR C 327 -14.13 4.65 -21.47
C THR C 327 -13.52 3.66 -20.46
N TRP C 328 -13.34 4.11 -19.22
CA TRP C 328 -12.58 3.43 -18.14
C TRP C 328 -13.51 2.48 -17.33
N ILE C 329 -14.78 2.37 -17.75
CA ILE C 329 -15.83 1.49 -17.16
C ILE C 329 -15.92 0.19 -17.99
N LEU D 13 -30.06 -6.09 47.71
CA LEU D 13 -28.94 -5.17 48.08
C LEU D 13 -27.80 -5.96 48.77
N MET D 14 -27.85 -7.29 48.75
CA MET D 14 -26.77 -8.15 49.33
C MET D 14 -25.77 -8.50 48.22
N GLN D 15 -24.56 -7.96 48.27
CA GLN D 15 -23.55 -8.16 47.20
C GLN D 15 -22.33 -8.82 47.81
N PHE D 16 -21.69 -9.71 47.08
CA PHE D 16 -20.46 -10.38 47.54
C PHE D 16 -19.29 -9.45 47.24
N THR D 17 -18.36 -9.40 48.20
CA THR D 17 -17.06 -8.68 48.07
C THR D 17 -15.96 -9.72 48.30
N LEU D 18 -14.82 -9.53 47.67
CA LEU D 18 -13.64 -10.39 47.92
C LEU D 18 -12.62 -9.55 48.66
N PRO D 19 -11.59 -10.15 49.29
CA PRO D 19 -10.45 -9.40 49.76
C PRO D 19 -9.75 -8.69 48.59
N VAL D 20 -9.15 -7.55 48.89
CA VAL D 20 -8.47 -6.69 47.89
C VAL D 20 -7.69 -7.55 46.90
N ARG D 21 -6.74 -8.41 47.32
CA ARG D 21 -5.91 -9.08 46.31
C ARG D 21 -6.83 -9.83 45.31
N LEU D 22 -7.92 -10.46 45.76
CA LEU D 22 -8.77 -11.32 44.87
C LEU D 22 -9.62 -10.40 43.99
N CYS D 23 -10.21 -9.38 44.59
CA CYS D 23 -10.98 -8.31 43.89
C CYS D 23 -10.12 -7.74 42.77
N LYS D 24 -8.84 -7.49 43.00
CA LYS D 24 -7.96 -6.99 41.92
C LYS D 24 -7.63 -8.12 40.93
N GLU D 25 -7.23 -9.31 41.42
CA GLU D 25 -6.55 -10.31 40.55
C GLU D 25 -7.58 -11.15 39.80
N ILE D 26 -8.83 -11.18 40.27
CA ILE D 26 -9.88 -11.99 39.61
C ILE D 26 -10.14 -11.47 38.20
N GLU D 27 -9.76 -10.24 37.89
CA GLU D 27 -9.99 -9.65 36.55
C GLU D 27 -8.89 -10.15 35.61
N LEU D 28 -7.80 -10.74 36.11
CA LEU D 28 -6.72 -11.22 35.20
C LEU D 28 -7.12 -12.60 34.64
N PHE D 29 -6.89 -12.88 33.36
CA PHE D 29 -7.16 -14.21 32.77
C PHE D 29 -6.44 -15.28 33.62
N HIS D 30 -5.24 -15.02 34.13
CA HIS D 30 -4.41 -16.10 34.72
C HIS D 30 -4.71 -16.27 36.22
N PHE D 31 -5.71 -15.59 36.77
CA PHE D 31 -6.11 -15.77 38.18
C PHE D 31 -6.25 -17.26 38.52
N ASP D 32 -5.79 -17.63 39.71
CA ASP D 32 -5.99 -18.98 40.28
C ASP D 32 -6.95 -18.76 41.46
N ILE D 33 -8.00 -19.58 41.58
CA ILE D 33 -9.06 -19.39 42.63
C ILE D 33 -8.57 -19.86 44.02
N GLY D 34 -7.36 -20.42 44.11
CA GLY D 34 -6.74 -20.74 45.42
C GLY D 34 -7.22 -22.06 46.00
N PRO D 35 -6.66 -22.48 47.16
CA PRO D 35 -6.91 -23.80 47.75
C PRO D 35 -8.03 -23.85 48.81
N PHE D 36 -8.71 -22.75 49.07
CA PHE D 36 -9.82 -22.66 50.07
C PHE D 36 -11.16 -22.95 49.38
N GLU D 37 -11.51 -24.23 49.25
CA GLU D 37 -12.80 -24.76 48.76
C GLU D 37 -13.96 -23.88 49.20
N ASN D 38 -14.01 -23.47 50.46
CA ASN D 38 -15.21 -22.79 51.02
C ASN D 38 -15.35 -21.40 50.43
N MET D 39 -14.32 -20.84 49.82
CA MET D 39 -14.45 -19.51 49.17
C MET D 39 -14.97 -19.65 47.71
N TRP D 40 -14.98 -20.84 47.12
CA TRP D 40 -15.23 -20.92 45.66
C TRP D 40 -16.67 -20.54 45.35
N PRO D 41 -17.70 -20.93 46.12
CA PRO D 41 -19.07 -20.49 45.79
C PRO D 41 -19.25 -18.96 45.77
N GLY D 42 -18.67 -18.28 46.74
CA GLY D 42 -18.73 -16.80 46.83
C GLY D 42 -18.00 -16.15 45.66
N ILE D 43 -16.89 -16.74 45.22
CA ILE D 43 -16.13 -16.26 44.03
C ILE D 43 -17.06 -16.39 42.80
N PHE D 44 -17.78 -17.50 42.70
CA PHE D 44 -18.73 -17.73 41.59
C PHE D 44 -19.87 -16.73 41.67
N VAL D 45 -20.51 -16.57 42.82
CA VAL D 45 -21.61 -15.58 42.93
C VAL D 45 -21.09 -14.19 42.55
N TYR D 46 -19.89 -13.82 43.00
CA TYR D 46 -19.26 -12.51 42.74
C TYR D 46 -19.19 -12.31 41.24
N MET D 47 -18.72 -13.33 40.51
CA MET D 47 -18.55 -13.26 39.05
C MET D 47 -19.91 -13.11 38.36
N VAL D 48 -20.94 -13.84 38.79
CA VAL D 48 -22.30 -13.81 38.21
C VAL D 48 -22.90 -12.40 38.44
N HIS D 49 -22.65 -11.80 39.61
CA HIS D 49 -23.17 -10.44 39.92
C HIS D 49 -22.55 -9.41 38.98
N ARG D 50 -21.23 -9.41 38.80
CA ARG D 50 -20.55 -8.40 37.94
C ARG D 50 -20.78 -8.69 36.45
N SER D 51 -21.03 -9.94 36.08
CA SER D 51 -20.91 -10.41 34.69
C SER D 51 -22.30 -10.35 34.03
N CYS D 52 -23.29 -10.74 34.82
CA CYS D 52 -24.72 -10.87 34.43
C CYS D 52 -25.50 -9.70 35.05
N GLY D 53 -25.38 -9.50 36.37
CA GLY D 53 -26.14 -8.48 37.14
C GLY D 53 -26.66 -9.04 38.45
N THR D 54 -26.92 -8.17 39.43
CA THR D 54 -27.33 -8.54 40.82
C THR D 54 -28.71 -9.21 40.79
N SER D 55 -29.49 -8.94 39.75
CA SER D 55 -30.90 -9.37 39.63
C SER D 55 -31.07 -10.51 38.61
N CYS D 56 -30.01 -11.04 38.00
CA CYS D 56 -30.12 -12.18 37.07
C CYS D 56 -30.74 -13.39 37.77
N PHE D 57 -30.30 -13.68 39.00
CA PHE D 57 -30.76 -14.87 39.75
C PHE D 57 -31.17 -14.40 41.14
N GLU D 58 -32.18 -15.07 41.67
CA GLU D 58 -32.62 -15.00 43.07
C GLU D 58 -31.52 -15.68 43.91
N LEU D 59 -30.96 -14.96 44.89
CA LEU D 59 -29.76 -15.39 45.65
C LEU D 59 -29.94 -16.74 46.33
N GLU D 60 -31.08 -17.03 46.96
CA GLU D 60 -31.28 -18.31 47.69
C GLU D 60 -31.32 -19.48 46.70
N LYS D 61 -32.01 -19.33 45.58
CA LYS D 61 -32.08 -20.38 44.52
C LYS D 61 -30.69 -20.62 43.93
N LEU D 62 -29.96 -19.53 43.63
CA LEU D 62 -28.57 -19.55 43.10
C LEU D 62 -27.71 -20.33 44.09
N CME D 63 -27.75 -19.99 45.37
CA CME D 63 -26.91 -20.61 46.41
CB CME D 63 -26.89 -19.85 47.73
SG CME D 63 -25.84 -18.37 47.71
SD CME D 63 -23.87 -19.01 47.56
CE CME D 63 -23.56 -20.03 49.03
CZ CME D 63 -22.55 -19.40 49.96
OH CME D 63 -22.15 -20.31 50.95
C CME D 63 -27.28 -22.09 46.53
O CME D 63 -26.36 -22.93 46.53
N ARG D 64 -28.55 -22.45 46.54
CA ARG D 64 -28.83 -23.89 46.71
C ARG D 64 -28.44 -24.63 45.42
N PHE D 65 -28.59 -24.01 44.25
CA PHE D 65 -28.15 -24.58 42.94
C PHE D 65 -26.64 -24.90 42.97
N ILE D 66 -25.85 -23.92 43.34
CA ILE D 66 -24.36 -24.07 43.41
C ILE D 66 -23.97 -25.23 44.35
N MET D 67 -24.61 -25.35 45.51
CA MET D 67 -24.28 -26.38 46.53
C MET D 67 -24.70 -27.77 46.03
N SER D 68 -25.77 -27.85 45.24
CA SER D 68 -26.19 -29.13 44.60
C SER D 68 -25.21 -29.49 43.46
N VAL D 69 -24.83 -28.51 42.67
CA VAL D 69 -23.81 -28.74 41.60
C VAL D 69 -22.53 -29.27 42.23
N LYS D 70 -21.99 -28.56 43.21
CA LYS D 70 -20.79 -29.01 43.96
C LYS D 70 -20.95 -30.47 44.41
N LYS D 71 -22.08 -30.80 45.02
CA LYS D 71 -22.28 -32.13 45.63
C LYS D 71 -22.19 -33.18 44.52
N ASN D 72 -22.47 -32.86 43.25
CA ASN D 72 -22.51 -33.86 42.15
C ASN D 72 -21.24 -33.83 41.32
N TYR D 73 -20.20 -33.12 41.78
CA TYR D 73 -18.80 -33.40 41.34
C TYR D 73 -18.14 -34.37 42.31
N ARG D 74 -17.23 -35.19 41.81
CA ARG D 74 -16.58 -36.28 42.57
C ARG D 74 -15.17 -35.84 42.91
N ARG D 75 -14.58 -36.55 43.86
CA ARG D 75 -13.24 -36.29 44.42
C ARG D 75 -12.23 -36.97 43.50
N VAL D 76 -12.07 -36.45 42.30
CA VAL D 76 -11.11 -36.99 41.31
C VAL D 76 -10.00 -35.95 41.20
N PRO D 77 -8.83 -36.34 40.70
CA PRO D 77 -7.68 -35.43 40.77
C PRO D 77 -7.85 -34.13 39.93
N TYR D 78 -8.60 -34.16 38.84
CA TYR D 78 -8.64 -33.03 37.88
C TYR D 78 -10.06 -32.62 37.53
N HIS D 79 -10.92 -33.55 37.13
CA HIS D 79 -12.33 -33.23 36.70
C HIS D 79 -13.26 -33.05 37.90
N ASN D 80 -12.97 -32.04 38.72
CA ASN D 80 -13.57 -31.87 40.06
C ASN D 80 -14.15 -30.46 40.19
N TRP D 81 -14.74 -30.19 41.34
CA TRP D 81 -15.40 -28.89 41.62
C TRP D 81 -14.45 -27.72 41.31
N LYS D 82 -13.15 -27.86 41.63
CA LYS D 82 -12.17 -26.77 41.43
C LYS D 82 -12.08 -26.45 39.93
N HIS D 83 -12.01 -27.48 39.08
CA HIS D 83 -11.98 -27.34 37.60
C HIS D 83 -13.24 -26.61 37.12
N ALA D 84 -14.41 -26.93 37.67
CA ALA D 84 -15.71 -26.26 37.31
C ALA D 84 -15.63 -24.74 37.56
N VAL D 85 -15.17 -24.30 38.71
CA VAL D 85 -15.14 -22.86 39.06
C VAL D 85 -14.01 -22.19 38.24
N THR D 86 -12.89 -22.87 38.02
CA THR D 86 -11.75 -22.38 37.20
C THR D 86 -12.26 -22.11 35.79
N VAL D 87 -12.95 -23.07 35.20
CA VAL D 87 -13.50 -22.91 33.83
C VAL D 87 -14.49 -21.75 33.82
N ALA D 88 -15.32 -21.63 34.84
CA ALA D 88 -16.28 -20.51 34.93
C ALA D 88 -15.53 -19.16 35.02
N HIS D 89 -14.46 -19.10 35.77
CA HIS D 89 -13.65 -17.87 35.93
C HIS D 89 -13.14 -17.41 34.55
N CYS D 90 -12.62 -18.34 33.72
CA CYS D 90 -12.11 -18.00 32.37
C CYS D 90 -13.25 -17.39 31.55
N MET D 91 -14.48 -17.91 31.66
CA MET D 91 -15.64 -17.41 30.89
C MET D 91 -15.95 -16.01 31.42
N TYR D 92 -16.00 -15.84 32.74
CA TYR D 92 -16.09 -14.51 33.40
C TYR D 92 -15.12 -13.51 32.71
N ALA D 93 -13.83 -13.85 32.61
CA ALA D 93 -12.83 -12.91 32.07
C ALA D 93 -13.15 -12.63 30.61
N ILE D 94 -13.49 -13.65 29.82
CA ILE D 94 -13.87 -13.46 28.39
C ILE D 94 -15.07 -12.49 28.35
N LEU D 95 -16.10 -12.76 29.16
CA LEU D 95 -17.33 -11.92 29.08
C LEU D 95 -16.99 -10.49 29.50
N GLN D 96 -16.25 -10.29 30.58
CA GLN D 96 -16.05 -8.91 31.09
C GLN D 96 -15.27 -8.10 30.04
N ASN D 97 -14.43 -8.73 29.21
CA ASN D 97 -13.48 -8.03 28.31
C ASN D 97 -14.05 -7.99 26.89
N ASN D 98 -15.21 -8.60 26.66
CA ASN D 98 -15.96 -8.58 25.39
C ASN D 98 -17.44 -8.23 25.65
N HIS D 99 -17.72 -7.27 26.55
CA HIS D 99 -19.03 -7.17 27.24
C HIS D 99 -20.17 -6.70 26.31
N THR D 100 -19.86 -5.96 25.25
CA THR D 100 -20.88 -5.48 24.27
C THR D 100 -21.29 -6.60 23.33
N LEU D 101 -20.56 -7.73 23.25
CA LEU D 101 -20.80 -8.77 22.20
C LEU D 101 -21.92 -9.75 22.61
N PHE D 102 -22.23 -9.95 23.90
CA PHE D 102 -23.14 -11.06 24.33
C PHE D 102 -24.52 -10.56 24.75
N THR D 103 -25.54 -11.36 24.46
CA THR D 103 -26.95 -11.11 24.86
C THR D 103 -27.08 -11.37 26.35
N ASP D 104 -28.18 -10.92 26.95
CA ASP D 104 -28.54 -11.15 28.37
C ASP D 104 -28.64 -12.65 28.69
N LEU D 105 -29.26 -13.45 27.82
CA LEU D 105 -29.41 -14.93 28.01
C LEU D 105 -28.06 -15.63 27.86
N GLU D 106 -27.20 -15.16 26.95
CA GLU D 106 -25.83 -15.71 26.82
C GLU D 106 -25.08 -15.47 28.15
N ARG D 107 -25.15 -14.27 28.71
CA ARG D 107 -24.44 -13.98 29.98
C ARG D 107 -24.97 -14.94 31.08
N LYS D 108 -26.30 -14.99 31.30
CA LYS D 108 -26.97 -15.94 32.26
C LYS D 108 -26.54 -17.40 32.00
N GLY D 109 -26.55 -17.83 30.75
CA GLY D 109 -26.37 -19.24 30.35
C GLY D 109 -24.93 -19.72 30.51
N LEU D 110 -23.95 -18.90 30.13
CA LEU D 110 -22.58 -19.43 29.86
C LEU D 110 -21.85 -19.69 31.17
N LEU D 111 -22.01 -18.83 32.19
CA LEU D 111 -21.39 -19.10 33.50
C LEU D 111 -21.99 -20.39 34.09
N ILE D 112 -23.32 -20.54 34.03
CA ILE D 112 -23.98 -21.78 34.54
C ILE D 112 -23.42 -22.99 33.74
N ALA D 113 -23.32 -22.89 32.42
CA ALA D 113 -22.84 -24.03 31.60
C ALA D 113 -21.43 -24.41 32.03
N CYS D 114 -20.56 -23.42 32.25
CA CYS D 114 -19.15 -23.70 32.68
C CYS D 114 -19.17 -24.38 34.06
N LEU D 115 -20.01 -23.90 34.98
CA LEU D 115 -20.07 -24.53 36.34
C LEU D 115 -20.54 -25.98 36.24
N CYS D 116 -21.43 -26.29 35.30
CA CYS D 116 -22.07 -27.63 35.18
C CYS D 116 -21.35 -28.52 34.16
N HIS D 117 -20.36 -28.03 33.41
CA HIS D 117 -19.95 -28.67 32.12
C HIS D 117 -19.31 -30.05 32.32
N ASP D 118 -18.82 -30.36 33.52
CA ASP D 118 -18.25 -31.70 33.81
C ASP D 118 -18.98 -32.45 34.95
N LEU D 119 -20.27 -32.20 35.17
CA LEU D 119 -21.02 -32.79 36.34
C LEU D 119 -20.94 -34.33 36.34
N ASP D 120 -20.48 -34.91 37.45
CA ASP D 120 -20.51 -36.36 37.73
C ASP D 120 -19.49 -37.06 36.84
N HIS D 121 -18.42 -36.35 36.46
CA HIS D 121 -17.21 -36.91 35.80
C HIS D 121 -16.57 -37.95 36.73
N ARG D 122 -16.11 -39.08 36.18
CA ARG D 122 -15.44 -40.16 36.95
C ARG D 122 -13.93 -40.13 36.72
N GLY D 123 -13.45 -39.26 35.84
CA GLY D 123 -12.01 -39.15 35.52
C GLY D 123 -11.65 -40.06 34.36
N PHE D 124 -12.63 -40.50 33.57
CA PHE D 124 -12.42 -41.35 32.37
C PHE D 124 -12.99 -40.64 31.14
N SER D 125 -12.27 -40.72 30.02
CA SER D 125 -12.63 -40.27 28.66
C SER D 125 -13.83 -41.06 28.09
N ASN D 126 -14.47 -40.48 27.07
CA ASN D 126 -15.50 -41.17 26.25
C ASN D 126 -14.92 -42.48 25.72
N SER D 127 -13.67 -42.50 25.24
CA SER D 127 -13.05 -43.73 24.66
C SER D 127 -13.13 -44.86 25.70
N TYR D 128 -12.73 -44.59 26.94
CA TYR D 128 -12.65 -45.65 27.95
C TYR D 128 -14.09 -46.15 28.23
N LEU D 129 -15.08 -45.26 28.39
CA LEU D 129 -16.47 -45.73 28.67
C LEU D 129 -16.88 -46.68 27.55
N GLN D 130 -16.49 -46.34 26.32
CA GLN D 130 -16.89 -47.10 25.10
C GLN D 130 -16.21 -48.46 25.12
N LYS D 131 -14.91 -48.53 25.46
CA LYS D 131 -14.16 -49.81 25.52
C LYS D 131 -14.62 -50.66 26.69
N PHE D 132 -14.96 -50.04 27.81
CA PHE D 132 -15.43 -50.77 28.99
C PHE D 132 -16.81 -51.37 28.69
N ASP D 133 -17.55 -50.72 27.77
CA ASP D 133 -18.97 -51.03 27.44
C ASP D 133 -19.84 -50.54 28.60
N HIS D 134 -19.53 -49.33 29.09
CA HIS D 134 -20.28 -48.63 30.16
C HIS D 134 -21.70 -48.37 29.69
N PRO D 135 -22.73 -48.50 30.56
CA PRO D 135 -24.11 -48.20 30.16
C PRO D 135 -24.26 -46.80 29.54
N LEU D 136 -23.50 -45.82 30.02
CA LEU D 136 -23.63 -44.47 29.41
C LEU D 136 -23.27 -44.49 27.91
N ALA D 137 -22.36 -45.35 27.45
CA ALA D 137 -21.94 -45.38 26.03
C ALA D 137 -23.05 -45.99 25.19
N ALA D 138 -23.94 -46.77 25.81
CA ALA D 138 -25.14 -47.28 25.13
C ALA D 138 -26.19 -46.18 24.98
N LEU D 139 -26.44 -45.41 26.03
CA LEU D 139 -27.47 -44.33 26.06
C LEU D 139 -27.07 -43.15 25.15
N TYR D 140 -25.76 -42.88 25.02
CA TYR D 140 -25.16 -41.67 24.39
C TYR D 140 -23.96 -42.09 23.55
N SER D 141 -24.16 -42.24 22.24
CA SER D 141 -23.21 -42.93 21.33
C SER D 141 -22.04 -42.00 20.99
N THR D 142 -22.25 -40.70 20.93
CA THR D 142 -21.19 -39.68 20.80
C THR D 142 -21.29 -38.63 21.91
N SER D 143 -20.19 -37.93 22.16
CA SER D 143 -20.05 -36.96 23.28
C SER D 143 -20.63 -37.59 24.56
N THR D 144 -20.24 -38.82 24.85
CA THR D 144 -20.91 -39.67 25.87
C THR D 144 -20.99 -38.92 27.21
N MET D 145 -19.85 -38.54 27.77
CA MET D 145 -19.82 -37.87 29.09
C MET D 145 -20.53 -36.51 29.00
N GLU D 146 -20.42 -35.79 27.88
CA GLU D 146 -20.99 -34.42 27.75
C GLU D 146 -22.53 -34.44 27.74
N GLN D 147 -23.12 -35.44 27.10
CA GLN D 147 -24.60 -35.56 27.13
C GLN D 147 -25.00 -35.92 28.56
N HIS D 148 -24.20 -36.76 29.25
CA HIS D 148 -24.44 -37.06 30.68
C HIS D 148 -24.35 -35.76 31.49
N HIS D 149 -23.33 -34.92 31.26
CA HIS D 149 -23.16 -33.67 32.04
C HIS D 149 -24.42 -32.79 31.90
N PHE D 150 -24.93 -32.67 30.67
CA PHE D 150 -26.10 -31.81 30.39
C PHE D 150 -27.33 -32.42 31.10
N SER D 151 -27.49 -33.75 31.06
CA SER D 151 -28.59 -34.49 31.72
C SER D 151 -28.61 -34.19 33.21
N GLN D 152 -27.43 -34.22 33.84
CA GLN D 152 -27.26 -33.95 35.29
C GLN D 152 -27.66 -32.52 35.58
N THR D 153 -27.27 -31.57 34.70
CA THR D 153 -27.61 -30.15 34.84
C THR D 153 -29.14 -29.98 34.88
N VAL D 154 -29.85 -30.60 33.93
CA VAL D 154 -31.35 -30.49 33.88
C VAL D 154 -31.91 -31.12 35.18
N SER D 155 -31.37 -32.25 35.62
CA SER D 155 -31.84 -32.91 36.87
C SER D 155 -31.76 -31.93 38.03
N ILE D 156 -30.62 -31.28 38.21
CA ILE D 156 -30.42 -30.31 39.31
C ILE D 156 -31.39 -29.14 39.15
N LEU D 157 -31.58 -28.62 37.92
CA LEU D 157 -32.47 -27.45 37.71
C LEU D 157 -33.91 -27.78 38.07
N GLN D 158 -34.29 -29.06 38.02
CA GLN D 158 -35.70 -29.49 38.26
C GLN D 158 -35.88 -29.84 39.73
N LEU D 159 -34.80 -29.89 40.51
CA LEU D 159 -34.89 -30.06 41.98
C LEU D 159 -35.72 -28.94 42.57
N GLU D 160 -36.50 -29.27 43.60
CA GLU D 160 -37.38 -28.30 44.30
C GLU D 160 -36.53 -27.11 44.75
N GLY D 161 -36.95 -25.89 44.38
CA GLY D 161 -36.32 -24.61 44.78
C GLY D 161 -34.98 -24.35 44.08
N HIS D 162 -34.61 -25.12 43.06
CA HIS D 162 -33.31 -24.98 42.35
C HIS D 162 -33.47 -24.29 40.99
N ASN D 163 -34.69 -23.92 40.56
CA ASN D 163 -34.83 -23.34 39.20
C ASN D 163 -34.51 -21.83 39.19
N ILE D 164 -33.23 -21.54 38.91
CA ILE D 164 -32.63 -20.19 38.86
C ILE D 164 -33.14 -19.44 37.61
N PHE D 165 -33.80 -20.11 36.68
CA PHE D 165 -34.35 -19.45 35.47
C PHE D 165 -35.88 -19.30 35.55
N SER D 166 -36.47 -19.37 36.74
CA SER D 166 -37.94 -19.28 36.97
C SER D 166 -38.52 -17.95 36.49
N THR D 167 -37.79 -16.83 36.52
CA THR D 167 -38.35 -15.52 36.09
C THR D 167 -38.27 -15.38 34.55
N LEU D 168 -37.77 -16.38 33.82
CA LEU D 168 -37.68 -16.30 32.34
C LEU D 168 -39.03 -16.74 31.74
N SER D 169 -39.49 -16.07 30.69
CA SER D 169 -40.59 -16.60 29.84
C SER D 169 -40.29 -18.06 29.46
N SER D 170 -41.30 -18.79 28.98
CA SER D 170 -41.20 -20.21 28.52
C SER D 170 -40.25 -20.29 27.31
N SER D 171 -40.19 -19.21 26.54
CA SER D 171 -39.38 -19.11 25.30
C SER D 171 -37.91 -18.82 25.63
N GLU D 172 -37.70 -17.84 26.50
CA GLU D 172 -36.36 -17.47 27.01
C GLU D 172 -35.77 -18.68 27.73
N TYR D 173 -36.58 -19.43 28.48
CA TYR D 173 -36.14 -20.62 29.25
C TYR D 173 -35.57 -21.65 28.26
N GLU D 174 -36.30 -21.99 27.21
CA GLU D 174 -35.85 -23.08 26.33
C GLU D 174 -34.65 -22.59 25.51
N GLN D 175 -34.55 -21.30 25.32
CA GLN D 175 -33.40 -20.68 24.61
C GLN D 175 -32.15 -20.78 25.51
N VAL D 176 -32.27 -20.45 26.80
CA VAL D 176 -31.09 -20.48 27.70
C VAL D 176 -30.67 -21.94 27.88
N LEU D 177 -31.62 -22.88 27.98
CA LEU D 177 -31.28 -24.33 28.11
C LEU D 177 -30.57 -24.80 26.86
N GLU D 178 -30.97 -24.27 25.71
CA GLU D 178 -30.30 -24.60 24.43
C GLU D 178 -28.88 -23.97 24.34
N ILE D 179 -28.64 -22.77 24.82
CA ILE D 179 -27.27 -22.19 24.92
C ILE D 179 -26.44 -23.14 25.79
N ILE D 180 -27.05 -23.61 26.89
CA ILE D 180 -26.29 -24.41 27.89
C ILE D 180 -25.94 -25.76 27.27
N ARG D 181 -26.92 -26.37 26.63
CA ARG D 181 -26.75 -27.70 26.01
C ARG D 181 -25.59 -27.64 24.98
N LYS D 182 -25.66 -26.73 24.03
CA LYS D 182 -24.61 -26.59 22.98
C LYS D 182 -23.24 -26.31 23.60
N ALA D 183 -23.19 -25.43 24.59
CA ALA D 183 -21.95 -25.03 25.26
C ALA D 183 -21.30 -26.26 25.93
N ILE D 184 -22.08 -27.12 26.60
CA ILE D 184 -21.54 -28.30 27.34
C ILE D 184 -21.09 -29.35 26.33
N ILE D 185 -21.90 -29.61 25.33
CA ILE D 185 -21.52 -30.54 24.22
C ILE D 185 -20.23 -30.03 23.58
N ALA D 186 -20.05 -28.72 23.43
CA ALA D 186 -18.87 -28.16 22.70
C ALA D 186 -17.56 -28.49 23.44
N THR D 187 -17.64 -28.83 24.75
CA THR D 187 -16.46 -29.24 25.54
C THR D 187 -15.95 -30.64 25.19
N ASP D 188 -16.66 -31.37 24.34
CA ASP D 188 -16.13 -32.63 23.76
C ASP D 188 -15.01 -32.21 22.81
N LEU D 189 -13.77 -32.41 23.19
CA LEU D 189 -12.62 -31.97 22.36
C LEU D 189 -12.65 -32.64 20.97
N ALA D 190 -13.22 -33.82 20.82
CA ALA D 190 -13.36 -34.44 19.48
C ALA D 190 -14.03 -33.47 18.49
N LEU D 191 -14.98 -32.65 18.96
CA LEU D 191 -15.76 -31.71 18.12
C LEU D 191 -15.00 -30.38 17.89
N TYR D 192 -14.10 -30.00 18.81
CA TYR D 192 -13.30 -28.76 18.75
C TYR D 192 -12.56 -28.70 17.40
N PHE D 193 -11.94 -29.79 16.97
CA PHE D 193 -10.96 -29.73 15.83
C PHE D 193 -11.63 -29.19 14.56
N GLY D 194 -12.80 -29.76 14.20
CA GLY D 194 -13.72 -29.32 13.11
C GLY D 194 -14.24 -27.91 13.35
N ASN D 195 -14.58 -27.55 14.60
CA ASN D 195 -15.18 -26.22 14.91
C ASN D 195 -14.10 -25.13 14.68
N ARG D 196 -12.86 -25.37 15.06
CA ARG D 196 -11.78 -24.35 14.94
C ARG D 196 -11.46 -24.12 13.45
N LYS D 197 -11.42 -25.20 12.67
CA LYS D 197 -11.13 -25.18 11.22
C LYS D 197 -12.21 -24.39 10.51
N GLN D 198 -13.48 -24.67 10.76
CA GLN D 198 -14.60 -23.87 10.19
C GLN D 198 -14.46 -22.39 10.57
N LEU D 199 -14.25 -22.03 11.84
CA LEU D 199 -14.17 -20.63 12.30
C LEU D 199 -12.96 -19.92 11.65
N GLU D 200 -11.85 -20.66 11.49
CA GLU D 200 -10.60 -20.10 10.92
C GLU D 200 -10.91 -19.65 9.50
N GLU D 201 -11.53 -20.53 8.72
CA GLU D 201 -11.90 -20.26 7.31
C GLU D 201 -12.89 -19.09 7.29
N MET D 202 -13.91 -19.11 8.14
CA MET D 202 -14.92 -18.04 8.12
C MET D 202 -14.27 -16.71 8.49
N TYR D 203 -13.46 -16.67 9.55
CA TYR D 203 -12.84 -15.41 10.02
C TYR D 203 -11.87 -14.85 8.95
N GLN D 204 -11.01 -15.67 8.37
CA GLN D 204 -9.93 -15.30 7.42
C GLN D 204 -10.51 -14.82 6.10
N THR D 205 -11.53 -15.50 5.58
CA THR D 205 -12.27 -15.12 4.35
C THR D 205 -13.29 -14.01 4.63
N GLY D 206 -13.51 -13.62 5.88
CA GLY D 206 -14.40 -12.48 6.18
C GLY D 206 -15.89 -12.82 6.15
N SER D 207 -16.30 -14.08 6.03
CA SER D 207 -17.75 -14.47 6.11
C SER D 207 -18.26 -14.58 7.57
N LEU D 208 -17.41 -14.63 8.60
CA LEU D 208 -17.90 -14.75 10.00
C LEU D 208 -18.85 -13.59 10.26
N ASN D 209 -20.05 -13.89 10.73
CA ASN D 209 -21.14 -12.91 11.01
C ASN D 209 -21.79 -13.28 12.34
N LEU D 210 -21.56 -12.49 13.37
CA LEU D 210 -22.12 -12.72 14.74
C LEU D 210 -23.64 -12.46 14.78
N ASN D 211 -24.30 -12.12 13.68
CA ASN D 211 -25.78 -11.94 13.64
C ASN D 211 -26.40 -13.25 13.17
N ASN D 212 -25.56 -14.18 12.74
CA ASN D 212 -25.99 -15.53 12.30
C ASN D 212 -25.89 -16.44 13.52
N GLN D 213 -27.02 -16.95 14.03
CA GLN D 213 -27.04 -17.79 15.27
C GLN D 213 -26.07 -18.96 15.11
N SER D 214 -25.97 -19.53 13.92
CA SER D 214 -25.11 -20.68 13.62
C SER D 214 -23.63 -20.32 13.83
N HIS D 215 -23.26 -19.08 13.48
CA HIS D 215 -21.90 -18.54 13.68
C HIS D 215 -21.70 -18.29 15.18
N ARG D 216 -22.69 -17.69 15.84
CA ARG D 216 -22.62 -17.40 17.29
C ARG D 216 -22.35 -18.71 18.05
N ASP D 217 -23.10 -19.78 17.73
CA ASP D 217 -22.93 -21.10 18.37
C ASP D 217 -21.47 -21.57 18.20
N ARG D 218 -20.90 -21.42 17.01
CA ARG D 218 -19.50 -21.87 16.78
C ARG D 218 -18.55 -21.08 17.69
N VAL D 219 -18.73 -19.74 17.72
CA VAL D 219 -17.85 -18.87 18.55
C VAL D 219 -18.02 -19.28 20.03
N ILE D 220 -19.25 -19.51 20.49
CA ILE D 220 -19.43 -19.95 21.91
C ILE D 220 -18.73 -21.29 22.11
N GLY D 221 -18.79 -22.16 21.09
CA GLY D 221 -18.15 -23.46 21.13
C GLY D 221 -16.68 -23.35 21.42
N LEU D 222 -16.00 -22.48 20.66
CA LEU D 222 -14.55 -22.21 20.79
C LEU D 222 -14.31 -21.55 22.14
N MET D 223 -15.18 -20.64 22.58
CA MET D 223 -15.00 -20.05 23.94
C MET D 223 -14.99 -21.18 25.01
N MET D 224 -15.90 -22.15 24.89
CA MET D 224 -16.01 -23.29 25.84
C MET D 224 -14.70 -24.10 25.81
N THR D 225 -14.14 -24.41 24.62
CA THR D 225 -12.85 -25.16 24.53
C THR D 225 -11.77 -24.34 25.25
N ALA D 226 -11.65 -23.05 24.94
CA ALA D 226 -10.68 -22.09 25.52
C ALA D 226 -10.81 -22.08 27.04
N CYS D 227 -12.01 -21.99 27.58
CA CYS D 227 -12.24 -22.01 29.05
C CYS D 227 -11.90 -23.39 29.62
N ASP D 228 -12.30 -24.44 28.92
CA ASP D 228 -12.09 -25.82 29.38
C ASP D 228 -10.59 -26.11 29.51
N LEU D 229 -9.76 -25.51 28.63
CA LEU D 229 -8.32 -25.85 28.60
C LEU D 229 -7.51 -24.83 29.40
N CYS D 230 -8.16 -23.86 30.08
CA CYS D 230 -7.53 -22.63 30.58
C CYS D 230 -6.41 -22.92 31.61
N SER D 231 -6.22 -24.17 32.09
CA SER D 231 -5.08 -24.50 32.98
C SER D 231 -3.73 -24.42 32.25
N VAL D 232 -3.71 -24.47 30.92
CA VAL D 232 -2.47 -24.21 30.11
C VAL D 232 -2.26 -22.71 29.86
N THR D 233 -3.08 -21.85 30.46
CA THR D 233 -3.01 -20.39 30.27
C THR D 233 -2.75 -19.69 31.60
N LYS D 234 -2.33 -20.44 32.61
CA LYS D 234 -1.97 -19.91 33.93
C LYS D 234 -0.46 -19.67 33.97
N LEU D 235 0.01 -19.04 35.05
CA LEU D 235 1.46 -18.85 35.23
C LEU D 235 2.08 -20.24 35.41
N TRP D 236 3.32 -20.42 34.96
CA TRP D 236 4.02 -21.71 34.91
C TRP D 236 3.88 -22.52 36.20
N PRO D 237 4.11 -22.00 37.41
CA PRO D 237 3.95 -22.82 38.62
C PRO D 237 2.54 -23.44 38.76
N VAL D 238 1.48 -22.72 38.34
CA VAL D 238 0.07 -23.23 38.37
C VAL D 238 -0.08 -24.32 37.30
N THR D 239 0.38 -24.04 36.07
CA THR D 239 0.21 -24.97 34.93
C THR D 239 0.97 -26.27 35.22
N LYS D 240 2.23 -26.20 35.66
CA LYS D 240 3.06 -27.41 35.89
C LYS D 240 2.39 -28.25 36.99
N LEU D 241 1.86 -27.62 38.04
CA LEU D 241 1.20 -28.36 39.13
C LEU D 241 -0.14 -28.95 38.66
N THR D 242 -0.87 -28.28 37.75
CA THR D 242 -2.18 -28.80 37.26
C THR D 242 -1.91 -29.97 36.30
N ALA D 243 -0.83 -29.91 35.51
CA ALA D 243 -0.40 -31.04 34.63
C ALA D 243 -0.33 -32.35 35.46
N ASN D 244 0.13 -32.30 36.71
CA ASN D 244 0.22 -33.52 37.58
C ASN D 244 -1.17 -34.07 37.87
N ASP D 245 -2.12 -33.18 38.17
CA ASP D 245 -3.52 -33.58 38.46
C ASP D 245 -4.10 -34.32 37.23
N ILE D 246 -3.99 -33.72 36.05
CA ILE D 246 -4.63 -34.34 34.87
C ILE D 246 -3.89 -35.63 34.55
N TYR D 247 -2.58 -35.73 34.78
CA TYR D 247 -1.84 -36.98 34.47
C TYR D 247 -2.19 -38.04 35.53
N ALA D 248 -2.58 -37.65 36.73
CA ALA D 248 -3.03 -38.65 37.73
C ALA D 248 -4.22 -39.39 37.13
N GLU D 249 -5.16 -38.65 36.51
CA GLU D 249 -6.32 -39.25 35.83
C GLU D 249 -5.89 -40.07 34.61
N PHE D 250 -5.11 -39.48 33.71
CA PHE D 250 -4.66 -40.18 32.48
C PHE D 250 -4.06 -41.55 32.84
N TRP D 251 -3.16 -41.57 33.81
CA TRP D 251 -2.44 -42.82 34.19
C TRP D 251 -3.43 -43.85 34.76
N ALA D 252 -4.34 -43.41 35.64
CA ALA D 252 -5.44 -44.28 36.16
C ALA D 252 -6.26 -44.83 34.98
N GLU D 253 -6.55 -44.03 33.95
CA GLU D 253 -7.31 -44.52 32.75
C GLU D 253 -6.41 -45.50 32.00
N GLY D 254 -5.12 -45.23 31.89
CA GLY D 254 -4.19 -46.17 31.23
C GLY D 254 -4.21 -47.53 31.91
N ASP D 255 -4.15 -47.54 33.25
CA ASP D 255 -4.19 -48.76 34.10
C ASP D 255 -5.47 -49.55 33.79
N GLU D 256 -6.61 -48.88 33.82
CA GLU D 256 -7.91 -49.48 33.49
C GLU D 256 -7.88 -50.02 32.06
N MET D 257 -7.22 -49.32 31.11
CA MET D 257 -7.11 -49.80 29.70
C MET D 257 -6.30 -51.12 29.70
N LYS D 258 -5.19 -51.19 30.43
CA LYS D 258 -4.37 -52.43 30.55
C LYS D 258 -5.20 -53.53 31.21
N LYS D 259 -6.06 -53.20 32.17
CA LYS D 259 -6.93 -54.18 32.84
C LYS D 259 -7.90 -54.73 31.81
N LEU D 260 -8.22 -53.97 30.76
CA LEU D 260 -9.13 -54.48 29.68
C LEU D 260 -8.35 -55.26 28.60
N GLY D 261 -7.04 -55.46 28.74
CA GLY D 261 -6.20 -56.11 27.71
C GLY D 261 -5.89 -55.19 26.55
N ILE D 262 -5.95 -53.88 26.77
CA ILE D 262 -5.62 -52.85 25.74
C ILE D 262 -4.40 -52.03 26.19
N GLN D 263 -3.41 -51.91 25.31
CA GLN D 263 -2.19 -51.11 25.53
C GLN D 263 -2.61 -49.66 25.34
N PRO D 264 -2.56 -48.78 26.35
CA PRO D 264 -3.09 -47.42 26.18
C PRO D 264 -2.10 -46.62 25.32
N ILE D 265 -2.51 -45.45 24.84
CA ILE D 265 -1.62 -44.44 24.20
C ILE D 265 -0.63 -43.96 25.25
N PRO D 266 0.60 -43.56 24.84
CA PRO D 266 1.67 -43.19 25.79
C PRO D 266 1.30 -42.19 26.89
N MET D 267 0.55 -41.14 26.53
CA MET D 267 0.01 -40.06 27.41
C MET D 267 -0.63 -40.67 28.68
N MET D 268 -1.29 -41.83 28.55
CA MET D 268 -2.01 -42.50 29.67
C MET D 268 -1.16 -43.62 30.31
N ASP D 269 0.06 -43.87 29.84
CA ASP D 269 0.86 -45.02 30.32
C ASP D 269 1.82 -44.52 31.39
N ARG D 270 1.68 -44.97 32.63
CA ARG D 270 2.49 -44.45 33.75
C ARG D 270 3.89 -45.07 33.70
N ASP D 271 4.15 -46.06 32.83
CA ASP D 271 5.52 -46.59 32.61
C ASP D 271 6.25 -45.77 31.52
N LYS D 272 5.61 -44.71 31.01
CA LYS D 272 6.17 -43.82 29.96
C LYS D 272 6.24 -42.38 30.47
N LYS D 273 6.52 -42.15 31.76
CA LYS D 273 6.46 -40.81 32.39
C LYS D 273 7.48 -39.85 31.77
N ASP D 274 8.64 -40.36 31.37
CA ASP D 274 9.74 -39.61 30.73
C ASP D 274 9.29 -39.03 29.36
N GLU D 275 8.24 -39.57 28.73
CA GLU D 275 7.66 -39.08 27.45
C GLU D 275 6.68 -37.91 27.67
N VAL D 276 6.45 -37.48 28.92
CA VAL D 276 5.43 -36.43 29.25
C VAL D 276 5.84 -35.11 28.56
N PRO D 277 7.11 -34.65 28.68
CA PRO D 277 7.50 -33.36 28.12
C PRO D 277 7.23 -33.28 26.60
N GLN D 278 7.52 -34.35 25.87
CA GLN D 278 7.21 -34.45 24.42
C GLN D 278 5.68 -34.48 24.24
N GLY D 279 4.91 -35.14 25.11
CA GLY D 279 3.44 -35.17 24.99
C GLY D 279 2.85 -33.77 25.08
N GLN D 280 3.32 -32.97 26.01
CA GLN D 280 2.82 -31.60 26.28
C GLN D 280 3.16 -30.72 25.08
N LEU D 281 4.38 -30.89 24.58
CA LEU D 281 4.83 -30.16 23.38
C LEU D 281 3.79 -30.40 22.29
N GLY D 282 3.42 -31.67 22.04
CA GLY D 282 2.49 -32.06 20.96
C GLY D 282 1.07 -31.54 21.19
N PHE D 283 0.62 -31.51 22.45
CA PHE D 283 -0.72 -31.02 22.85
C PHE D 283 -0.77 -29.49 22.68
N TYR D 284 0.27 -28.76 23.10
CA TYR D 284 0.34 -27.30 22.89
C TYR D 284 0.34 -26.93 21.40
N ASN D 285 1.12 -27.67 20.60
CA ASN D 285 1.27 -27.43 19.13
C ASN D 285 0.00 -27.87 18.39
N ALA D 286 -0.59 -29.03 18.68
CA ALA D 286 -1.76 -29.55 17.92
C ALA D 286 -3.10 -29.03 18.48
N VAL D 287 -3.18 -28.59 19.73
CA VAL D 287 -4.52 -28.30 20.34
C VAL D 287 -4.56 -26.88 20.91
N ALA D 288 -3.79 -26.62 21.96
CA ALA D 288 -3.96 -25.39 22.78
C ALA D 288 -3.56 -24.14 21.96
N ILE D 289 -2.38 -24.11 21.34
CA ILE D 289 -1.92 -22.90 20.60
C ILE D 289 -2.94 -22.59 19.51
N PRO D 290 -3.32 -23.53 18.61
CA PRO D 290 -4.34 -23.20 17.60
C PRO D 290 -5.62 -22.63 18.24
N CYS D 291 -6.05 -23.24 19.36
CA CYS D 291 -7.31 -22.84 20.04
C CYS D 291 -7.26 -21.36 20.39
N TYR D 292 -6.28 -20.94 21.18
CA TYR D 292 -6.08 -19.55 21.68
C TYR D 292 -5.71 -18.61 20.50
N THR D 293 -5.00 -19.11 19.48
CA THR D 293 -4.69 -18.29 18.25
C THR D 293 -6.01 -17.90 17.56
N THR D 294 -6.85 -18.88 17.19
CA THR D 294 -8.17 -18.59 16.57
C THR D 294 -9.03 -17.71 17.51
N LEU D 295 -9.08 -17.98 18.81
CA LEU D 295 -9.98 -17.19 19.69
C LEU D 295 -9.50 -15.72 19.71
N THR D 296 -8.19 -15.51 19.72
CA THR D 296 -7.59 -14.14 19.78
C THR D 296 -7.96 -13.40 18.50
N GLN D 297 -7.94 -14.09 17.35
CA GLN D 297 -8.33 -13.53 16.03
C GLN D 297 -9.74 -12.97 16.21
N ILE D 298 -10.67 -13.73 16.78
CA ILE D 298 -12.12 -13.40 16.72
C ILE D 298 -12.46 -12.43 17.85
N LEU D 299 -11.87 -12.61 19.03
CA LEU D 299 -12.07 -11.77 20.25
C LEU D 299 -10.73 -11.28 20.78
N PRO D 300 -10.15 -10.25 20.14
CA PRO D 300 -8.81 -9.79 20.47
C PRO D 300 -8.53 -9.57 21.94
N PRO D 301 -9.49 -9.10 22.77
CA PRO D 301 -9.18 -8.92 24.19
C PRO D 301 -8.89 -10.24 24.96
N THR D 302 -8.96 -11.42 24.33
CA THR D 302 -8.60 -12.70 24.98
C THR D 302 -7.12 -13.04 24.77
N GLU D 303 -6.38 -12.16 24.08
CA GLU D 303 -4.95 -12.38 23.76
C GLU D 303 -4.17 -12.82 25.00
N PRO D 304 -4.40 -12.30 26.21
CA PRO D 304 -3.63 -12.76 27.36
C PRO D 304 -3.60 -14.29 27.54
N LEU D 305 -4.65 -14.99 27.13
CA LEU D 305 -4.67 -16.48 27.19
C LEU D 305 -3.60 -17.05 26.21
N LEU D 306 -3.53 -16.52 24.99
CA LEU D 306 -2.54 -17.00 23.97
C LEU D 306 -1.12 -16.73 24.49
N LYS D 307 -0.87 -15.51 24.96
CA LYS D 307 0.45 -15.11 25.55
C LYS D 307 0.89 -16.15 26.61
N ALA D 308 0.07 -16.38 27.62
CA ALA D 308 0.31 -17.35 28.71
C ALA D 308 0.51 -18.78 28.14
N CYS D 309 -0.33 -19.20 27.19
CA CYS D 309 -0.17 -20.50 26.53
C CYS D 309 1.23 -20.59 25.88
N ARG D 310 1.66 -19.55 25.15
CA ARG D 310 2.96 -19.57 24.42
C ARG D 310 4.10 -19.68 25.45
N ASP D 311 4.00 -18.94 26.56
CA ASP D 311 5.00 -18.98 27.65
C ASP D 311 5.12 -20.40 28.19
N ASN D 312 3.99 -21.07 28.45
CA ASN D 312 4.03 -22.45 29.03
C ASN D 312 4.64 -23.39 27.97
N LEU D 313 4.35 -23.23 26.67
CA LEU D 313 5.01 -24.04 25.58
C LEU D 313 6.53 -23.88 25.71
N SER D 314 7.04 -22.68 25.95
CA SER D 314 8.51 -22.46 26.01
C SER D 314 9.07 -22.96 27.35
N GLN D 315 8.28 -23.04 28.42
CA GLN D 315 8.73 -23.77 29.64
C GLN D 315 8.83 -25.27 29.34
N TRP D 316 7.88 -25.89 28.62
CA TRP D 316 8.00 -27.32 28.27
C TRP D 316 9.23 -27.56 27.35
N GLU D 317 9.55 -26.64 26.42
CA GLU D 317 10.77 -26.67 25.57
C GLU D 317 12.03 -26.65 26.45
N LYS D 318 12.09 -25.83 27.52
CA LYS D 318 13.20 -25.87 28.53
C LYS D 318 13.22 -27.18 29.33
N VAL D 319 12.07 -27.82 29.59
CA VAL D 319 12.07 -29.06 30.41
C VAL D 319 12.74 -30.13 29.56
N ILE D 320 12.48 -30.14 28.25
CA ILE D 320 13.05 -31.13 27.30
C ILE D 320 14.57 -30.98 27.23
N ARG D 321 15.23 -30.00 27.89
CA ARG D 321 16.72 -29.94 28.08
C ARG D 321 17.12 -29.69 29.55
N GLY D 322 17.13 -28.45 30.06
CA GLY D 322 17.50 -28.12 31.46
C GLY D 322 16.49 -27.20 32.14
ZN ZN E . 12.12 17.08 -28.29
MG MG F . 10.23 20.22 -28.19
C1 K4U G . -0.07 11.68 -35.96
S2 K4U G . 1.16 11.03 -35.00
C3 K4U G . 1.99 12.54 -35.05
N4 K4U G . 1.35 13.49 -35.82
C5 K4U G . 0.14 12.99 -36.32
C6 K4U G . -0.70 13.90 -37.19
N7 K4U G . -0.31 14.08 -38.55
C8 K4U G . 1.08 14.54 -38.71
C9 K4U G . 1.51 14.34 -40.15
C10 K4U G . 0.59 14.89 -41.18
C11 K4U G . -0.83 14.56 -40.86
C12 K4U G . -1.15 14.87 -39.46
N13 K4U G . 3.20 12.74 -34.40
N14 K4U G . 7.40 11.72 -32.31
C15 K4U G . 7.57 13.04 -32.17
C16 K4U G . 6.58 13.98 -32.60
N17 K4U G . 5.43 13.56 -33.14
C18 K4U G . 5.21 12.20 -33.22
C19 K4U G . 6.20 11.25 -32.79
N20 K4U G . 5.94 9.90 -32.87
C21 K4U G . 6.74 8.85 -32.36
C22 K4U G . 6.50 7.51 -32.78
N23 K4U G . 7.25 6.45 -32.34
C24 K4U G . 8.24 6.79 -31.48
N25 K4U G . 8.58 8.04 -31.00
C26 K4U G . 7.83 9.06 -31.46
C27 K4U G . 6.80 15.41 -32.49
C28 K4U G . 5.93 16.29 -33.29
C29 K4U G . 5.75 16.28 -31.82
C30 K4U G . 3.92 11.71 -33.84
O31 K4U G . 3.52 10.51 -33.92
ZN ZN H . 13.57 -9.98 -2.23
MG MG I . 16.62 -10.07 -4.30
C1 K4U J . 7.02 -18.01 -13.58
S2 K4U J . 6.43 -16.97 -12.40
C3 K4U J . 7.94 -16.94 -11.61
N4 K4U J . 8.91 -17.71 -12.22
C5 K4U J . 8.36 -18.28 -13.35
C6 K4U J . 9.20 -19.17 -14.21
N7 K4U J . 9.11 -20.58 -13.90
C8 K4U J . 9.87 -20.87 -12.70
C9 K4U J . 9.75 -22.33 -12.32
C10 K4U J . 9.78 -23.38 -13.41
C11 K4U J . 9.40 -22.96 -14.80
C12 K4U J . 9.43 -21.45 -15.04
N13 K4U J . 8.18 -16.20 -10.48
N14 K4U J . 7.56 -13.94 -6.29
C15 K4U J . 8.91 -13.89 -6.27
C16 K4U J . 9.78 -14.38 -7.34
N17 K4U J . 9.21 -14.94 -8.43
C18 K4U J . 7.84 -14.97 -8.50
C19 K4U J . 7.00 -14.48 -7.44
N20 K4U J . 5.63 -14.58 -7.61
C21 K4U J . 4.64 -14.01 -6.80
C22 K4U J . 3.24 -14.43 -6.91
N23 K4U J . 2.21 -13.94 -6.14
C24 K4U J . 2.63 -12.98 -5.23
N25 K4U J . 3.92 -12.50 -5.07
C26 K4U J . 4.93 -12.99 -5.84
C27 K4U J . 11.27 -14.28 -7.24
C28 K4U J . 12.25 -15.08 -8.07
C29 K4U J . 11.94 -13.70 -8.47
C30 K4U J . 7.23 -15.60 -9.70
O31 K4U J . 6.01 -15.71 -9.95
ZN ZN K . -12.34 17.15 -0.08
MG MG L . -12.09 15.18 3.09
C1 K4U M . -21.29 5.57 -4.93
S2 K4U M . -20.33 6.70 -5.77
C3 K4U M . -20.19 7.57 -4.26
N4 K4U M . -20.79 7.02 -3.17
C5 K4U M . -21.40 5.85 -3.57
C6 K4U M . -22.13 5.18 -2.51
N7 K4U M . -23.56 5.24 -2.69
C8 K4U M . -24.04 6.64 -2.44
C9 K4U M . -25.52 6.63 -2.59
C10 K4U M . -26.25 5.90 -1.57
C11 K4U M . -25.85 4.46 -1.79
C12 K4U M . -24.35 4.20 -2.00
N13 K4U M . -19.47 8.75 -4.09
N14 K4U M . -17.26 12.77 -5.12
C15 K4U M . -17.07 12.85 -3.80
C16 K4U M . -17.49 11.86 -2.86
N17 K4U M . -18.09 10.76 -3.35
C18 K4U M . -18.23 10.65 -4.68
C19 K4U M . -17.82 11.65 -5.62
N20 K4U M . -18.03 11.41 -6.96
C21 K4U M . -17.53 12.12 -8.06
C22 K4U M . -18.06 11.90 -9.35
N23 K4U M . -17.64 12.54 -10.46
C24 K4U M . -16.64 13.40 -10.25
N25 K4U M . -16.03 13.68 -9.10
C26 K4U M . -16.47 13.04 -7.98
C27 K4U M . -17.28 12.02 -1.41
C28 K4U M . -17.71 10.98 -0.41
C29 K4U M . -16.27 11.08 -0.79
C30 K4U M . -18.91 9.43 -5.14
O31 K4U M . -19.02 9.08 -6.35
ZN ZN N . -13.77 -29.73 31.67
MG MG O . -15.48 -32.58 29.95
C1 K4U P . -0.84 -35.53 25.40
S2 K4U P . -1.25 -34.59 26.68
C3 K4U P . -2.85 -34.44 26.09
N4 K4U P . -3.05 -35.09 24.94
C5 K4U P . -1.88 -35.76 24.55
C6 K4U P . -1.74 -36.56 23.27
N7 K4U P . -1.55 -35.77 22.04
C8 K4U P . -2.65 -34.80 21.91
C9 K4U P . -2.35 -33.95 20.73
C10 K4U P . -2.21 -34.66 19.44
C11 K4U P . -1.07 -35.56 19.49
C12 K4U P . -1.13 -36.40 20.76
N13 K4U P . -3.82 -33.68 26.76
N14 K4U P . -5.66 -30.34 29.68
C15 K4U P . -6.78 -30.76 29.07
C16 K4U P . -6.90 -31.84 28.11
N17 K4U P . -5.81 -32.53 27.74
C18 K4U P . -4.69 -32.17 28.36
C19 K4U P . -4.56 -31.06 29.32
N20 K4U P . -3.33 -30.80 29.85
C21 K4U P . -3.04 -29.89 30.85
C22 K4U P . -1.67 -29.49 31.11
N23 K4U P . -1.29 -28.63 32.07
C24 K4U P . -2.32 -28.10 32.77
N25 K4U P . -3.65 -28.40 32.63
C26 K4U P . -4.02 -29.30 31.69
C27 K4U P . -8.22 -32.19 27.52
C28 K4U P . -8.54 -33.43 26.72
C29 K4U P . -8.96 -33.34 28.15
C30 K4U P . -3.52 -32.93 27.87
O31 K4U P . -2.36 -32.77 28.28
#